data_2EBK
#
_entry.id   2EBK
#
_entity_poly.entity_id   1
_entity_poly.type   'polypeptide(L)'
_entity_poly.pdbx_seq_one_letter_code
;GSSGSSGMAEPVQEELSVLAAIFCRPHEWEVLSRSETDGTVFRIHTKAEGFMDADIPLELVFHLPVNYPSCLPGISINSE
QLTRAQCVTVKEKLLEQAESLLSEPMVHELVLWIQQNLRHILSQPETG
;
_entity_poly.pdbx_strand_id   A
#
# COMPACT_ATOMS: atom_id res chain seq x y z
N GLY A 1 -17.50 -8.49 22.26
CA GLY A 1 -16.96 -9.43 21.30
C GLY A 1 -17.70 -9.40 19.98
N SER A 2 -17.66 -10.51 19.25
CA SER A 2 -18.34 -10.61 17.97
C SER A 2 -19.18 -11.88 17.89
N SER A 3 -20.13 -11.89 16.97
CA SER A 3 -21.01 -13.05 16.80
C SER A 3 -20.31 -14.17 16.04
N GLY A 4 -20.27 -15.35 16.63
CA GLY A 4 -19.62 -16.48 16.00
C GLY A 4 -18.11 -16.37 16.02
N SER A 5 -17.45 -17.09 15.12
CA SER A 5 -16.00 -17.06 15.03
C SER A 5 -15.53 -16.96 13.58
N SER A 6 -14.95 -15.82 13.24
CA SER A 6 -14.47 -15.58 11.88
C SER A 6 -12.95 -15.49 11.85
N GLY A 7 -12.32 -16.47 11.20
CA GLY A 7 -10.87 -16.47 11.12
C GLY A 7 -10.37 -16.56 9.69
N MET A 8 -10.73 -15.58 8.87
CA MET A 8 -10.31 -15.56 7.48
C MET A 8 -8.86 -15.98 7.33
N ALA A 9 -8.00 -15.41 8.16
CA ALA A 9 -6.58 -15.74 8.12
C ALA A 9 -5.85 -15.20 9.35
N GLU A 10 -4.82 -15.91 9.79
CA GLU A 10 -4.05 -15.50 10.95
C GLU A 10 -3.20 -14.27 10.64
N PRO A 11 -2.29 -14.40 9.65
CA PRO A 11 -1.41 -13.32 9.24
C PRO A 11 -2.16 -12.20 8.53
N VAL A 12 -3.02 -12.56 7.59
CA VAL A 12 -3.81 -11.59 6.83
C VAL A 12 -4.62 -10.71 7.76
N GLN A 13 -5.14 -11.30 8.83
CA GLN A 13 -5.95 -10.57 9.81
C GLN A 13 -5.07 -9.62 10.62
N GLU A 14 -4.08 -10.18 11.29
CA GLU A 14 -3.17 -9.38 12.11
C GLU A 14 -2.54 -8.26 11.30
N GLU A 15 -2.14 -8.58 10.07
CA GLU A 15 -1.53 -7.59 9.19
C GLU A 15 -2.50 -6.44 8.89
N LEU A 16 -3.79 -6.76 8.89
CA LEU A 16 -4.81 -5.76 8.61
C LEU A 16 -5.07 -4.90 9.84
N SER A 17 -5.32 -5.55 10.97
CA SER A 17 -5.59 -4.85 12.21
C SER A 17 -4.38 -4.04 12.66
N VAL A 18 -3.24 -4.70 12.76
CA VAL A 18 -2.00 -4.06 13.17
C VAL A 18 -1.80 -2.73 12.43
N LEU A 19 -2.34 -2.66 11.22
CA LEU A 19 -2.23 -1.45 10.40
C LEU A 19 -3.17 -0.36 10.91
N ALA A 20 -4.36 -0.77 11.35
CA ALA A 20 -5.35 0.17 11.86
C ALA A 20 -4.80 0.95 13.06
N ALA A 21 -3.68 0.49 13.59
CA ALA A 21 -3.04 1.14 14.73
C ALA A 21 -2.16 2.31 14.29
N ILE A 22 -1.31 2.05 13.29
CA ILE A 22 -0.42 3.08 12.77
C ILE A 22 -1.20 4.32 12.34
N PHE A 23 -2.26 4.11 11.58
CA PHE A 23 -3.08 5.21 11.10
C PHE A 23 -4.15 5.58 12.13
N CYS A 24 -4.84 4.58 12.64
CA CYS A 24 -5.88 4.79 13.64
C CYS A 24 -6.75 5.99 13.27
N ARG A 25 -6.85 6.26 11.97
CA ARG A 25 -7.65 7.37 11.48
C ARG A 25 -8.69 6.90 10.47
N PRO A 26 -9.93 7.38 10.64
CA PRO A 26 -11.04 7.02 9.74
C PRO A 26 -10.89 7.62 8.36
N HIS A 27 -10.08 8.67 8.25
CA HIS A 27 -9.84 9.34 6.98
C HIS A 27 -8.60 8.78 6.30
N GLU A 28 -7.61 8.42 7.09
CA GLU A 28 -6.36 7.87 6.56
C GLU A 28 -6.52 6.38 6.24
N TRP A 29 -7.29 5.68 7.05
CA TRP A 29 -7.52 4.26 6.87
C TRP A 29 -8.95 3.99 6.39
N GLU A 30 -9.08 3.57 5.14
CA GLU A 30 -10.39 3.29 4.56
C GLU A 30 -10.35 2.01 3.72
N VAL A 31 -11.28 1.11 3.98
CA VAL A 31 -11.36 -0.15 3.26
C VAL A 31 -12.64 -0.24 2.43
N LEU A 32 -12.50 -0.09 1.12
CA LEU A 32 -13.64 -0.14 0.21
C LEU A 32 -14.51 -1.37 0.51
N SER A 33 -13.96 -2.54 0.27
CA SER A 33 -14.68 -3.79 0.50
C SER A 33 -13.73 -4.90 0.93
N ARG A 34 -14.06 -5.57 2.03
CA ARG A 34 -13.23 -6.65 2.54
C ARG A 34 -14.06 -7.91 2.76
N SER A 35 -13.55 -9.04 2.26
CA SER A 35 -14.25 -10.31 2.40
C SER A 35 -13.38 -11.33 3.11
N GLU A 36 -13.99 -12.44 3.53
CA GLU A 36 -13.27 -13.50 4.24
C GLU A 36 -12.30 -14.21 3.30
N THR A 37 -12.85 -14.90 2.30
CA THR A 37 -12.04 -15.62 1.34
C THR A 37 -12.05 -14.95 -0.02
N ASP A 38 -13.21 -14.38 -0.37
CA ASP A 38 -13.36 -13.69 -1.65
C ASP A 38 -12.22 -12.69 -1.88
N GLY A 39 -11.56 -12.31 -0.78
CA GLY A 39 -10.47 -11.36 -0.88
C GLY A 39 -10.69 -10.14 0.01
N THR A 40 -9.72 -9.23 -0.01
CA THR A 40 -9.80 -8.01 0.79
C THR A 40 -9.19 -6.82 0.07
N VAL A 41 -10.02 -5.84 -0.25
CA VAL A 41 -9.56 -4.65 -0.95
C VAL A 41 -9.80 -3.40 -0.12
N PHE A 42 -8.76 -2.60 0.06
CA PHE A 42 -8.87 -1.36 0.84
C PHE A 42 -7.96 -0.28 0.25
N ARG A 43 -8.41 0.97 0.33
CA ARG A 43 -7.65 2.10 -0.19
C ARG A 43 -7.38 3.12 0.92
N ILE A 44 -6.11 3.27 1.27
CA ILE A 44 -5.72 4.22 2.32
C ILE A 44 -4.84 5.32 1.75
N HIS A 45 -5.10 6.55 2.17
CA HIS A 45 -4.33 7.70 1.70
C HIS A 45 -3.16 7.98 2.63
N THR A 46 -1.99 8.21 2.05
CA THR A 46 -0.79 8.49 2.82
C THR A 46 -0.07 9.73 2.30
N LYS A 47 0.74 10.34 3.16
CA LYS A 47 1.49 11.54 2.80
C LYS A 47 2.94 11.45 3.26
N ALA A 48 3.86 11.79 2.37
CA ALA A 48 5.28 11.75 2.70
C ALA A 48 5.80 13.14 3.08
N GLU A 49 7.11 13.23 3.31
CA GLU A 49 7.72 14.49 3.68
C GLU A 49 8.05 15.33 2.44
N GLY A 50 7.35 15.05 1.34
CA GLY A 50 7.58 15.77 0.11
C GLY A 50 9.05 16.04 -0.14
N PHE A 51 9.34 17.09 -0.91
CA PHE A 51 10.71 17.44 -1.24
C PHE A 51 11.15 18.68 -0.47
N MET A 52 10.18 19.51 -0.10
CA MET A 52 10.46 20.73 0.64
C MET A 52 9.56 20.85 1.86
N ASP A 53 9.83 20.02 2.87
CA ASP A 53 9.04 20.03 4.10
C ASP A 53 7.55 20.09 3.79
N ALA A 54 7.18 19.58 2.63
CA ALA A 54 5.77 19.58 2.21
C ALA A 54 5.21 18.17 2.19
N ASP A 55 3.89 18.06 2.29
CA ASP A 55 3.23 16.76 2.27
C ASP A 55 2.55 16.50 0.93
N ILE A 56 2.95 15.43 0.26
CA ILE A 56 2.39 15.07 -1.03
C ILE A 56 1.36 13.96 -0.89
N PRO A 57 0.17 14.17 -1.48
CA PRO A 57 -0.92 13.19 -1.44
C PRO A 57 -0.63 11.96 -2.28
N LEU A 58 -0.54 10.80 -1.63
CA LEU A 58 -0.27 9.55 -2.31
C LEU A 58 -1.43 8.58 -2.17
N GLU A 59 -1.68 7.80 -3.22
CA GLU A 59 -2.77 6.83 -3.21
C GLU A 59 -2.23 5.41 -3.31
N LEU A 60 -2.28 4.68 -2.20
CA LEU A 60 -1.80 3.30 -2.16
C LEU A 60 -2.95 2.33 -1.94
N VAL A 61 -3.31 1.59 -2.99
CA VAL A 61 -4.39 0.62 -2.91
C VAL A 61 -3.85 -0.80 -2.91
N PHE A 62 -3.80 -1.42 -1.73
CA PHE A 62 -3.31 -2.78 -1.59
C PHE A 62 -4.46 -3.78 -1.61
N HIS A 63 -4.31 -4.83 -2.40
CA HIS A 63 -5.34 -5.87 -2.51
C HIS A 63 -4.78 -7.23 -2.11
N LEU A 64 -5.50 -7.92 -1.23
CA LEU A 64 -5.08 -9.24 -0.77
C LEU A 64 -5.93 -10.34 -1.39
N PRO A 65 -5.42 -10.93 -2.48
CA PRO A 65 -6.12 -12.00 -3.20
C PRO A 65 -6.17 -13.30 -2.39
N VAL A 66 -6.72 -14.34 -3.00
CA VAL A 66 -6.82 -15.64 -2.33
C VAL A 66 -5.50 -16.40 -2.39
N ASN A 67 -4.68 -16.08 -3.39
CA ASN A 67 -3.39 -16.73 -3.56
C ASN A 67 -2.34 -16.11 -2.63
N TYR A 68 -2.43 -14.79 -2.44
CA TYR A 68 -1.50 -14.08 -1.59
C TYR A 68 -1.27 -14.84 -0.29
N PRO A 69 -0.04 -14.73 0.25
CA PRO A 69 1.02 -13.94 -0.37
C PRO A 69 1.54 -14.57 -1.67
N SER A 70 1.18 -15.83 -1.89
CA SER A 70 1.61 -16.54 -3.08
C SER A 70 1.66 -15.60 -4.28
N CYS A 71 0.64 -14.77 -4.43
CA CYS A 71 0.56 -13.83 -5.53
C CYS A 71 0.86 -12.41 -5.05
N LEU A 72 1.31 -11.56 -5.97
CA LEU A 72 1.63 -10.18 -5.63
C LEU A 72 0.36 -9.34 -5.49
N PRO A 73 0.35 -8.43 -4.51
CA PRO A 73 -0.79 -7.55 -4.26
C PRO A 73 -0.98 -6.51 -5.35
N GLY A 74 -2.23 -6.14 -5.61
CA GLY A 74 -2.52 -5.16 -6.63
C GLY A 74 -2.34 -3.74 -6.14
N ILE A 75 -1.21 -3.13 -6.50
CA ILE A 75 -0.91 -1.77 -6.09
C ILE A 75 -1.27 -0.77 -7.18
N SER A 76 -1.80 0.38 -6.78
CA SER A 76 -2.19 1.42 -7.73
C SER A 76 -1.78 2.79 -7.23
N ILE A 77 -0.79 3.38 -7.89
CA ILE A 77 -0.29 4.70 -7.51
C ILE A 77 -0.97 5.79 -8.33
N ASN A 78 -1.44 6.83 -7.65
CA ASN A 78 -2.12 7.94 -8.31
C ASN A 78 -2.00 9.22 -7.48
N SER A 79 -1.40 10.25 -8.06
CA SER A 79 -1.22 11.52 -7.36
C SER A 79 -1.77 12.66 -8.20
N GLU A 80 -2.54 13.54 -7.56
CA GLU A 80 -3.13 14.69 -8.25
C GLU A 80 -2.05 15.67 -8.69
N GLN A 81 -0.88 15.59 -8.05
CA GLN A 81 0.22 16.47 -8.39
C GLN A 81 1.11 15.86 -9.47
N LEU A 82 1.68 14.70 -9.18
CA LEU A 82 2.54 14.00 -10.13
C LEU A 82 1.82 13.80 -11.46
N THR A 83 2.61 13.49 -12.50
CA THR A 83 2.05 13.26 -13.83
C THR A 83 1.64 11.81 -14.02
N ARG A 84 1.15 11.49 -15.21
CA ARG A 84 0.73 10.13 -15.53
C ARG A 84 1.92 9.18 -15.60
N ALA A 85 3.07 9.72 -16.00
CA ALA A 85 4.29 8.93 -16.11
C ALA A 85 4.92 8.68 -14.75
N GLN A 86 5.05 9.74 -13.95
CA GLN A 86 5.64 9.62 -12.63
C GLN A 86 4.93 8.55 -11.81
N CYS A 87 3.61 8.66 -11.71
CA CYS A 87 2.81 7.71 -10.95
C CYS A 87 3.12 6.28 -11.40
N VAL A 88 3.24 6.08 -12.70
CA VAL A 88 3.54 4.76 -13.25
C VAL A 88 4.91 4.27 -12.80
N THR A 89 5.87 5.19 -12.72
CA THR A 89 7.22 4.85 -12.29
C THR A 89 7.24 4.40 -10.84
N VAL A 90 6.55 5.13 -9.97
CA VAL A 90 6.49 4.80 -8.56
C VAL A 90 6.01 3.37 -8.35
N LYS A 91 4.92 3.01 -9.03
CA LYS A 91 4.36 1.67 -8.91
C LYS A 91 5.37 0.62 -9.35
N GLU A 92 5.84 0.71 -10.59
CA GLU A 92 6.81 -0.23 -11.12
C GLU A 92 7.80 -0.66 -10.04
N LYS A 93 8.30 0.31 -9.29
CA LYS A 93 9.26 0.04 -8.23
C LYS A 93 8.62 -0.79 -7.12
N LEU A 94 7.53 -0.27 -6.55
CA LEU A 94 6.83 -0.98 -5.48
C LEU A 94 6.64 -2.44 -5.82
N LEU A 95 6.08 -2.71 -7.00
CA LEU A 95 5.85 -4.07 -7.45
C LEU A 95 7.14 -4.88 -7.45
N GLU A 96 8.15 -4.36 -8.13
CA GLU A 96 9.45 -5.03 -8.20
C GLU A 96 9.94 -5.43 -6.82
N GLN A 97 9.81 -4.50 -5.87
CA GLN A 97 10.24 -4.75 -4.49
C GLN A 97 9.37 -5.82 -3.84
N ALA A 98 8.06 -5.70 -4.00
CA ALA A 98 7.13 -6.66 -3.42
C ALA A 98 7.62 -8.09 -3.65
N GLU A 99 8.04 -8.39 -4.87
CA GLU A 99 8.52 -9.72 -5.21
C GLU A 99 9.43 -10.26 -4.12
N SER A 100 10.50 -9.52 -3.82
CA SER A 100 11.46 -9.93 -2.80
C SER A 100 10.78 -10.00 -1.42
N LEU A 101 9.70 -9.25 -1.27
CA LEU A 101 8.96 -9.23 -0.01
C LEU A 101 7.79 -10.20 -0.05
N LEU A 102 7.93 -11.24 -0.85
CA LEU A 102 6.88 -12.25 -0.97
C LEU A 102 6.68 -13.01 0.34
N SER A 103 5.60 -13.77 0.43
CA SER A 103 5.31 -14.54 1.63
C SER A 103 5.50 -13.69 2.89
N GLU A 104 5.35 -12.38 2.74
CA GLU A 104 5.51 -11.46 3.85
C GLU A 104 4.66 -10.21 3.65
N PRO A 105 4.33 -9.53 4.76
CA PRO A 105 3.52 -8.30 4.75
C PRO A 105 4.26 -7.13 4.12
N MET A 106 4.02 -6.90 2.83
CA MET A 106 4.66 -5.80 2.12
C MET A 106 3.74 -4.59 2.04
N VAL A 107 2.56 -4.70 2.65
CA VAL A 107 1.58 -3.62 2.64
C VAL A 107 1.97 -2.54 3.64
N HIS A 108 2.63 -2.94 4.71
CA HIS A 108 3.07 -2.00 5.75
C HIS A 108 4.42 -1.40 5.41
N GLU A 109 5.35 -2.25 4.95
CA GLU A 109 6.69 -1.79 4.60
C GLU A 109 6.65 -0.87 3.39
N LEU A 110 6.18 -1.41 2.26
CA LEU A 110 6.09 -0.63 1.03
C LEU A 110 5.73 0.81 1.32
N VAL A 111 4.86 1.03 2.30
CA VAL A 111 4.45 2.37 2.68
C VAL A 111 5.61 3.16 3.27
N LEU A 112 6.08 2.74 4.44
CA LEU A 112 7.19 3.41 5.10
C LEU A 112 8.42 3.46 4.19
N TRP A 113 8.38 2.68 3.11
CA TRP A 113 9.48 2.64 2.16
C TRP A 113 9.41 3.81 1.19
N ILE A 114 8.26 3.95 0.52
CA ILE A 114 8.06 5.03 -0.44
C ILE A 114 8.00 6.38 0.26
N GLN A 115 7.50 6.39 1.49
CA GLN A 115 7.38 7.62 2.26
C GLN A 115 8.75 8.26 2.47
N GLN A 116 9.79 7.44 2.45
CA GLN A 116 11.16 7.93 2.64
C GLN A 116 11.90 7.96 1.32
N ASN A 117 11.82 6.87 0.56
CA ASN A 117 12.49 6.78 -0.73
C ASN A 117 11.64 7.40 -1.84
N LEU A 118 10.94 8.46 -1.50
CA LEU A 118 10.08 9.16 -2.45
C LEU A 118 10.91 9.97 -3.44
N ARG A 119 11.62 10.97 -2.91
CA ARG A 119 12.45 11.83 -3.75
C ARG A 119 13.51 11.01 -4.49
N HIS A 120 13.85 9.85 -3.94
CA HIS A 120 14.84 8.98 -4.55
C HIS A 120 14.29 8.33 -5.81
N ILE A 121 13.15 7.67 -5.69
CA ILE A 121 12.52 7.00 -6.82
C ILE A 121 12.20 7.99 -7.93
N LEU A 122 11.66 9.15 -7.54
CA LEU A 122 11.30 10.19 -8.49
C LEU A 122 12.52 10.64 -9.30
N SER A 123 13.70 10.54 -8.67
CA SER A 123 14.94 10.94 -9.33
C SER A 123 15.51 9.78 -10.14
N GLN A 124 14.76 9.34 -11.15
CA GLN A 124 15.19 8.24 -12.00
C GLN A 124 15.08 8.62 -13.47
N PRO A 125 16.08 9.36 -13.97
CA PRO A 125 16.12 9.80 -15.37
C PRO A 125 16.36 8.65 -16.34
N GLU A 126 15.35 8.34 -17.14
CA GLU A 126 15.45 7.26 -18.11
C GLU A 126 15.99 7.77 -19.45
N THR A 127 16.61 6.87 -20.21
CA THR A 127 17.17 7.23 -21.51
C THR A 127 16.13 7.09 -22.61
N GLY A 128 15.51 8.21 -23.00
CA GLY A 128 14.51 8.18 -24.04
C GLY A 128 13.40 9.19 -23.80
N GLY A 1 -24.30 -12.73 17.08
CA GLY A 1 -23.99 -12.02 15.85
C GLY A 1 -23.75 -10.53 16.09
N SER A 2 -22.49 -10.19 16.37
CA SER A 2 -22.13 -8.80 16.62
C SER A 2 -21.22 -8.26 15.52
N SER A 3 -20.99 -6.96 15.53
CA SER A 3 -20.14 -6.32 14.52
C SER A 3 -18.87 -7.13 14.29
N GLY A 4 -18.67 -7.56 13.05
CA GLY A 4 -17.50 -8.34 12.71
C GLY A 4 -17.85 -9.73 12.24
N SER A 5 -16.83 -10.57 12.11
CA SER A 5 -17.02 -11.95 11.66
C SER A 5 -16.67 -12.94 12.76
N SER A 6 -17.10 -14.19 12.60
CA SER A 6 -16.82 -15.23 13.57
C SER A 6 -15.48 -15.89 13.30
N GLY A 7 -15.25 -16.25 12.03
CA GLY A 7 -14.01 -16.89 11.66
C GLY A 7 -13.30 -16.16 10.53
N MET A 8 -12.68 -15.03 10.87
CA MET A 8 -11.97 -14.23 9.88
C MET A 8 -10.52 -14.73 9.73
N ALA A 9 -9.91 -14.41 8.59
CA ALA A 9 -8.55 -14.81 8.32
C ALA A 9 -7.63 -14.50 9.50
N GLU A 10 -6.63 -15.34 9.71
CA GLU A 10 -5.69 -15.15 10.81
C GLU A 10 -4.64 -14.11 10.44
N PRO A 11 -3.78 -14.45 9.47
CA PRO A 11 -2.72 -13.55 9.00
C PRO A 11 -3.26 -12.34 8.26
N VAL A 12 -4.11 -12.59 7.28
CA VAL A 12 -4.70 -11.51 6.49
C VAL A 12 -5.35 -10.47 7.38
N GLN A 13 -6.06 -10.93 8.41
CA GLN A 13 -6.73 -10.03 9.35
C GLN A 13 -5.71 -9.20 10.12
N GLU A 14 -4.74 -9.88 10.73
CA GLU A 14 -3.72 -9.21 11.51
C GLU A 14 -3.08 -8.08 10.71
N GLU A 15 -2.69 -8.37 9.48
CA GLU A 15 -2.06 -7.38 8.62
C GLU A 15 -2.93 -6.12 8.52
N LEU A 16 -4.23 -6.32 8.38
CA LEU A 16 -5.17 -5.21 8.27
C LEU A 16 -5.28 -4.47 9.60
N SER A 17 -5.71 -5.18 10.64
CA SER A 17 -5.87 -4.60 11.97
C SER A 17 -4.61 -3.85 12.38
N VAL A 18 -3.48 -4.58 12.41
CA VAL A 18 -2.22 -3.98 12.79
C VAL A 18 -2.07 -2.57 12.23
N LEU A 19 -2.20 -2.44 10.92
CA LEU A 19 -2.09 -1.14 10.26
C LEU A 19 -3.06 -0.13 10.87
N ALA A 20 -4.24 -0.62 11.25
CA ALA A 20 -5.25 0.23 11.86
C ALA A 20 -4.71 0.93 13.10
N ALA A 21 -3.57 0.47 13.59
CA ALA A 21 -2.95 1.04 14.78
C ALA A 21 -2.03 2.20 14.41
N ILE A 22 -1.17 1.97 13.41
CA ILE A 22 -0.23 3.00 12.97
C ILE A 22 -0.97 4.27 12.57
N PHE A 23 -2.04 4.12 11.80
CA PHE A 23 -2.83 5.26 11.36
C PHE A 23 -3.86 5.65 12.41
N CYS A 24 -4.51 4.65 12.99
CA CYS A 24 -5.53 4.88 14.01
C CYS A 24 -6.30 6.16 13.72
N ARG A 25 -6.59 6.40 12.45
CA ARG A 25 -7.32 7.60 12.04
C ARG A 25 -8.38 7.27 11.00
N PRO A 26 -9.57 7.87 11.15
CA PRO A 26 -10.69 7.64 10.23
C PRO A 26 -10.45 8.26 8.86
N HIS A 27 -9.40 9.07 8.76
CA HIS A 27 -9.07 9.72 7.49
C HIS A 27 -7.84 9.06 6.85
N GLU A 28 -7.05 8.37 7.68
CA GLU A 28 -5.85 7.70 7.20
C GLU A 28 -6.08 6.20 7.08
N TRP A 29 -7.34 5.78 7.20
CA TRP A 29 -7.69 4.38 7.11
C TRP A 29 -9.11 4.20 6.56
N GLU A 30 -9.22 3.54 5.42
CA GLU A 30 -10.52 3.30 4.80
C GLU A 30 -10.56 1.92 4.13
N VAL A 31 -11.41 1.04 4.67
CA VAL A 31 -11.55 -0.30 4.13
C VAL A 31 -12.70 -0.37 3.13
N LEU A 32 -12.35 -0.56 1.85
CA LEU A 32 -13.34 -0.64 0.79
C LEU A 32 -14.23 -1.86 0.97
N SER A 33 -13.62 -3.04 1.01
CA SER A 33 -14.36 -4.28 1.18
C SER A 33 -13.48 -5.36 1.83
N ARG A 34 -14.12 -6.35 2.44
CA ARG A 34 -13.40 -7.43 3.09
C ARG A 34 -14.11 -8.77 2.88
N SER A 35 -13.46 -9.68 2.17
CA SER A 35 -14.03 -11.00 1.90
C SER A 35 -13.24 -12.09 2.61
N GLU A 36 -13.86 -13.26 2.74
CA GLU A 36 -13.21 -14.39 3.40
C GLU A 36 -11.95 -14.80 2.65
N THR A 37 -12.11 -15.20 1.39
CA THR A 37 -10.99 -15.62 0.56
C THR A 37 -10.95 -14.85 -0.75
N ASP A 38 -12.13 -14.53 -1.28
CA ASP A 38 -12.22 -13.78 -2.52
C ASP A 38 -11.09 -12.78 -2.65
N GLY A 39 -10.70 -12.19 -1.52
CA GLY A 39 -9.63 -11.21 -1.51
C GLY A 39 -10.00 -9.95 -0.76
N THR A 40 -9.01 -9.32 -0.14
CA THR A 40 -9.23 -8.09 0.62
C THR A 40 -8.87 -6.86 -0.19
N VAL A 41 -9.73 -5.85 -0.13
CA VAL A 41 -9.49 -4.61 -0.86
C VAL A 41 -9.67 -3.40 0.04
N PHE A 42 -8.57 -2.66 0.26
CA PHE A 42 -8.60 -1.48 1.11
C PHE A 42 -7.74 -0.37 0.51
N ARG A 43 -8.17 0.87 0.71
CA ARG A 43 -7.44 2.03 0.20
C ARG A 43 -7.24 3.07 1.28
N ILE A 44 -6.01 3.23 1.73
CA ILE A 44 -5.68 4.21 2.76
C ILE A 44 -4.80 5.33 2.22
N HIS A 45 -4.99 6.54 2.72
CA HIS A 45 -4.21 7.68 2.30
C HIS A 45 -3.00 7.89 3.20
N THR A 46 -1.88 8.28 2.59
CA THR A 46 -0.65 8.51 3.34
C THR A 46 0.04 9.78 2.88
N LYS A 47 0.78 10.41 3.80
CA LYS A 47 1.49 11.65 3.49
C LYS A 47 2.99 11.47 3.66
N ALA A 48 3.75 11.82 2.62
CA ALA A 48 5.21 11.69 2.66
C ALA A 48 5.86 13.03 2.98
N GLU A 49 7.17 13.00 3.18
CA GLU A 49 7.92 14.22 3.48
C GLU A 49 7.85 15.21 2.33
N GLY A 50 7.33 14.75 1.19
CA GLY A 50 7.21 15.60 0.03
C GLY A 50 8.57 16.01 -0.53
N PHE A 51 8.55 16.74 -1.64
CA PHE A 51 9.78 17.18 -2.28
C PHE A 51 10.21 18.54 -1.73
N MET A 52 9.27 19.48 -1.68
CA MET A 52 9.55 20.82 -1.18
C MET A 52 9.17 20.94 0.29
N ASP A 53 9.37 19.85 1.03
CA ASP A 53 9.06 19.85 2.46
C ASP A 53 7.58 20.13 2.70
N ALA A 54 6.72 19.41 2.00
CA ALA A 54 5.28 19.58 2.13
C ALA A 54 4.54 18.26 1.93
N ASP A 55 3.77 17.87 2.93
CA ASP A 55 3.01 16.62 2.86
C ASP A 55 2.30 16.49 1.52
N ILE A 56 2.67 15.47 0.76
CA ILE A 56 2.06 15.24 -0.54
C ILE A 56 0.99 14.16 -0.47
N PRO A 57 -0.16 14.42 -1.12
CA PRO A 57 -1.29 13.49 -1.14
C PRO A 57 -1.00 12.24 -1.96
N LEU A 58 -0.79 11.12 -1.26
CA LEU A 58 -0.50 9.86 -1.94
C LEU A 58 -1.59 8.84 -1.67
N GLU A 59 -1.99 8.11 -2.71
CA GLU A 59 -3.03 7.10 -2.58
C GLU A 59 -2.47 5.71 -2.87
N LEU A 60 -2.51 4.85 -1.84
CA LEU A 60 -2.01 3.48 -1.98
C LEU A 60 -3.15 2.47 -1.81
N VAL A 61 -3.31 1.61 -2.82
CA VAL A 61 -4.35 0.60 -2.79
C VAL A 61 -3.75 -0.81 -2.82
N PHE A 62 -3.82 -1.49 -1.69
CA PHE A 62 -3.28 -2.84 -1.59
C PHE A 62 -4.40 -3.88 -1.66
N HIS A 63 -4.24 -4.86 -2.54
CA HIS A 63 -5.23 -5.92 -2.72
C HIS A 63 -4.61 -7.29 -2.48
N LEU A 64 -5.30 -8.12 -1.71
CA LEU A 64 -4.81 -9.46 -1.41
C LEU A 64 -5.62 -10.52 -2.17
N PRO A 65 -5.02 -11.05 -3.25
CA PRO A 65 -5.68 -12.07 -4.07
C PRO A 65 -5.79 -13.41 -3.35
N VAL A 66 -6.29 -14.42 -4.06
CA VAL A 66 -6.46 -15.75 -3.49
C VAL A 66 -5.17 -16.56 -3.60
N ASN A 67 -4.07 -15.87 -3.90
CA ASN A 67 -2.77 -16.52 -4.03
C ASN A 67 -1.76 -15.92 -3.06
N TYR A 68 -1.93 -14.64 -2.75
CA TYR A 68 -1.02 -13.96 -1.83
C TYR A 68 -0.84 -14.75 -0.55
N PRO A 69 0.34 -14.60 0.07
CA PRO A 69 1.41 -13.75 -0.45
C PRO A 69 2.03 -14.29 -1.72
N SER A 70 1.79 -15.57 -2.00
CA SER A 70 2.33 -16.22 -3.19
C SER A 70 2.38 -15.24 -4.36
N CYS A 71 1.28 -14.52 -4.56
CA CYS A 71 1.19 -13.55 -5.65
C CYS A 71 1.44 -12.14 -5.15
N LEU A 72 1.63 -11.21 -6.07
CA LEU A 72 1.88 -9.82 -5.71
C LEU A 72 0.57 -9.07 -5.48
N PRO A 73 0.57 -8.16 -4.49
CA PRO A 73 -0.60 -7.37 -4.14
C PRO A 73 -0.95 -6.34 -5.22
N GLY A 74 -2.24 -6.06 -5.37
CA GLY A 74 -2.67 -5.09 -6.36
C GLY A 74 -2.26 -3.68 -6.02
N ILE A 75 -0.97 -3.39 -6.17
CA ILE A 75 -0.44 -2.06 -5.88
C ILE A 75 -0.86 -1.06 -6.94
N SER A 76 -1.37 0.09 -6.49
CA SER A 76 -1.82 1.14 -7.41
C SER A 76 -1.40 2.52 -6.88
N ILE A 77 -0.51 3.18 -7.63
CA ILE A 77 -0.03 4.50 -7.24
C ILE A 77 -0.74 5.59 -8.04
N ASN A 78 -1.37 6.52 -7.32
CA ASN A 78 -2.09 7.62 -7.96
C ASN A 78 -2.16 8.82 -7.03
N SER A 79 -1.61 9.95 -7.49
CA SER A 79 -1.62 11.17 -6.70
C SER A 79 -2.21 12.33 -7.49
N GLU A 80 -2.74 13.33 -6.77
CA GLU A 80 -3.34 14.49 -7.42
C GLU A 80 -2.28 15.35 -8.11
N GLN A 81 -1.04 15.23 -7.64
CA GLN A 81 0.07 15.99 -8.20
C GLN A 81 0.79 15.19 -9.27
N LEU A 82 1.26 13.99 -8.89
CA LEU A 82 1.97 13.13 -9.82
C LEU A 82 1.28 13.09 -11.18
N THR A 83 2.04 12.76 -12.22
CA THR A 83 1.50 12.69 -13.57
C THR A 83 1.21 11.25 -13.97
N ARG A 84 0.76 11.06 -15.20
CA ARG A 84 0.43 9.74 -15.71
C ARG A 84 1.68 8.88 -15.83
N ALA A 85 2.81 9.53 -16.13
CA ALA A 85 4.07 8.82 -16.27
C ALA A 85 4.70 8.52 -14.92
N GLN A 86 4.81 9.55 -14.08
CA GLN A 86 5.39 9.40 -12.75
C GLN A 86 4.63 8.35 -11.94
N CYS A 87 3.31 8.48 -11.91
CA CYS A 87 2.47 7.54 -11.18
C CYS A 87 2.75 6.11 -11.61
N VAL A 88 3.07 5.93 -12.88
CA VAL A 88 3.36 4.60 -13.42
C VAL A 88 4.71 4.10 -12.94
N THR A 89 5.73 4.97 -13.00
CA THR A 89 7.07 4.61 -12.57
C THR A 89 7.08 4.17 -11.11
N VAL A 90 6.68 5.08 -10.23
CA VAL A 90 6.64 4.79 -8.80
C VAL A 90 6.18 3.36 -8.55
N LYS A 91 4.96 3.04 -8.97
CA LYS A 91 4.41 1.71 -8.78
C LYS A 91 5.41 0.64 -9.22
N GLU A 92 5.78 0.67 -10.49
CA GLU A 92 6.73 -0.29 -11.03
C GLU A 92 7.83 -0.59 -10.02
N LYS A 93 8.28 0.44 -9.31
CA LYS A 93 9.32 0.29 -8.30
C LYS A 93 8.86 -0.60 -7.16
N LEU A 94 7.79 -0.20 -6.49
CA LEU A 94 7.25 -0.95 -5.37
C LEU A 94 7.19 -2.44 -5.71
N LEU A 95 6.83 -2.75 -6.95
CA LEU A 95 6.73 -4.13 -7.41
C LEU A 95 8.07 -4.84 -7.28
N GLU A 96 9.06 -4.35 -8.02
CA GLU A 96 10.40 -4.94 -7.99
C GLU A 96 10.76 -5.39 -6.57
N GLN A 97 10.55 -4.51 -5.61
CA GLN A 97 10.85 -4.82 -4.21
C GLN A 97 9.87 -5.84 -3.65
N ALA A 98 8.63 -5.76 -4.10
CA ALA A 98 7.59 -6.68 -3.66
C ALA A 98 8.05 -8.13 -3.78
N GLU A 99 8.32 -8.56 -5.01
CA GLU A 99 8.76 -9.93 -5.26
C GLU A 99 9.69 -10.42 -4.14
N SER A 100 10.82 -9.76 -3.99
CA SER A 100 11.80 -10.12 -2.97
C SER A 100 11.14 -10.16 -1.59
N LEU A 101 10.21 -9.24 -1.35
CA LEU A 101 9.51 -9.17 -0.08
C LEU A 101 8.29 -10.08 -0.08
N LEU A 102 8.36 -11.17 -0.84
CA LEU A 102 7.26 -12.11 -0.94
C LEU A 102 7.15 -12.95 0.35
N SER A 103 5.99 -13.58 0.53
CA SER A 103 5.77 -14.40 1.71
C SER A 103 6.03 -13.62 2.99
N GLU A 104 5.58 -12.37 3.01
CA GLU A 104 5.78 -11.50 4.17
C GLU A 104 4.95 -10.23 4.05
N PRO A 105 4.56 -9.66 5.21
CA PRO A 105 3.76 -8.44 5.26
C PRO A 105 4.53 -7.21 4.80
N MET A 106 4.63 -7.03 3.48
CA MET A 106 5.34 -5.90 2.92
C MET A 106 4.46 -4.66 2.91
N VAL A 107 3.15 -4.85 2.91
CA VAL A 107 2.21 -3.75 2.90
C VAL A 107 2.71 -2.59 3.76
N HIS A 108 3.05 -2.88 5.00
CA HIS A 108 3.56 -1.86 5.91
C HIS A 108 4.91 -1.34 5.46
N GLU A 109 5.86 -2.25 5.26
CA GLU A 109 7.20 -1.88 4.82
C GLU A 109 7.14 -0.93 3.63
N LEU A 110 6.61 -1.43 2.51
CA LEU A 110 6.51 -0.63 1.30
C LEU A 110 6.07 0.80 1.62
N VAL A 111 4.99 0.92 2.39
CA VAL A 111 4.47 2.24 2.77
C VAL A 111 5.58 3.10 3.37
N LEU A 112 6.32 2.55 4.32
CA LEU A 112 7.41 3.27 4.97
C LEU A 112 8.59 3.44 4.02
N TRP A 113 8.60 2.64 2.95
CA TRP A 113 9.67 2.70 1.98
C TRP A 113 9.51 3.90 1.05
N ILE A 114 8.46 3.87 0.24
CA ILE A 114 8.19 4.96 -0.69
C ILE A 114 8.16 6.31 0.03
N GLN A 115 7.54 6.33 1.21
CA GLN A 115 7.45 7.55 2.00
C GLN A 115 8.82 8.19 2.18
N GLN A 116 9.87 7.37 2.07
CA GLN A 116 11.23 7.85 2.23
C GLN A 116 11.92 7.99 0.88
N ASN A 117 11.74 6.98 0.03
CA ASN A 117 12.35 7.00 -1.30
C ASN A 117 11.36 7.52 -2.35
N LEU A 118 10.54 8.49 -1.94
CA LEU A 118 9.56 9.07 -2.84
C LEU A 118 10.22 9.97 -3.87
N ARG A 119 11.18 10.77 -3.41
CA ARG A 119 11.90 11.68 -4.29
C ARG A 119 12.99 10.94 -5.06
N HIS A 120 13.68 10.04 -4.39
CA HIS A 120 14.75 9.26 -5.01
C HIS A 120 14.27 8.62 -6.30
N ILE A 121 13.02 8.15 -6.30
CA ILE A 121 12.43 7.51 -7.47
C ILE A 121 12.29 8.50 -8.62
N LEU A 122 11.79 9.70 -8.32
CA LEU A 122 11.60 10.73 -9.33
C LEU A 122 12.89 11.50 -9.56
N SER A 123 14.02 10.81 -9.47
CA SER A 123 15.32 11.45 -9.66
C SER A 123 15.33 12.28 -10.94
N GLN A 124 14.89 11.68 -12.04
CA GLN A 124 14.86 12.38 -13.32
C GLN A 124 13.62 11.97 -14.12
N PRO A 125 13.04 12.95 -14.84
CA PRO A 125 11.84 12.72 -15.66
C PRO A 125 12.13 11.86 -16.88
N GLU A 126 11.13 11.68 -17.73
CA GLU A 126 11.28 10.87 -18.94
C GLU A 126 11.13 11.74 -20.18
N THR A 127 12.26 12.24 -20.69
CA THR A 127 12.25 13.08 -21.88
C THR A 127 12.81 12.34 -23.09
N GLY A 128 12.00 12.22 -24.14
CA GLY A 128 12.45 11.53 -25.33
C GLY A 128 12.51 12.45 -26.54
N GLY A 1 -2.34 -19.07 16.07
CA GLY A 1 -3.77 -19.19 15.86
C GLY A 1 -4.52 -19.48 17.14
N SER A 2 -5.58 -18.72 17.40
CA SER A 2 -6.38 -18.91 18.60
C SER A 2 -7.66 -19.67 18.29
N SER A 3 -8.34 -20.12 19.34
CA SER A 3 -9.58 -20.87 19.18
C SER A 3 -10.74 -20.17 19.89
N GLY A 4 -11.35 -19.21 19.22
CA GLY A 4 -12.46 -18.48 19.80
C GLY A 4 -13.45 -17.98 18.77
N SER A 5 -13.04 -16.96 18.01
CA SER A 5 -13.89 -16.39 16.98
C SER A 5 -13.34 -16.68 15.59
N SER A 6 -14.23 -16.79 14.62
CA SER A 6 -13.84 -17.08 13.24
C SER A 6 -13.65 -15.79 12.45
N GLY A 7 -12.82 -15.87 11.41
CA GLY A 7 -12.57 -14.69 10.58
C GLY A 7 -12.38 -15.04 9.12
N MET A 8 -11.42 -14.39 8.47
CA MET A 8 -11.15 -14.64 7.07
C MET A 8 -9.86 -15.45 6.90
N ALA A 9 -8.74 -14.85 7.29
CA ALA A 9 -7.45 -15.52 7.18
C ALA A 9 -6.54 -15.14 8.35
N GLU A 10 -5.61 -16.03 8.67
CA GLU A 10 -4.67 -15.79 9.76
C GLU A 10 -3.67 -14.69 9.40
N PRO A 11 -2.91 -14.92 8.33
CA PRO A 11 -1.91 -13.96 7.86
C PRO A 11 -2.54 -12.71 7.25
N VAL A 12 -3.85 -12.76 7.05
CA VAL A 12 -4.57 -11.63 6.46
C VAL A 12 -5.12 -10.72 7.56
N GLN A 13 -5.80 -11.31 8.55
CA GLN A 13 -6.37 -10.56 9.65
C GLN A 13 -5.28 -9.78 10.40
N GLU A 14 -4.14 -10.42 10.60
CA GLU A 14 -3.03 -9.80 11.30
C GLU A 14 -2.51 -8.58 10.53
N GLU A 15 -2.31 -8.74 9.24
CA GLU A 15 -1.83 -7.65 8.39
C GLU A 15 -2.70 -6.41 8.56
N LEU A 16 -3.99 -6.58 8.43
CA LEU A 16 -4.93 -5.47 8.57
C LEU A 16 -4.83 -4.84 9.96
N SER A 17 -5.09 -5.65 10.99
CA SER A 17 -5.03 -5.17 12.37
C SER A 17 -3.79 -4.31 12.59
N VAL A 18 -2.62 -4.93 12.48
CA VAL A 18 -1.36 -4.22 12.67
C VAL A 18 -1.41 -2.84 12.05
N LEU A 19 -1.83 -2.77 10.79
CA LEU A 19 -1.93 -1.50 10.08
C LEU A 19 -2.82 -0.52 10.84
N ALA A 20 -4.05 -0.95 11.13
CA ALA A 20 -4.99 -0.10 11.85
C ALA A 20 -4.30 0.66 12.98
N ALA A 21 -3.32 0.01 13.60
CA ALA A 21 -2.58 0.63 14.69
C ALA A 21 -1.86 1.89 14.23
N ILE A 22 -1.19 1.80 13.09
CA ILE A 22 -0.47 2.93 12.53
C ILE A 22 -1.41 3.96 11.93
N PHE A 23 -2.37 3.48 11.13
CA PHE A 23 -3.34 4.36 10.50
C PHE A 23 -4.47 4.70 11.46
N CYS A 24 -4.39 4.17 12.68
CA CYS A 24 -5.40 4.42 13.69
C CYS A 24 -5.96 5.83 13.58
N ARG A 25 -5.09 6.77 13.18
CA ARG A 25 -5.49 8.17 13.03
C ARG A 25 -6.94 8.27 12.54
N PRO A 26 -7.62 9.36 12.93
CA PRO A 26 -9.01 9.60 12.55
C PRO A 26 -9.15 9.92 11.06
N HIS A 27 -10.12 9.28 10.41
CA HIS A 27 -10.36 9.50 9.00
C HIS A 27 -9.12 9.14 8.17
N GLU A 28 -8.31 8.23 8.69
CA GLU A 28 -7.09 7.81 8.02
C GLU A 28 -7.22 6.36 7.53
N TRP A 29 -7.85 5.52 8.35
CA TRP A 29 -8.04 4.12 8.00
C TRP A 29 -9.39 3.89 7.33
N GLU A 30 -9.36 3.44 6.08
CA GLU A 30 -10.58 3.18 5.33
C GLU A 30 -10.46 1.90 4.52
N VAL A 31 -11.47 1.05 4.62
CA VAL A 31 -11.49 -0.22 3.90
C VAL A 31 -12.70 -0.31 2.98
N LEU A 32 -12.47 -0.15 1.68
CA LEU A 32 -13.56 -0.22 0.70
C LEU A 32 -14.49 -1.38 1.01
N SER A 33 -13.99 -2.60 0.88
CA SER A 33 -14.79 -3.79 1.14
C SER A 33 -13.90 -4.95 1.58
N ARG A 34 -14.51 -5.93 2.24
CA ARG A 34 -13.78 -7.09 2.73
C ARG A 34 -14.50 -8.39 2.36
N SER A 35 -13.90 -9.14 1.44
CA SER A 35 -14.48 -10.40 0.99
C SER A 35 -13.52 -11.56 1.24
N GLU A 36 -14.08 -12.76 1.39
CA GLU A 36 -13.27 -13.94 1.63
C GLU A 36 -12.86 -14.60 0.31
N THR A 37 -13.86 -14.98 -0.49
CA THR A 37 -13.60 -15.62 -1.78
C THR A 37 -13.02 -14.62 -2.78
N ASP A 38 -13.51 -13.40 -2.75
CA ASP A 38 -13.04 -12.35 -3.64
C ASP A 38 -11.74 -11.75 -3.13
N GLY A 39 -11.59 -11.73 -1.81
CA GLY A 39 -10.39 -11.17 -1.21
C GLY A 39 -10.66 -9.91 -0.41
N THR A 40 -9.61 -9.28 0.08
CA THR A 40 -9.75 -8.06 0.88
C THR A 40 -9.21 -6.85 0.13
N VAL A 41 -10.04 -5.82 -0.01
CA VAL A 41 -9.65 -4.61 -0.70
C VAL A 41 -9.85 -3.38 0.18
N PHE A 42 -8.79 -2.58 0.31
CA PHE A 42 -8.85 -1.37 1.13
C PHE A 42 -7.92 -0.29 0.58
N ARG A 43 -8.15 0.94 1.00
CA ARG A 43 -7.33 2.06 0.55
C ARG A 43 -7.16 3.10 1.66
N ILE A 44 -5.93 3.55 1.85
CA ILE A 44 -5.64 4.55 2.88
C ILE A 44 -4.93 5.76 2.29
N HIS A 45 -5.15 6.92 2.90
CA HIS A 45 -4.53 8.16 2.44
C HIS A 45 -3.16 8.35 3.07
N THR A 46 -2.15 8.53 2.23
CA THR A 46 -0.79 8.72 2.71
C THR A 46 -0.17 9.98 2.13
N LYS A 47 0.77 10.57 2.86
CA LYS A 47 1.44 11.79 2.42
C LYS A 47 2.95 11.71 2.66
N ALA A 48 3.72 12.13 1.66
CA ALA A 48 5.18 12.11 1.78
C ALA A 48 5.73 13.51 1.98
N GLU A 49 7.03 13.59 2.26
CA GLU A 49 7.69 14.88 2.47
C GLU A 49 7.69 15.72 1.21
N GLY A 50 7.20 15.12 0.12
CA GLY A 50 7.15 15.83 -1.15
C GLY A 50 8.54 16.22 -1.65
N PHE A 51 8.60 17.32 -2.39
CA PHE A 51 9.87 17.79 -2.93
C PHE A 51 10.30 19.09 -2.26
N MET A 52 9.32 19.96 -1.98
CA MET A 52 9.59 21.24 -1.34
C MET A 52 8.85 21.35 -0.01
N ASP A 53 9.34 20.63 1.00
CA ASP A 53 8.72 20.64 2.32
C ASP A 53 7.20 20.75 2.20
N ALA A 54 6.62 19.95 1.31
CA ALA A 54 5.18 19.95 1.11
C ALA A 54 4.63 18.53 1.06
N ASP A 55 3.44 18.33 1.62
CA ASP A 55 2.81 17.02 1.63
C ASP A 55 2.06 16.77 0.32
N ILE A 56 2.53 15.79 -0.44
CA ILE A 56 1.91 15.43 -1.71
C ILE A 56 0.80 14.41 -1.52
N PRO A 57 -0.32 14.61 -2.24
CA PRO A 57 -1.47 13.71 -2.16
C PRO A 57 -1.20 12.35 -2.80
N LEU A 58 -0.71 11.42 -2.00
CA LEU A 58 -0.40 10.08 -2.49
C LEU A 58 -1.53 9.11 -2.15
N GLU A 59 -1.78 8.17 -3.06
CA GLU A 59 -2.83 7.18 -2.86
C GLU A 59 -2.27 5.76 -2.98
N LEU A 60 -2.36 5.00 -1.89
CA LEU A 60 -1.86 3.63 -1.88
C LEU A 60 -3.00 2.64 -1.63
N VAL A 61 -3.39 1.92 -2.67
CA VAL A 61 -4.46 0.94 -2.57
C VAL A 61 -3.90 -0.49 -2.55
N PHE A 62 -3.88 -1.08 -1.36
CA PHE A 62 -3.36 -2.43 -1.20
C PHE A 62 -4.50 -3.45 -1.25
N HIS A 63 -4.31 -4.51 -2.04
CA HIS A 63 -5.32 -5.55 -2.19
C HIS A 63 -4.76 -6.90 -1.75
N LEU A 64 -5.45 -7.55 -0.82
CA LEU A 64 -5.02 -8.85 -0.32
C LEU A 64 -5.93 -9.96 -0.85
N PRO A 65 -5.48 -10.61 -1.93
CA PRO A 65 -6.23 -11.71 -2.57
C PRO A 65 -6.26 -12.96 -1.70
N VAL A 66 -6.81 -14.04 -2.26
CA VAL A 66 -6.89 -15.31 -1.54
C VAL A 66 -5.55 -16.04 -1.55
N ASN A 67 -4.75 -15.78 -2.58
CA ASN A 67 -3.45 -16.42 -2.72
C ASN A 67 -2.43 -15.77 -1.78
N TYR A 68 -2.46 -14.45 -1.70
CA TYR A 68 -1.54 -13.71 -0.84
C TYR A 68 -1.31 -14.44 0.47
N PRO A 69 -0.13 -14.26 1.05
CA PRO A 69 0.92 -13.42 0.47
C PRO A 69 1.52 -14.03 -0.80
N SER A 70 1.15 -15.28 -1.08
CA SER A 70 1.65 -15.97 -2.25
C SER A 70 1.74 -15.03 -3.45
N CYS A 71 0.68 -14.27 -3.68
CA CYS A 71 0.64 -13.32 -4.78
C CYS A 71 0.91 -11.90 -4.30
N LEU A 72 1.54 -11.10 -5.14
CA LEU A 72 1.86 -9.71 -4.80
C LEU A 72 0.59 -8.89 -4.65
N PRO A 73 0.59 -7.96 -3.67
CA PRO A 73 -0.55 -7.09 -3.39
C PRO A 73 -0.77 -6.06 -4.50
N GLY A 74 -2.03 -5.92 -4.91
CA GLY A 74 -2.36 -4.97 -5.96
C GLY A 74 -2.12 -3.53 -5.54
N ILE A 75 -0.91 -3.04 -5.75
CA ILE A 75 -0.56 -1.68 -5.38
C ILE A 75 -0.91 -0.71 -6.50
N SER A 76 -1.42 0.47 -6.12
CA SER A 76 -1.82 1.49 -7.08
C SER A 76 -1.30 2.86 -6.65
N ILE A 77 -0.66 3.56 -7.59
CA ILE A 77 -0.12 4.88 -7.31
C ILE A 77 -0.71 5.92 -8.26
N ASN A 78 -1.58 6.78 -7.74
CA ASN A 78 -2.21 7.81 -8.54
C ASN A 78 -2.36 9.11 -7.74
N SER A 79 -1.74 10.17 -8.23
CA SER A 79 -1.81 11.46 -7.55
C SER A 79 -2.29 12.55 -8.50
N GLU A 80 -3.24 13.37 -8.04
CA GLU A 80 -3.79 14.44 -8.85
C GLU A 80 -2.68 15.35 -9.37
N GLN A 81 -1.51 15.25 -8.76
CA GLN A 81 -0.36 16.07 -9.16
C GLN A 81 0.53 15.30 -10.13
N LEU A 82 1.20 14.27 -9.64
CA LEU A 82 2.10 13.46 -10.46
C LEU A 82 1.49 13.22 -11.84
N THR A 83 2.35 12.96 -12.82
CA THR A 83 1.89 12.70 -14.18
C THR A 83 1.62 11.21 -14.40
N ARG A 84 1.22 10.87 -15.62
CA ARG A 84 0.93 9.48 -15.97
C ARG A 84 2.20 8.63 -15.88
N ALA A 85 3.26 9.09 -16.51
CA ALA A 85 4.53 8.37 -16.49
C ALA A 85 5.05 8.19 -15.07
N GLN A 86 5.05 9.26 -14.30
CA GLN A 86 5.52 9.22 -12.92
C GLN A 86 4.70 8.22 -12.11
N CYS A 87 3.42 8.51 -11.91
CA CYS A 87 2.55 7.64 -11.14
C CYS A 87 2.82 6.18 -11.46
N VAL A 88 3.34 5.93 -12.65
CA VAL A 88 3.66 4.57 -13.08
C VAL A 88 5.04 4.14 -12.58
N THR A 89 6.03 4.98 -12.83
CA THR A 89 7.40 4.69 -12.41
C THR A 89 7.46 4.42 -10.91
N VAL A 90 6.54 5.01 -10.17
CA VAL A 90 6.49 4.83 -8.72
C VAL A 90 5.97 3.44 -8.35
N LYS A 91 4.79 3.10 -8.88
CA LYS A 91 4.18 1.81 -8.62
C LYS A 91 5.08 0.67 -9.11
N GLU A 92 5.47 0.73 -10.37
CA GLU A 92 6.32 -0.30 -10.96
C GLU A 92 7.44 -0.68 -10.00
N LYS A 93 7.95 0.31 -9.25
CA LYS A 93 9.02 0.07 -8.29
C LYS A 93 8.51 -0.74 -7.10
N LEU A 94 7.50 -0.21 -6.41
CA LEU A 94 6.93 -0.88 -5.25
C LEU A 94 6.74 -2.37 -5.53
N LEU A 95 6.28 -2.70 -6.73
CA LEU A 95 6.06 -4.08 -7.11
C LEU A 95 7.38 -4.86 -7.14
N GLU A 96 8.43 -4.22 -7.65
CA GLU A 96 9.74 -4.85 -7.73
C GLU A 96 10.22 -5.28 -6.35
N GLN A 97 9.89 -4.49 -5.34
CA GLN A 97 10.28 -4.81 -3.97
C GLN A 97 9.36 -5.85 -3.35
N ALA A 98 8.10 -5.84 -3.78
CA ALA A 98 7.12 -6.80 -3.27
C ALA A 98 7.64 -8.23 -3.38
N GLU A 99 7.96 -8.65 -4.60
CA GLU A 99 8.47 -10.00 -4.84
C GLU A 99 9.44 -10.41 -3.73
N SER A 100 10.58 -9.73 -3.66
CA SER A 100 11.59 -10.04 -2.66
C SER A 100 10.98 -10.06 -1.26
N LEU A 101 9.90 -9.31 -1.08
CA LEU A 101 9.22 -9.25 0.21
C LEU A 101 8.07 -10.25 0.26
N LEU A 102 8.24 -11.38 -0.41
CA LEU A 102 7.22 -12.43 -0.44
C LEU A 102 7.25 -13.25 0.84
N SER A 103 6.12 -13.88 1.15
CA SER A 103 6.02 -14.70 2.36
C SER A 103 6.30 -13.87 3.61
N GLU A 104 5.91 -12.60 3.57
CA GLU A 104 6.12 -11.71 4.70
C GLU A 104 5.29 -10.43 4.54
N PRO A 105 4.95 -9.80 5.68
CA PRO A 105 4.15 -8.57 5.69
C PRO A 105 4.93 -7.37 5.15
N MET A 106 4.51 -6.90 3.98
CA MET A 106 5.16 -5.75 3.35
C MET A 106 4.23 -4.55 3.30
N VAL A 107 2.93 -4.82 3.19
CA VAL A 107 1.93 -3.76 3.13
C VAL A 107 2.35 -2.57 4.01
N HIS A 108 3.03 -2.86 5.11
CA HIS A 108 3.48 -1.83 6.03
C HIS A 108 4.80 -1.22 5.56
N GLU A 109 5.82 -2.07 5.45
CA GLU A 109 7.14 -1.61 5.01
C GLU A 109 7.03 -0.76 3.75
N LEU A 110 6.33 -1.30 2.75
CA LEU A 110 6.16 -0.59 1.48
C LEU A 110 5.74 0.85 1.71
N VAL A 111 4.71 1.04 2.55
CA VAL A 111 4.21 2.38 2.86
C VAL A 111 5.33 3.27 3.40
N LEU A 112 6.02 2.78 4.44
CA LEU A 112 7.10 3.54 5.04
C LEU A 112 8.31 3.60 4.10
N TRP A 113 8.31 2.76 3.09
CA TRP A 113 9.40 2.72 2.12
C TRP A 113 9.29 3.88 1.14
N ILE A 114 8.22 3.90 0.36
CA ILE A 114 7.99 4.95 -0.61
C ILE A 114 8.08 6.34 0.04
N GLN A 115 7.51 6.45 1.24
CA GLN A 115 7.53 7.71 1.96
C GLN A 115 8.95 8.12 2.33
N GLN A 116 9.88 7.18 2.18
CA GLN A 116 11.28 7.44 2.49
C GLN A 116 12.11 7.63 1.22
N ASN A 117 11.88 6.76 0.24
CA ASN A 117 12.60 6.84 -1.03
C ASN A 117 11.79 7.61 -2.07
N LEU A 118 10.80 8.36 -1.60
CA LEU A 118 9.95 9.14 -2.48
C LEU A 118 10.79 9.99 -3.44
N ARG A 119 11.53 10.93 -2.90
CA ARG A 119 12.38 11.80 -3.71
C ARG A 119 13.43 10.99 -4.45
N HIS A 120 14.08 10.07 -3.74
CA HIS A 120 15.11 9.23 -4.33
C HIS A 120 14.67 8.69 -5.68
N ILE A 121 13.46 8.12 -5.72
CA ILE A 121 12.92 7.57 -6.97
C ILE A 121 12.86 8.63 -8.06
N LEU A 122 12.09 9.69 -7.81
CA LEU A 122 11.94 10.77 -8.78
C LEU A 122 13.16 11.69 -8.74
N SER A 123 14.34 11.10 -8.74
CA SER A 123 15.59 11.87 -8.70
C SER A 123 16.18 12.00 -10.09
N GLN A 124 16.23 10.88 -10.82
CA GLN A 124 16.79 10.87 -12.17
C GLN A 124 15.67 10.88 -13.21
N PRO A 125 15.71 11.88 -14.11
CA PRO A 125 14.72 12.03 -15.17
C PRO A 125 14.84 10.94 -16.23
N GLU A 126 15.75 10.00 -16.01
CA GLU A 126 15.97 8.91 -16.95
C GLU A 126 15.30 7.62 -16.46
N THR A 127 14.94 6.75 -17.39
CA THR A 127 14.30 5.49 -17.05
C THR A 127 14.60 4.42 -18.09
N GLY A 128 14.62 3.16 -17.65
CA GLY A 128 14.91 2.07 -18.56
C GLY A 128 15.46 0.85 -17.84
N GLY A 1 -26.29 -15.37 3.48
CA GLY A 1 -25.04 -15.08 4.16
C GLY A 1 -24.78 -16.03 5.31
N SER A 2 -24.75 -15.50 6.53
CA SER A 2 -24.50 -16.30 7.71
C SER A 2 -23.10 -16.92 7.67
N SER A 3 -22.13 -16.12 7.24
CA SER A 3 -20.75 -16.57 7.15
C SER A 3 -19.89 -15.92 8.22
N GLY A 4 -18.89 -16.65 8.70
CA GLY A 4 -18.00 -16.13 9.72
C GLY A 4 -17.13 -14.99 9.21
N SER A 5 -17.48 -13.77 9.60
CA SER A 5 -16.73 -12.58 9.17
C SER A 5 -15.42 -12.46 9.95
N SER A 6 -15.53 -12.44 11.28
CA SER A 6 -14.36 -12.31 12.13
C SER A 6 -13.45 -13.53 11.98
N GLY A 7 -12.26 -13.32 11.45
CA GLY A 7 -11.32 -14.42 11.26
C GLY A 7 -11.22 -14.86 9.81
N MET A 8 -10.26 -14.28 9.08
CA MET A 8 -10.07 -14.61 7.68
C MET A 8 -8.78 -15.41 7.48
N ALA A 9 -7.68 -14.87 8.00
CA ALA A 9 -6.38 -15.52 7.87
C ALA A 9 -5.42 -15.03 8.94
N GLU A 10 -4.37 -15.80 9.20
CA GLU A 10 -3.37 -15.43 10.21
C GLU A 10 -2.59 -14.20 9.76
N PRO A 11 -1.90 -14.32 8.61
CA PRO A 11 -1.10 -13.23 8.05
C PRO A 11 -1.95 -12.08 7.54
N VAL A 12 -3.00 -12.42 6.79
CA VAL A 12 -3.90 -11.42 6.25
C VAL A 12 -4.48 -10.53 7.33
N GLN A 13 -5.07 -11.16 8.35
CA GLN A 13 -5.67 -10.44 9.47
C GLN A 13 -4.65 -9.50 10.10
N GLU A 14 -3.44 -10.00 10.32
CA GLU A 14 -2.38 -9.20 10.93
C GLU A 14 -2.20 -7.88 10.20
N GLU A 15 -1.79 -7.96 8.94
CA GLU A 15 -1.58 -6.77 8.12
C GLU A 15 -2.64 -5.71 8.42
N LEU A 16 -3.90 -6.08 8.23
CA LEU A 16 -5.01 -5.17 8.48
C LEU A 16 -4.93 -4.58 9.88
N SER A 17 -4.92 -5.46 10.89
CA SER A 17 -4.85 -5.02 12.27
C SER A 17 -3.67 -4.07 12.49
N VAL A 18 -2.46 -4.58 12.28
CA VAL A 18 -1.25 -3.78 12.45
C VAL A 18 -1.41 -2.41 11.80
N LEU A 19 -1.95 -2.39 10.59
CA LEU A 19 -2.16 -1.15 9.86
C LEU A 19 -3.13 -0.24 10.61
N ALA A 20 -4.38 -0.68 10.73
CA ALA A 20 -5.41 0.09 11.42
C ALA A 20 -4.83 0.79 12.64
N ALA A 21 -3.98 0.08 13.37
CA ALA A 21 -3.36 0.65 14.57
C ALA A 21 -2.61 1.93 14.25
N ILE A 22 -1.75 1.88 13.25
CA ILE A 22 -0.97 3.04 12.84
C ILE A 22 -1.87 4.11 12.21
N PHE A 23 -2.85 3.66 11.43
CA PHE A 23 -3.77 4.57 10.76
C PHE A 23 -4.92 4.96 11.70
N CYS A 24 -4.89 4.42 12.91
CA CYS A 24 -5.92 4.72 13.89
C CYS A 24 -6.38 6.16 13.79
N ARG A 25 -5.47 7.04 13.37
CA ARG A 25 -5.78 8.46 13.23
C ARG A 25 -7.17 8.65 12.63
N PRO A 26 -7.80 9.79 12.95
CA PRO A 26 -9.14 10.13 12.46
C PRO A 26 -9.14 10.43 10.97
N HIS A 27 -9.99 9.71 10.24
CA HIS A 27 -10.11 9.89 8.80
C HIS A 27 -8.78 9.59 8.10
N GLU A 28 -8.11 8.53 8.56
CA GLU A 28 -6.83 8.14 7.98
C GLU A 28 -6.86 6.67 7.54
N TRP A 29 -7.93 5.98 7.90
CA TRP A 29 -8.08 4.57 7.55
C TRP A 29 -9.45 4.31 6.92
N GLU A 30 -9.44 3.70 5.74
CA GLU A 30 -10.69 3.40 5.03
C GLU A 30 -10.58 2.08 4.28
N VAL A 31 -11.66 1.30 4.29
CA VAL A 31 -11.68 0.02 3.60
C VAL A 31 -12.85 -0.06 2.63
N LEU A 32 -12.56 0.21 1.35
CA LEU A 32 -13.58 0.18 0.32
C LEU A 32 -14.59 -0.94 0.59
N SER A 33 -14.15 -2.18 0.42
CA SER A 33 -15.00 -3.34 0.64
C SER A 33 -14.18 -4.56 1.02
N ARG A 34 -14.86 -5.65 1.39
CA ARG A 34 -14.20 -6.88 1.78
C ARG A 34 -14.98 -8.10 1.29
N SER A 35 -14.25 -9.14 0.92
CA SER A 35 -14.87 -10.37 0.42
C SER A 35 -14.51 -11.55 1.30
N GLU A 36 -15.44 -12.50 1.41
CA GLU A 36 -15.22 -13.69 2.23
C GLU A 36 -13.96 -14.43 1.79
N THR A 37 -12.83 -14.09 2.41
CA THR A 37 -11.56 -14.72 2.07
C THR A 37 -11.38 -14.84 0.56
N ASP A 38 -11.73 -13.78 -0.15
CA ASP A 38 -11.61 -13.76 -1.60
C ASP A 38 -10.67 -12.65 -2.06
N GLY A 39 -10.69 -11.53 -1.34
CA GLY A 39 -9.84 -10.41 -1.68
C GLY A 39 -10.27 -9.13 -1.00
N THR A 40 -9.41 -8.62 -0.11
CA THR A 40 -9.71 -7.39 0.62
C THR A 40 -9.20 -6.17 -0.13
N VAL A 41 -10.10 -5.24 -0.43
CA VAL A 41 -9.74 -4.02 -1.14
C VAL A 41 -9.92 -2.79 -0.26
N PHE A 42 -8.81 -2.17 0.11
CA PHE A 42 -8.85 -0.97 0.96
C PHE A 42 -7.99 0.13 0.36
N ARG A 43 -8.40 1.38 0.60
CA ARG A 43 -7.68 2.53 0.08
C ARG A 43 -7.47 3.58 1.18
N ILE A 44 -6.26 3.63 1.72
CA ILE A 44 -5.94 4.58 2.78
C ILE A 44 -5.12 5.75 2.24
N HIS A 45 -5.25 6.90 2.87
CA HIS A 45 -4.52 8.10 2.46
C HIS A 45 -3.21 8.22 3.22
N THR A 46 -2.14 8.55 2.51
CA THR A 46 -0.83 8.71 3.12
C THR A 46 -0.06 9.88 2.51
N LYS A 47 0.78 10.51 3.31
CA LYS A 47 1.56 11.65 2.85
C LYS A 47 3.06 11.34 2.92
N ALA A 48 3.77 11.63 1.84
CA ALA A 48 5.21 11.38 1.79
C ALA A 48 5.99 12.65 2.12
N GLU A 49 7.26 12.47 2.47
CA GLU A 49 8.12 13.61 2.82
C GLU A 49 8.22 14.59 1.65
N GLY A 50 7.73 14.17 0.49
CA GLY A 50 7.78 15.03 -0.68
C GLY A 50 9.18 15.18 -1.24
N PHE A 51 9.42 16.30 -1.92
CA PHE A 51 10.72 16.55 -2.52
C PHE A 51 11.43 17.71 -1.81
N MET A 52 10.65 18.71 -1.43
CA MET A 52 11.19 19.88 -0.73
C MET A 52 10.48 20.10 0.59
N ASP A 53 10.80 19.26 1.58
CA ASP A 53 10.21 19.37 2.91
C ASP A 53 8.74 19.79 2.81
N ALA A 54 8.01 19.16 1.89
CA ALA A 54 6.60 19.46 1.68
C ALA A 54 5.79 18.18 1.48
N ASP A 55 4.92 17.88 2.44
CA ASP A 55 4.09 16.68 2.37
C ASP A 55 3.26 16.68 1.09
N ILE A 56 3.03 15.50 0.54
CA ILE A 56 2.25 15.36 -0.69
C ILE A 56 1.14 14.33 -0.52
N PRO A 57 -0.05 14.65 -1.05
CA PRO A 57 -1.22 13.78 -0.98
C PRO A 57 -1.06 12.52 -1.84
N LEU A 58 -0.59 11.44 -1.23
CA LEU A 58 -0.39 10.18 -1.94
C LEU A 58 -1.51 9.19 -1.60
N GLU A 59 -1.91 8.42 -2.61
CA GLU A 59 -2.97 7.42 -2.42
C GLU A 59 -2.44 6.01 -2.69
N LEU A 60 -2.47 5.17 -1.65
CA LEU A 60 -1.99 3.80 -1.78
C LEU A 60 -3.16 2.82 -1.73
N VAL A 61 -3.21 1.91 -2.70
CA VAL A 61 -4.27 0.91 -2.76
C VAL A 61 -3.69 -0.50 -2.78
N PHE A 62 -3.74 -1.17 -1.63
CA PHE A 62 -3.22 -2.52 -1.51
C PHE A 62 -4.37 -3.55 -1.51
N HIS A 63 -4.25 -4.57 -2.35
CA HIS A 63 -5.27 -5.60 -2.44
C HIS A 63 -4.69 -6.96 -2.06
N LEU A 64 -5.30 -7.61 -1.08
CA LEU A 64 -4.84 -8.92 -0.62
C LEU A 64 -5.76 -10.02 -1.14
N PRO A 65 -5.35 -10.65 -2.25
CA PRO A 65 -6.12 -11.73 -2.87
C PRO A 65 -6.11 -13.00 -2.04
N VAL A 66 -6.48 -14.12 -2.65
CA VAL A 66 -6.51 -15.40 -1.96
C VAL A 66 -5.18 -16.14 -2.12
N ASN A 67 -4.33 -15.63 -3.00
CA ASN A 67 -3.03 -16.24 -3.24
C ASN A 67 -1.90 -15.36 -2.71
N TYR A 68 -2.11 -14.80 -1.52
CA TYR A 68 -1.11 -13.93 -0.90
C TYR A 68 -0.94 -14.27 0.58
N PRO A 69 0.28 -14.06 1.10
CA PRO A 69 1.40 -13.54 0.30
C PRO A 69 1.89 -14.56 -0.72
N SER A 70 1.25 -15.72 -0.76
CA SER A 70 1.63 -16.78 -1.70
C SER A 70 2.16 -16.18 -2.99
N CYS A 71 1.56 -15.07 -3.42
CA CYS A 71 1.97 -14.40 -4.66
C CYS A 71 1.99 -12.89 -4.47
N LEU A 72 2.31 -12.17 -5.54
CA LEU A 72 2.37 -10.71 -5.50
C LEU A 72 0.97 -10.11 -5.44
N PRO A 73 0.72 -9.32 -4.39
CA PRO A 73 -0.57 -8.66 -4.18
C PRO A 73 -0.85 -7.56 -5.21
N GLY A 74 -1.95 -6.85 -5.04
CA GLY A 74 -2.30 -5.79 -5.97
C GLY A 74 -1.85 -4.43 -5.47
N ILE A 75 -0.90 -3.83 -6.17
CA ILE A 75 -0.38 -2.51 -5.80
C ILE A 75 -0.72 -1.47 -6.85
N SER A 76 -1.16 -0.29 -6.39
CA SER A 76 -1.52 0.79 -7.30
C SER A 76 -1.07 2.14 -6.74
N ILE A 77 -0.54 2.98 -7.62
CA ILE A 77 -0.06 4.30 -7.21
C ILE A 77 -0.66 5.39 -8.10
N ASN A 78 -1.39 6.31 -7.46
CA ASN A 78 -2.02 7.41 -8.18
C ASN A 78 -2.26 8.60 -7.26
N SER A 79 -1.66 9.73 -7.60
CA SER A 79 -1.82 10.95 -6.79
C SER A 79 -2.30 12.11 -7.65
N GLU A 80 -3.19 12.92 -7.08
CA GLU A 80 -3.74 14.06 -7.79
C GLU A 80 -2.62 14.91 -8.42
N GLN A 81 -1.45 14.88 -7.80
CA GLN A 81 -0.30 15.63 -8.29
C GLN A 81 0.48 14.82 -9.31
N LEU A 82 0.93 13.63 -8.89
CA LEU A 82 1.70 12.75 -9.78
C LEU A 82 1.03 12.64 -11.14
N THR A 83 1.85 12.43 -12.18
CA THR A 83 1.33 12.30 -13.53
C THR A 83 1.11 10.84 -13.89
N ARG A 84 0.35 10.61 -14.96
CA ARG A 84 0.06 9.26 -15.41
C ARG A 84 1.35 8.47 -15.64
N ALA A 85 2.38 9.15 -16.12
CA ALA A 85 3.66 8.52 -16.39
C ALA A 85 4.43 8.25 -15.09
N GLN A 86 4.43 9.24 -14.20
CA GLN A 86 5.11 9.11 -12.92
C GLN A 86 4.42 8.10 -12.03
N CYS A 87 3.17 8.38 -11.68
CA CYS A 87 2.40 7.49 -10.82
C CYS A 87 2.68 6.03 -11.15
N VAL A 88 2.90 5.76 -12.44
CA VAL A 88 3.19 4.40 -12.89
C VAL A 88 4.61 3.98 -12.53
N THR A 89 5.56 4.90 -12.71
CA THR A 89 6.96 4.63 -12.40
C THR A 89 7.12 4.13 -10.97
N VAL A 90 6.58 4.89 -10.02
CA VAL A 90 6.66 4.53 -8.61
C VAL A 90 6.18 3.10 -8.38
N LYS A 91 4.94 2.83 -8.80
CA LYS A 91 4.35 1.50 -8.64
C LYS A 91 5.29 0.44 -9.18
N GLU A 92 5.56 0.49 -10.48
CA GLU A 92 6.44 -0.48 -11.12
C GLU A 92 7.59 -0.88 -10.19
N LYS A 93 8.16 0.11 -9.51
CA LYS A 93 9.26 -0.13 -8.58
C LYS A 93 8.81 -0.99 -7.41
N LEU A 94 7.74 -0.56 -6.75
CA LEU A 94 7.20 -1.30 -5.61
C LEU A 94 7.11 -2.80 -5.91
N LEU A 95 6.53 -3.13 -7.06
CA LEU A 95 6.39 -4.52 -7.47
C LEU A 95 7.69 -5.29 -7.27
N GLU A 96 8.79 -4.69 -7.74
CA GLU A 96 10.10 -5.32 -7.61
C GLU A 96 10.38 -5.71 -6.16
N GLN A 97 10.23 -4.74 -5.26
CA GLN A 97 10.47 -4.97 -3.84
C GLN A 97 9.56 -6.07 -3.31
N ALA A 98 8.28 -5.99 -3.65
CA ALA A 98 7.30 -6.98 -3.21
C ALA A 98 7.89 -8.38 -3.27
N GLU A 99 8.21 -8.84 -4.47
CA GLU A 99 8.77 -10.18 -4.65
C GLU A 99 9.73 -10.53 -3.51
N SER A 100 10.86 -9.84 -3.45
CA SER A 100 11.85 -10.09 -2.41
C SER A 100 11.18 -10.15 -1.03
N LEU A 101 10.10 -9.41 -0.87
CA LEU A 101 9.37 -9.39 0.38
C LEU A 101 8.20 -10.37 0.36
N LEU A 102 8.40 -11.51 -0.31
CA LEU A 102 7.38 -12.54 -0.40
C LEU A 102 7.23 -13.28 0.93
N SER A 103 6.08 -13.91 1.11
CA SER A 103 5.81 -14.66 2.34
C SER A 103 6.06 -13.79 3.57
N GLU A 104 5.54 -12.56 3.54
CA GLU A 104 5.71 -11.64 4.65
C GLU A 104 4.90 -10.37 4.43
N PRO A 105 4.54 -9.69 5.53
CA PRO A 105 3.77 -8.44 5.48
C PRO A 105 4.56 -7.28 4.91
N MET A 106 4.35 -7.01 3.62
CA MET A 106 5.04 -5.93 2.94
C MET A 106 4.16 -4.68 2.86
N VAL A 107 2.86 -4.91 2.68
CA VAL A 107 1.91 -3.80 2.59
C VAL A 107 2.31 -2.64 3.49
N HIS A 108 2.67 -2.97 4.73
CA HIS A 108 3.08 -1.96 5.70
C HIS A 108 4.47 -1.42 5.37
N GLU A 109 5.48 -2.30 5.47
CA GLU A 109 6.86 -1.91 5.18
C GLU A 109 6.91 -0.97 3.98
N LEU A 110 6.39 -1.43 2.85
CA LEU A 110 6.38 -0.63 1.63
C LEU A 110 5.93 0.80 1.92
N VAL A 111 4.83 0.93 2.63
CA VAL A 111 4.29 2.24 2.98
C VAL A 111 5.36 3.13 3.61
N LEU A 112 6.25 2.52 4.38
CA LEU A 112 7.33 3.25 5.04
C LEU A 112 8.50 3.46 4.08
N TRP A 113 8.83 2.42 3.34
CA TRP A 113 9.94 2.47 2.39
C TRP A 113 9.72 3.59 1.36
N ILE A 114 8.48 3.72 0.91
CA ILE A 114 8.13 4.75 -0.07
C ILE A 114 8.09 6.13 0.57
N GLN A 115 7.52 6.21 1.76
CA GLN A 115 7.43 7.48 2.49
C GLN A 115 8.78 8.17 2.53
N GLN A 116 9.85 7.39 2.52
CA GLN A 116 11.20 7.93 2.55
C GLN A 116 11.85 7.88 1.18
N ASN A 117 11.70 6.76 0.50
CA ASN A 117 12.28 6.58 -0.83
C ASN A 117 11.32 7.11 -1.90
N LEU A 118 10.64 8.21 -1.59
CA LEU A 118 9.70 8.81 -2.53
C LEU A 118 10.44 9.65 -3.57
N ARG A 119 11.20 10.63 -3.10
CA ARG A 119 11.96 11.51 -3.99
C ARG A 119 13.04 10.72 -4.72
N HIS A 120 13.65 9.77 -4.02
CA HIS A 120 14.71 8.94 -4.60
C HIS A 120 14.23 8.29 -5.90
N ILE A 121 13.01 7.76 -5.87
CA ILE A 121 12.44 7.10 -7.04
C ILE A 121 12.12 8.11 -8.13
N LEU A 122 11.51 9.22 -7.74
CA LEU A 122 11.14 10.27 -8.70
C LEU A 122 12.33 11.18 -8.99
N SER A 123 13.51 10.58 -9.11
CA SER A 123 14.73 11.32 -9.40
C SER A 123 14.81 11.68 -10.88
N GLN A 124 14.39 10.75 -11.73
CA GLN A 124 14.43 10.96 -13.17
C GLN A 124 13.05 10.78 -13.78
N PRO A 125 12.22 11.83 -13.71
CA PRO A 125 10.86 11.80 -14.24
C PRO A 125 10.84 11.77 -15.77
N GLU A 126 12.03 11.71 -16.37
CA GLU A 126 12.15 11.66 -17.82
C GLU A 126 13.15 10.60 -18.26
N THR A 127 13.04 10.16 -19.51
CA THR A 127 13.93 9.16 -20.05
C THR A 127 13.91 7.88 -19.21
N GLY A 128 12.70 7.49 -18.78
CA GLY A 128 12.56 6.30 -17.97
C GLY A 128 11.65 6.52 -16.77
N GLY A 1 -21.82 -1.01 9.34
CA GLY A 1 -20.54 -1.59 9.69
C GLY A 1 -20.65 -3.04 10.10
N SER A 2 -20.15 -3.93 9.25
CA SER A 2 -20.20 -5.36 9.51
C SER A 2 -18.89 -5.85 10.12
N SER A 3 -18.94 -6.27 11.38
CA SER A 3 -17.75 -6.75 12.08
C SER A 3 -17.81 -8.26 12.28
N GLY A 4 -17.07 -8.99 11.46
CA GLY A 4 -17.05 -10.44 11.56
C GLY A 4 -15.64 -11.01 11.49
N SER A 5 -15.30 -11.59 10.34
CA SER A 5 -13.98 -12.18 10.16
C SER A 5 -13.70 -13.24 11.22
N SER A 6 -14.63 -14.18 11.38
CA SER A 6 -14.49 -15.23 12.37
C SER A 6 -13.15 -15.96 12.21
N GLY A 7 -12.54 -15.78 11.05
CA GLY A 7 -11.27 -16.42 10.77
C GLY A 7 -11.03 -16.66 9.29
N MET A 8 -10.26 -15.77 8.67
CA MET A 8 -9.96 -15.90 7.25
C MET A 8 -8.52 -16.31 7.03
N ALA A 9 -7.59 -15.53 7.56
CA ALA A 9 -6.17 -15.82 7.43
C ALA A 9 -5.39 -15.30 8.63
N GLU A 10 -4.37 -16.06 9.05
CA GLU A 10 -3.54 -15.68 10.19
C GLU A 10 -2.83 -14.36 9.91
N PRO A 11 -2.00 -14.35 8.85
CA PRO A 11 -1.24 -13.15 8.46
C PRO A 11 -2.13 -12.05 7.90
N VAL A 12 -2.99 -12.41 6.95
CA VAL A 12 -3.89 -11.44 6.34
C VAL A 12 -4.62 -10.63 7.40
N GLN A 13 -5.31 -11.32 8.30
CA GLN A 13 -6.05 -10.66 9.37
C GLN A 13 -5.13 -9.79 10.22
N GLU A 14 -4.11 -10.41 10.81
CA GLU A 14 -3.16 -9.69 11.64
C GLU A 14 -2.67 -8.42 10.95
N GLU A 15 -2.44 -8.51 9.65
CA GLU A 15 -1.98 -7.37 8.87
C GLU A 15 -2.97 -6.21 8.97
N LEU A 16 -4.25 -6.51 8.78
CA LEU A 16 -5.29 -5.49 8.84
C LEU A 16 -5.42 -4.93 10.25
N SER A 17 -5.49 -5.83 11.24
CA SER A 17 -5.61 -5.43 12.63
C SER A 17 -4.47 -4.50 13.03
N VAL A 18 -3.26 -4.85 12.63
CA VAL A 18 -2.08 -4.05 12.94
C VAL A 18 -2.08 -2.75 12.14
N LEU A 19 -2.34 -2.87 10.85
CA LEU A 19 -2.37 -1.70 9.97
C LEU A 19 -3.22 -0.58 10.56
N ALA A 20 -4.47 -0.90 10.86
CA ALA A 20 -5.39 0.08 11.44
C ALA A 20 -4.71 0.87 12.56
N ALA A 21 -3.90 0.19 13.36
CA ALA A 21 -3.19 0.84 14.45
C ALA A 21 -2.36 2.01 13.96
N ILE A 22 -1.51 1.76 12.97
CA ILE A 22 -0.66 2.80 12.40
C ILE A 22 -1.50 3.91 11.78
N PHE A 23 -2.57 3.53 11.12
CA PHE A 23 -3.47 4.50 10.48
C PHE A 23 -4.52 5.00 11.46
N CYS A 24 -4.47 4.48 12.68
CA CYS A 24 -5.42 4.87 13.72
C CYS A 24 -5.83 6.34 13.57
N ARG A 25 -4.88 7.16 13.11
CA ARG A 25 -5.13 8.58 12.92
C ARG A 25 -6.55 8.82 12.40
N PRO A 26 -7.08 10.02 12.67
CA PRO A 26 -8.43 10.40 12.23
C PRO A 26 -8.52 10.59 10.73
N HIS A 27 -9.62 10.10 10.14
CA HIS A 27 -9.83 10.22 8.71
C HIS A 27 -8.56 9.84 7.94
N GLU A 28 -7.88 8.81 8.42
CA GLU A 28 -6.65 8.35 7.78
C GLU A 28 -6.71 6.84 7.51
N TRP A 29 -7.91 6.27 7.65
CA TRP A 29 -8.10 4.84 7.43
C TRP A 29 -9.41 4.57 6.71
N GLU A 30 -9.33 3.92 5.55
CA GLU A 30 -10.52 3.59 4.77
C GLU A 30 -10.38 2.23 4.11
N VAL A 31 -11.42 1.40 4.26
CA VAL A 31 -11.41 0.07 3.68
C VAL A 31 -12.59 -0.12 2.73
N LEU A 32 -12.31 0.03 1.44
CA LEU A 32 -13.35 -0.12 0.41
C LEU A 32 -14.29 -1.25 0.77
N SER A 33 -13.78 -2.47 0.78
CA SER A 33 -14.58 -3.64 1.09
C SER A 33 -13.69 -4.82 1.49
N ARG A 34 -14.33 -5.89 1.99
CA ARG A 34 -13.59 -7.08 2.41
C ARG A 34 -14.26 -8.33 1.88
N SER A 35 -13.61 -9.00 0.92
CA SER A 35 -14.14 -10.22 0.33
C SER A 35 -13.49 -11.45 0.95
N GLU A 36 -14.10 -12.60 0.72
CA GLU A 36 -13.59 -13.86 1.26
C GLU A 36 -12.92 -14.68 0.16
N THR A 37 -13.59 -14.78 -0.99
CA THR A 37 -13.07 -15.54 -2.11
C THR A 37 -12.21 -14.67 -3.02
N ASP A 38 -12.61 -13.40 -3.17
CA ASP A 38 -11.87 -12.47 -4.00
C ASP A 38 -10.60 -12.01 -3.31
N GLY A 39 -10.73 -11.58 -2.06
CA GLY A 39 -9.57 -11.12 -1.31
C GLY A 39 -9.89 -9.89 -0.47
N THR A 40 -8.84 -9.16 -0.09
CA THR A 40 -9.01 -7.96 0.72
C THR A 40 -8.68 -6.70 -0.09
N VAL A 41 -9.63 -5.77 -0.13
CA VAL A 41 -9.45 -4.53 -0.86
C VAL A 41 -9.66 -3.32 0.04
N PHE A 42 -8.76 -2.35 -0.06
CA PHE A 42 -8.84 -1.14 0.75
C PHE A 42 -7.96 -0.04 0.18
N ARG A 43 -8.25 1.20 0.56
CA ARG A 43 -7.49 2.35 0.08
C ARG A 43 -7.40 3.44 1.15
N ILE A 44 -6.22 3.58 1.74
CA ILE A 44 -6.01 4.59 2.78
C ILE A 44 -5.23 5.78 2.24
N HIS A 45 -5.50 6.96 2.79
CA HIS A 45 -4.82 8.17 2.37
C HIS A 45 -3.51 8.35 3.13
N THR A 46 -2.41 8.43 2.38
CA THR A 46 -1.09 8.60 2.98
C THR A 46 -0.35 9.77 2.35
N LYS A 47 0.60 10.34 3.10
CA LYS A 47 1.38 11.47 2.62
C LYS A 47 2.87 11.17 2.68
N ALA A 48 3.61 11.64 1.69
CA ALA A 48 5.05 11.42 1.64
C ALA A 48 5.81 12.69 2.00
N GLU A 49 7.13 12.62 1.91
CA GLU A 49 7.99 13.77 2.23
C GLU A 49 7.90 14.84 1.14
N GLY A 50 7.22 14.49 0.05
CA GLY A 50 7.08 15.43 -1.05
C GLY A 50 8.41 15.95 -1.55
N PHE A 51 8.38 16.76 -2.60
CA PHE A 51 9.59 17.32 -3.18
C PHE A 51 9.99 18.61 -2.47
N MET A 52 9.02 19.53 -2.32
CA MET A 52 9.26 20.79 -1.66
C MET A 52 9.09 20.67 -0.15
N ASP A 53 9.77 19.68 0.44
CA ASP A 53 9.69 19.45 1.87
C ASP A 53 8.29 19.75 2.39
N ALA A 54 7.28 19.48 1.57
CA ALA A 54 5.89 19.72 1.95
C ALA A 54 5.05 18.45 1.78
N ASP A 55 4.42 18.03 2.86
CA ASP A 55 3.58 16.84 2.84
C ASP A 55 2.79 16.75 1.54
N ILE A 56 2.99 15.67 0.79
CA ILE A 56 2.30 15.47 -0.47
C ILE A 56 1.21 14.41 -0.35
N PRO A 57 0.01 14.73 -0.83
CA PRO A 57 -1.13 13.81 -0.78
C PRO A 57 -0.97 12.63 -1.73
N LEU A 58 -0.77 11.44 -1.16
CA LEU A 58 -0.59 10.23 -1.95
C LEU A 58 -1.73 9.25 -1.71
N GLU A 59 -2.13 8.53 -2.76
CA GLU A 59 -3.20 7.55 -2.65
C GLU A 59 -2.67 6.14 -2.87
N LEU A 60 -2.64 5.35 -1.81
CA LEU A 60 -2.17 3.97 -1.89
C LEU A 60 -3.33 2.99 -1.87
N VAL A 61 -3.31 2.04 -2.81
CA VAL A 61 -4.36 1.04 -2.90
C VAL A 61 -3.76 -0.38 -2.92
N PHE A 62 -3.84 -1.06 -1.79
CA PHE A 62 -3.32 -2.42 -1.68
C PHE A 62 -4.45 -3.45 -1.75
N HIS A 63 -4.10 -4.67 -2.15
CA HIS A 63 -5.09 -5.73 -2.26
C HIS A 63 -4.47 -7.09 -1.92
N LEU A 64 -4.97 -7.71 -0.86
CA LEU A 64 -4.46 -9.01 -0.43
C LEU A 64 -5.39 -10.13 -0.85
N PRO A 65 -5.08 -10.77 -1.99
CA PRO A 65 -5.87 -11.87 -2.53
C PRO A 65 -5.77 -13.13 -1.67
N VAL A 66 -6.34 -14.22 -2.17
CA VAL A 66 -6.32 -15.50 -1.45
C VAL A 66 -4.94 -16.14 -1.54
N ASN A 67 -4.30 -16.01 -2.69
CA ASN A 67 -2.97 -16.58 -2.90
C ASN A 67 -1.93 -15.88 -2.01
N TYR A 68 -2.00 -14.56 -1.97
CA TYR A 68 -1.06 -13.77 -1.16
C TYR A 68 -0.80 -14.46 0.18
N PRO A 69 0.41 -14.24 0.72
CA PRO A 69 1.43 -13.41 0.07
C PRO A 69 2.00 -14.06 -1.18
N SER A 70 1.84 -15.36 -1.29
CA SER A 70 2.34 -16.11 -2.44
C SER A 70 2.24 -15.26 -3.71
N CYS A 71 1.10 -14.61 -3.90
CA CYS A 71 0.88 -13.76 -5.06
C CYS A 71 1.06 -12.30 -4.72
N LEU A 72 1.54 -11.52 -5.69
CA LEU A 72 1.75 -10.09 -5.49
C LEU A 72 0.43 -9.35 -5.32
N PRO A 73 0.34 -8.56 -4.24
CA PRO A 73 -0.87 -7.78 -3.94
C PRO A 73 -1.09 -6.63 -4.92
N GLY A 74 -2.34 -6.27 -5.12
CA GLY A 74 -2.66 -5.18 -6.05
C GLY A 74 -2.24 -3.83 -5.51
N ILE A 75 -1.20 -3.26 -6.10
CA ILE A 75 -0.70 -1.96 -5.68
C ILE A 75 -0.95 -0.90 -6.74
N SER A 76 -1.44 0.26 -6.31
CA SER A 76 -1.73 1.35 -7.23
C SER A 76 -1.20 2.68 -6.69
N ILE A 77 -0.50 3.43 -7.54
CA ILE A 77 0.06 4.71 -7.14
C ILE A 77 -0.45 5.83 -8.04
N ASN A 78 -1.20 6.75 -7.45
CA ASN A 78 -1.77 7.88 -8.19
C ASN A 78 -2.00 9.08 -7.26
N SER A 79 -1.34 10.19 -7.56
CA SER A 79 -1.48 11.39 -6.77
C SER A 79 -1.88 12.58 -7.63
N GLU A 80 -2.97 13.23 -7.27
CA GLU A 80 -3.46 14.38 -8.02
C GLU A 80 -2.31 15.27 -8.47
N GLN A 81 -1.22 15.24 -7.71
CA GLN A 81 -0.04 16.04 -8.03
C GLN A 81 0.91 15.28 -8.95
N LEU A 82 1.22 14.05 -8.57
CA LEU A 82 2.12 13.20 -9.37
C LEU A 82 1.77 13.30 -10.85
N THR A 83 2.67 12.78 -11.69
CA THR A 83 2.46 12.80 -13.14
C THR A 83 2.07 11.43 -13.65
N ARG A 84 1.38 11.39 -14.78
CA ARG A 84 0.94 10.14 -15.38
C ARG A 84 2.11 9.17 -15.53
N ALA A 85 3.30 9.73 -15.77
CA ALA A 85 4.50 8.90 -15.93
C ALA A 85 5.06 8.49 -14.58
N GLN A 86 5.15 9.44 -13.66
CA GLN A 86 5.68 9.18 -12.33
C GLN A 86 4.78 8.21 -11.56
N CYS A 87 3.52 8.59 -11.40
CA CYS A 87 2.56 7.75 -10.70
C CYS A 87 2.78 6.27 -11.02
N VAL A 88 3.08 5.98 -12.28
CA VAL A 88 3.31 4.62 -12.72
C VAL A 88 4.69 4.13 -12.27
N THR A 89 5.72 4.89 -12.62
CA THR A 89 7.09 4.53 -12.26
C THR A 89 7.16 4.02 -10.83
N VAL A 90 6.50 4.74 -9.92
CA VAL A 90 6.48 4.36 -8.51
C VAL A 90 5.90 2.97 -8.32
N LYS A 91 4.62 2.81 -8.67
CA LYS A 91 3.94 1.53 -8.53
C LYS A 91 4.80 0.40 -9.07
N GLU A 92 5.24 0.54 -10.32
CA GLU A 92 6.07 -0.48 -10.96
C GLU A 92 7.19 -0.92 -10.01
N LYS A 93 7.81 0.03 -9.34
CA LYS A 93 8.89 -0.26 -8.42
C LYS A 93 8.40 -1.09 -7.24
N LEU A 94 7.37 -0.57 -6.55
CA LEU A 94 6.79 -1.27 -5.41
C LEU A 94 6.61 -2.75 -5.70
N LEU A 95 6.11 -3.06 -6.89
CA LEU A 95 5.89 -4.45 -7.30
C LEU A 95 7.19 -5.25 -7.24
N GLU A 96 8.21 -4.74 -7.92
CA GLU A 96 9.51 -5.40 -7.95
C GLU A 96 10.00 -5.71 -6.55
N GLN A 97 9.99 -4.70 -5.68
CA GLN A 97 10.43 -4.86 -4.31
C GLN A 97 9.58 -5.89 -3.57
N ALA A 98 8.26 -5.76 -3.71
CA ALA A 98 7.32 -6.67 -3.06
C ALA A 98 7.86 -8.10 -3.10
N GLU A 99 8.21 -8.57 -4.28
CA GLU A 99 8.74 -9.92 -4.45
C GLU A 99 9.73 -10.25 -3.34
N SER A 100 10.85 -9.55 -3.33
CA SER A 100 11.89 -9.77 -2.32
C SER A 100 11.28 -9.83 -0.93
N LEU A 101 10.22 -9.07 -0.72
CA LEU A 101 9.54 -9.04 0.57
C LEU A 101 8.32 -9.95 0.58
N LEU A 102 8.44 -11.08 -0.10
CA LEU A 102 7.34 -12.04 -0.17
C LEU A 102 7.09 -12.70 1.19
N SER A 103 6.10 -13.58 1.25
CA SER A 103 5.76 -14.27 2.49
C SER A 103 6.01 -13.37 3.69
N GLU A 104 5.62 -12.11 3.57
CA GLU A 104 5.81 -11.15 4.66
C GLU A 104 4.97 -9.89 4.41
N PRO A 105 4.73 -9.13 5.49
CA PRO A 105 3.94 -7.89 5.41
C PRO A 105 4.68 -6.78 4.67
N MET A 106 4.49 -6.72 3.36
CA MET A 106 5.13 -5.69 2.54
C MET A 106 4.25 -4.47 2.41
N VAL A 107 2.94 -4.65 2.60
CA VAL A 107 2.00 -3.55 2.52
C VAL A 107 2.48 -2.33 3.31
N HIS A 108 2.71 -2.54 4.60
CA HIS A 108 3.16 -1.46 5.47
C HIS A 108 4.58 -1.03 5.10
N GLU A 109 5.53 -1.95 5.23
CA GLU A 109 6.93 -1.67 4.91
C GLU A 109 7.02 -0.75 3.69
N LEU A 110 6.38 -1.15 2.61
CA LEU A 110 6.39 -0.37 1.37
C LEU A 110 5.94 1.07 1.64
N VAL A 111 4.79 1.22 2.28
CA VAL A 111 4.26 2.54 2.61
C VAL A 111 5.34 3.45 3.16
N LEU A 112 6.13 2.92 4.09
CA LEU A 112 7.21 3.69 4.71
C LEU A 112 8.40 3.79 3.78
N TRP A 113 8.67 2.72 3.03
CA TRP A 113 9.79 2.69 2.10
C TRP A 113 9.67 3.82 1.08
N ILE A 114 8.52 3.89 0.41
CA ILE A 114 8.28 4.91 -0.59
C ILE A 114 8.25 6.30 0.03
N GLN A 115 7.50 6.43 1.12
CA GLN A 115 7.39 7.71 1.82
C GLN A 115 8.72 8.45 1.83
N GLN A 116 9.80 7.72 2.09
CA GLN A 116 11.13 8.31 2.12
C GLN A 116 11.82 8.16 0.77
N ASN A 117 11.82 6.95 0.23
CA ASN A 117 12.45 6.68 -1.06
C ASN A 117 11.50 7.04 -2.21
N LEU A 118 10.78 8.14 -2.05
CA LEU A 118 9.84 8.59 -3.07
C LEU A 118 10.55 9.44 -4.13
N ARG A 119 11.49 10.26 -3.68
CA ARG A 119 12.25 11.12 -4.58
C ARG A 119 13.43 10.38 -5.18
N HIS A 120 14.10 9.57 -4.35
CA HIS A 120 15.26 8.81 -4.80
C HIS A 120 14.91 7.98 -6.03
N ILE A 121 13.74 7.36 -6.02
CA ILE A 121 13.29 6.54 -7.13
C ILE A 121 13.02 7.38 -8.37
N LEU A 122 12.04 8.27 -8.26
CA LEU A 122 11.68 9.15 -9.37
C LEU A 122 12.92 9.82 -9.96
N SER A 123 13.65 10.53 -9.11
CA SER A 123 14.86 11.23 -9.55
C SER A 123 14.56 12.16 -10.71
N GLN A 124 13.45 12.86 -10.62
CA GLN A 124 13.05 13.80 -11.67
C GLN A 124 12.06 14.83 -11.13
N PRO A 125 12.19 16.08 -11.63
CA PRO A 125 11.32 17.18 -11.22
C PRO A 125 9.89 17.01 -11.71
N GLU A 126 9.01 17.91 -11.28
CA GLU A 126 7.61 17.87 -11.67
C GLU A 126 7.42 18.48 -13.06
N THR A 127 7.14 17.63 -14.05
CA THR A 127 6.94 18.09 -15.42
C THR A 127 5.63 18.86 -15.54
N GLY A 128 4.58 18.36 -14.89
CA GLY A 128 3.29 19.01 -14.95
C GLY A 128 2.87 19.35 -16.38
N GLY A 1 -16.35 -13.22 13.81
CA GLY A 1 -15.12 -12.52 13.50
C GLY A 1 -13.90 -13.40 13.63
N SER A 2 -13.21 -13.29 14.76
CA SER A 2 -12.01 -14.07 15.01
C SER A 2 -12.16 -15.49 14.46
N SER A 3 -13.14 -16.22 14.98
CA SER A 3 -13.39 -17.59 14.54
C SER A 3 -14.86 -17.78 14.18
N GLY A 4 -15.15 -18.87 13.48
CA GLY A 4 -16.52 -19.15 13.08
C GLY A 4 -16.60 -19.96 11.79
N SER A 5 -17.65 -19.73 11.02
CA SER A 5 -17.83 -20.45 9.76
C SER A 5 -16.58 -20.35 8.89
N SER A 6 -16.17 -19.13 8.60
CA SER A 6 -14.98 -18.91 7.78
C SER A 6 -14.26 -17.62 8.19
N GLY A 7 -13.04 -17.77 8.69
CA GLY A 7 -12.27 -16.61 9.11
C GLY A 7 -11.35 -16.10 8.03
N MET A 8 -10.48 -15.15 8.39
CA MET A 8 -9.55 -14.58 7.42
C MET A 8 -8.14 -15.13 7.64
N ALA A 9 -7.35 -15.13 6.58
CA ALA A 9 -5.97 -15.63 6.65
C ALA A 9 -5.28 -15.15 7.93
N GLU A 10 -4.42 -16.00 8.48
CA GLU A 10 -3.70 -15.66 9.70
C GLU A 10 -2.98 -14.33 9.57
N PRO A 11 -2.08 -14.24 8.57
CA PRO A 11 -1.31 -13.03 8.31
C PRO A 11 -2.17 -11.90 7.76
N VAL A 12 -3.03 -12.24 6.80
CA VAL A 12 -3.92 -11.26 6.18
C VAL A 12 -4.75 -10.53 7.23
N GLN A 13 -5.38 -11.30 8.11
CA GLN A 13 -6.21 -10.73 9.17
C GLN A 13 -5.39 -9.81 10.07
N GLU A 14 -4.21 -10.27 10.46
CA GLU A 14 -3.33 -9.48 11.32
C GLU A 14 -2.92 -8.18 10.63
N GLU A 15 -2.42 -8.29 9.41
CA GLU A 15 -2.00 -7.13 8.64
C GLU A 15 -3.05 -6.02 8.71
N LEU A 16 -4.31 -6.41 8.57
CA LEU A 16 -5.41 -5.44 8.61
C LEU A 16 -5.53 -4.82 10.00
N SER A 17 -5.55 -5.66 11.02
CA SER A 17 -5.67 -5.20 12.39
C SER A 17 -4.50 -4.29 12.76
N VAL A 18 -3.29 -4.85 12.72
CA VAL A 18 -2.09 -4.09 13.04
C VAL A 18 -2.11 -2.72 12.39
N LEU A 19 -2.18 -2.69 11.07
CA LEU A 19 -2.21 -1.45 10.31
C LEU A 19 -3.25 -0.50 10.88
N ALA A 20 -4.36 -1.05 11.37
CA ALA A 20 -5.43 -0.25 11.95
C ALA A 20 -4.89 0.69 13.02
N ALA A 21 -3.89 0.22 13.76
CA ALA A 21 -3.29 1.01 14.83
C ALA A 21 -2.55 2.21 14.25
N ILE A 22 -1.62 1.95 13.33
CA ILE A 22 -0.85 3.02 12.72
C ILE A 22 -1.75 4.01 11.98
N PHE A 23 -2.69 3.46 11.21
CA PHE A 23 -3.62 4.29 10.46
C PHE A 23 -4.82 4.70 11.32
N CYS A 24 -4.83 4.22 12.56
CA CYS A 24 -5.92 4.53 13.48
C CYS A 24 -6.32 6.00 13.37
N ARG A 25 -5.35 6.86 13.11
CA ARG A 25 -5.60 8.29 12.99
C ARG A 25 -6.95 8.54 12.30
N PRO A 26 -7.56 9.70 12.62
CA PRO A 26 -8.84 10.09 12.05
C PRO A 26 -8.75 10.44 10.58
N HIS A 27 -9.66 9.89 9.77
CA HIS A 27 -9.67 10.14 8.34
C HIS A 27 -8.38 9.65 7.69
N GLU A 28 -7.74 8.68 8.32
CA GLU A 28 -6.50 8.12 7.81
C GLU A 28 -6.66 6.64 7.44
N TRP A 29 -7.49 5.95 8.22
CA TRP A 29 -7.74 4.53 7.99
C TRP A 29 -9.11 4.32 7.35
N GLU A 30 -9.11 3.80 6.12
CA GLU A 30 -10.35 3.55 5.40
C GLU A 30 -10.26 2.24 4.62
N VAL A 31 -11.28 1.39 4.79
CA VAL A 31 -11.33 0.11 4.11
C VAL A 31 -12.55 0.01 3.20
N LEU A 32 -12.32 0.04 1.89
CA LEU A 32 -13.40 -0.04 0.92
C LEU A 32 -14.29 -1.25 1.20
N SER A 33 -13.72 -2.44 1.07
CA SER A 33 -14.45 -3.67 1.30
C SER A 33 -13.51 -4.78 1.77
N ARG A 34 -14.03 -5.64 2.64
CA ARG A 34 -13.24 -6.75 3.17
C ARG A 34 -14.06 -8.04 3.21
N SER A 35 -13.62 -9.04 2.46
CA SER A 35 -14.33 -10.32 2.40
C SER A 35 -13.46 -11.43 2.98
N GLU A 36 -14.10 -12.55 3.31
CA GLU A 36 -13.40 -13.69 3.89
C GLU A 36 -12.47 -14.33 2.86
N THR A 37 -12.97 -14.51 1.64
CA THR A 37 -12.18 -15.10 0.57
C THR A 37 -12.29 -14.28 -0.71
N ASP A 38 -13.48 -13.76 -0.97
CA ASP A 38 -13.71 -12.95 -2.17
C ASP A 38 -12.54 -12.01 -2.43
N GLY A 39 -11.86 -11.62 -1.35
CA GLY A 39 -10.72 -10.72 -1.48
C GLY A 39 -10.87 -9.48 -0.63
N THR A 40 -9.75 -9.01 -0.07
CA THR A 40 -9.75 -7.82 0.76
C THR A 40 -9.19 -6.61 0.02
N VAL A 41 -9.99 -5.56 -0.07
CA VAL A 41 -9.56 -4.35 -0.77
C VAL A 41 -9.74 -3.11 0.13
N PHE A 42 -8.65 -2.40 0.36
CA PHE A 42 -8.68 -1.20 1.20
C PHE A 42 -7.84 -0.09 0.58
N ARG A 43 -8.12 1.15 0.99
CA ARG A 43 -7.39 2.31 0.49
C ARG A 43 -7.22 3.36 1.57
N ILE A 44 -5.97 3.73 1.84
CA ILE A 44 -5.68 4.73 2.85
C ILE A 44 -4.85 5.88 2.27
N HIS A 45 -5.04 7.07 2.82
CA HIS A 45 -4.31 8.26 2.36
C HIS A 45 -3.04 8.46 3.17
N THR A 46 -1.94 8.74 2.48
CA THR A 46 -0.65 8.95 3.13
C THR A 46 0.07 10.16 2.54
N LYS A 47 0.89 10.81 3.36
CA LYS A 47 1.65 11.98 2.91
C LYS A 47 3.14 11.72 2.99
N ALA A 48 3.82 11.81 1.85
CA ALA A 48 5.26 11.58 1.79
C ALA A 48 6.02 12.91 1.68
N GLU A 49 7.30 12.87 2.03
CA GLU A 49 8.13 14.07 1.97
C GLU A 49 8.16 14.64 0.55
N GLY A 50 7.28 15.60 0.28
CA GLY A 50 7.23 16.21 -1.03
C GLY A 50 8.60 16.39 -1.65
N PHE A 51 8.66 16.40 -2.98
CA PHE A 51 9.92 16.56 -3.69
C PHE A 51 10.67 17.79 -3.18
N MET A 52 9.93 18.81 -2.77
CA MET A 52 10.52 20.04 -2.27
C MET A 52 10.09 20.30 -0.82
N ASP A 53 9.99 19.23 -0.04
CA ASP A 53 9.60 19.35 1.36
C ASP A 53 8.18 19.89 1.48
N ALA A 54 7.24 19.25 0.81
CA ALA A 54 5.84 19.67 0.84
C ALA A 54 4.90 18.47 0.76
N ASP A 55 4.26 18.17 1.89
CA ASP A 55 3.33 17.05 1.95
C ASP A 55 2.59 16.87 0.62
N ILE A 56 2.60 15.66 0.10
CA ILE A 56 1.93 15.36 -1.17
C ILE A 56 0.83 14.32 -0.98
N PRO A 57 -0.31 14.55 -1.65
CA PRO A 57 -1.46 13.64 -1.56
C PRO A 57 -1.20 12.32 -2.27
N LEU A 58 -0.67 11.35 -1.52
CA LEU A 58 -0.37 10.03 -2.07
C LEU A 58 -1.47 9.03 -1.72
N GLU A 59 -1.95 8.32 -2.73
CA GLU A 59 -3.01 7.33 -2.53
C GLU A 59 -2.52 5.93 -2.89
N LEU A 60 -2.43 5.05 -1.90
CA LEU A 60 -1.97 3.68 -2.12
C LEU A 60 -3.12 2.69 -1.92
N VAL A 61 -3.41 1.92 -2.96
CA VAL A 61 -4.47 0.93 -2.90
C VAL A 61 -3.92 -0.49 -2.97
N PHE A 62 -3.84 -1.15 -1.81
CA PHE A 62 -3.32 -2.50 -1.73
C PHE A 62 -4.46 -3.52 -1.83
N HIS A 63 -4.22 -4.59 -2.58
CA HIS A 63 -5.22 -5.64 -2.76
C HIS A 63 -4.69 -6.98 -2.27
N LEU A 64 -5.40 -7.59 -1.32
CA LEU A 64 -4.99 -8.88 -0.77
C LEU A 64 -5.86 -10.01 -1.34
N PRO A 65 -5.32 -10.72 -2.34
CA PRO A 65 -6.02 -11.83 -2.99
C PRO A 65 -6.15 -13.04 -2.06
N VAL A 66 -6.52 -14.18 -2.64
CA VAL A 66 -6.68 -15.40 -1.88
C VAL A 66 -5.37 -16.19 -1.80
N ASN A 67 -4.47 -15.92 -2.74
CA ASN A 67 -3.18 -16.59 -2.78
C ASN A 67 -2.25 -16.02 -1.72
N TYR A 68 -2.20 -14.70 -1.62
CA TYR A 68 -1.35 -14.03 -0.65
C TYR A 68 -1.27 -14.83 0.65
N PRO A 69 -0.10 -14.80 1.29
CA PRO A 69 1.06 -14.06 0.79
C PRO A 69 1.66 -14.69 -0.47
N SER A 70 1.01 -15.73 -0.96
CA SER A 70 1.47 -16.44 -2.15
C SER A 70 1.10 -15.66 -3.41
N CYS A 71 1.28 -14.35 -3.37
CA CYS A 71 0.95 -13.49 -4.50
C CYS A 71 1.35 -12.05 -4.24
N LEU A 72 1.53 -11.27 -5.30
CA LEU A 72 1.92 -9.88 -5.19
C LEU A 72 0.69 -8.98 -5.02
N PRO A 73 0.73 -8.11 -4.00
CA PRO A 73 -0.37 -7.18 -3.72
C PRO A 73 -0.50 -6.09 -4.77
N GLY A 74 -1.72 -5.88 -5.26
CA GLY A 74 -1.95 -4.86 -6.27
C GLY A 74 -1.78 -3.45 -5.73
N ILE A 75 -0.73 -2.78 -6.18
CA ILE A 75 -0.46 -1.41 -5.73
C ILE A 75 -0.78 -0.41 -6.83
N SER A 76 -1.61 0.58 -6.49
CA SER A 76 -1.99 1.61 -7.46
C SER A 76 -1.75 2.99 -6.89
N ILE A 77 -0.71 3.67 -7.40
CA ILE A 77 -0.37 5.01 -6.95
C ILE A 77 -0.97 6.06 -7.86
N ASN A 78 -1.92 6.83 -7.33
CA ASN A 78 -2.57 7.89 -8.09
C ASN A 78 -2.68 9.17 -7.27
N SER A 79 -2.08 10.24 -7.78
CA SER A 79 -2.09 11.53 -7.09
C SER A 79 -2.62 12.63 -8.02
N GLU A 80 -3.35 13.57 -7.45
CA GLU A 80 -3.90 14.68 -8.22
C GLU A 80 -2.78 15.50 -8.86
N GLN A 81 -1.63 15.53 -8.20
CA GLN A 81 -0.48 16.28 -8.72
C GLN A 81 0.32 15.45 -9.70
N LEU A 82 0.77 14.27 -9.24
CA LEU A 82 1.55 13.37 -10.08
C LEU A 82 0.80 13.01 -11.35
N THR A 83 1.54 12.67 -12.40
CA THR A 83 0.95 12.30 -13.68
C THR A 83 0.99 10.80 -13.89
N ARG A 84 0.27 10.33 -14.91
CA ARG A 84 0.22 8.91 -15.21
C ARG A 84 1.62 8.32 -15.34
N ALA A 85 2.48 9.00 -16.11
CA ALA A 85 3.85 8.55 -16.30
C ALA A 85 4.58 8.42 -14.97
N GLN A 86 4.85 9.55 -14.33
CA GLN A 86 5.54 9.56 -13.06
C GLN A 86 5.02 8.47 -12.14
N CYS A 87 3.72 8.52 -11.85
CA CYS A 87 3.09 7.53 -10.98
C CYS A 87 3.54 6.12 -11.35
N VAL A 88 3.27 5.72 -12.59
CA VAL A 88 3.65 4.39 -13.06
C VAL A 88 5.01 3.98 -12.53
N THR A 89 5.99 4.88 -12.65
CA THR A 89 7.33 4.61 -12.17
C THR A 89 7.33 4.14 -10.72
N VAL A 90 6.64 4.89 -9.86
CA VAL A 90 6.54 4.54 -8.45
C VAL A 90 6.04 3.11 -8.27
N LYS A 91 4.81 2.86 -8.69
CA LYS A 91 4.21 1.54 -8.58
C LYS A 91 5.22 0.45 -8.95
N GLU A 92 5.76 0.54 -10.16
CA GLU A 92 6.73 -0.43 -10.64
C GLU A 92 7.80 -0.69 -9.58
N LYS A 93 8.43 0.37 -9.10
CA LYS A 93 9.46 0.26 -8.08
C LYS A 93 8.99 -0.59 -6.91
N LEU A 94 7.77 -0.32 -6.44
CA LEU A 94 7.19 -1.06 -5.33
C LEU A 94 7.06 -2.54 -5.66
N LEU A 95 6.28 -2.84 -6.71
CA LEU A 95 6.07 -4.21 -7.14
C LEU A 95 7.40 -4.97 -7.21
N GLU A 96 8.42 -4.32 -7.77
CA GLU A 96 9.74 -4.94 -7.90
C GLU A 96 10.25 -5.39 -6.55
N GLN A 97 10.11 -4.54 -5.54
CA GLN A 97 10.56 -4.86 -4.19
C GLN A 97 9.67 -5.91 -3.55
N ALA A 98 8.36 -5.77 -3.72
CA ALA A 98 7.39 -6.70 -3.16
C ALA A 98 7.91 -8.13 -3.23
N GLU A 99 8.19 -8.59 -4.45
CA GLU A 99 8.68 -9.95 -4.67
C GLU A 99 9.68 -10.33 -3.57
N SER A 100 10.75 -9.54 -3.45
CA SER A 100 11.78 -9.81 -2.45
C SER A 100 11.17 -9.88 -1.05
N LEU A 101 10.12 -9.10 -0.83
CA LEU A 101 9.44 -9.08 0.46
C LEU A 101 8.24 -10.02 0.47
N LEU A 102 8.37 -11.14 -0.22
CA LEU A 102 7.30 -12.13 -0.30
C LEU A 102 7.11 -12.83 1.04
N SER A 103 6.14 -13.73 1.10
CA SER A 103 5.87 -14.48 2.33
C SER A 103 6.05 -13.59 3.56
N GLU A 104 5.76 -12.30 3.39
CA GLU A 104 5.90 -11.35 4.49
C GLU A 104 5.02 -10.12 4.26
N PRO A 105 4.75 -9.37 5.34
CA PRO A 105 3.93 -8.16 5.28
C PRO A 105 4.62 -7.02 4.53
N MET A 106 4.46 -7.00 3.22
CA MET A 106 5.06 -5.96 2.39
C MET A 106 4.22 -4.68 2.41
N VAL A 107 2.92 -4.84 2.22
CA VAL A 107 2.00 -3.71 2.20
C VAL A 107 2.45 -2.63 3.19
N HIS A 108 2.70 -3.03 4.42
CA HIS A 108 3.15 -2.10 5.46
C HIS A 108 4.53 -1.53 5.11
N GLU A 109 5.55 -2.34 5.28
CA GLU A 109 6.92 -1.91 4.99
C GLU A 109 6.95 -1.02 3.76
N LEU A 110 6.57 -1.58 2.62
CA LEU A 110 6.56 -0.83 1.37
C LEU A 110 6.18 0.63 1.61
N VAL A 111 5.10 0.84 2.37
CA VAL A 111 4.63 2.18 2.68
C VAL A 111 5.75 3.03 3.28
N LEU A 112 6.31 2.57 4.40
CA LEU A 112 7.38 3.28 5.06
C LEU A 112 8.61 3.40 4.16
N TRP A 113 8.74 2.46 3.23
CA TRP A 113 9.86 2.46 2.30
C TRP A 113 9.76 3.62 1.31
N ILE A 114 8.75 3.58 0.46
CA ILE A 114 8.54 4.62 -0.53
C ILE A 114 8.32 5.98 0.14
N GLN A 115 7.37 6.01 1.08
CA GLN A 115 7.04 7.24 1.80
C GLN A 115 8.29 8.08 2.02
N GLN A 116 9.42 7.41 2.30
CA GLN A 116 10.68 8.10 2.53
C GLN A 116 11.53 8.13 1.26
N ASN A 117 11.62 6.99 0.59
CA ASN A 117 12.39 6.88 -0.64
C ASN A 117 11.53 7.19 -1.86
N LEU A 118 10.73 8.25 -1.77
CA LEU A 118 9.85 8.64 -2.86
C LEU A 118 10.56 9.61 -3.80
N ARG A 119 11.36 10.51 -3.23
CA ARG A 119 12.10 11.48 -4.02
C ARG A 119 13.17 10.80 -4.86
N HIS A 120 13.83 9.80 -4.30
CA HIS A 120 14.87 9.07 -5.00
C HIS A 120 14.32 8.39 -6.25
N ILE A 121 13.06 7.99 -6.19
CA ILE A 121 12.40 7.34 -7.31
C ILE A 121 12.60 8.13 -8.60
N LEU A 122 12.29 9.43 -8.54
CA LEU A 122 12.43 10.30 -9.70
C LEU A 122 13.71 11.13 -9.61
N SER A 123 14.79 10.49 -9.16
CA SER A 123 16.07 11.17 -9.02
C SER A 123 17.07 10.68 -10.07
N GLN A 124 17.00 9.38 -10.37
CA GLN A 124 17.89 8.79 -11.36
C GLN A 124 18.18 9.76 -12.49
N PRO A 125 19.42 9.74 -12.99
CA PRO A 125 19.86 10.63 -14.08
C PRO A 125 19.21 10.24 -15.41
N GLU A 126 18.78 11.25 -16.16
CA GLU A 126 18.14 11.02 -17.46
C GLU A 126 19.03 11.51 -18.59
N THR A 127 20.34 11.33 -18.43
CA THR A 127 21.31 11.75 -19.44
C THR A 127 20.92 11.22 -20.82
N GLY A 128 20.99 12.09 -21.82
CA GLY A 128 20.65 11.68 -23.17
C GLY A 128 20.61 12.86 -24.14
N GLY A 1 -21.00 -19.85 16.88
CA GLY A 1 -22.33 -19.27 16.89
C GLY A 1 -22.46 -18.12 15.92
N SER A 2 -23.08 -17.03 16.38
CA SER A 2 -23.28 -15.86 15.54
C SER A 2 -22.50 -14.67 16.09
N SER A 3 -22.21 -13.70 15.22
CA SER A 3 -21.46 -12.51 15.62
C SER A 3 -20.34 -12.87 16.59
N GLY A 4 -19.54 -13.86 16.22
CA GLY A 4 -18.44 -14.28 17.07
C GLY A 4 -17.15 -14.44 16.30
N SER A 5 -17.13 -15.38 15.36
CA SER A 5 -15.93 -15.63 14.56
C SER A 5 -16.10 -15.08 13.14
N SER A 6 -15.05 -15.18 12.35
CA SER A 6 -15.08 -14.69 10.97
C SER A 6 -14.08 -15.45 10.09
N GLY A 7 -14.25 -15.34 8.78
CA GLY A 7 -13.36 -16.03 7.86
C GLY A 7 -12.29 -15.11 7.30
N MET A 8 -11.12 -15.10 7.92
CA MET A 8 -10.02 -14.26 7.48
C MET A 8 -8.69 -14.98 7.63
N ALA A 9 -7.76 -14.72 6.72
CA ALA A 9 -6.45 -15.36 6.75
C ALA A 9 -5.65 -14.87 7.95
N GLU A 10 -4.73 -15.72 8.43
CA GLU A 10 -3.90 -15.38 9.58
C GLU A 10 -3.06 -14.14 9.29
N PRO A 11 -2.21 -14.22 8.25
CA PRO A 11 -1.34 -13.11 7.86
C PRO A 11 -2.11 -11.96 7.26
N VAL A 12 -3.23 -12.27 6.62
CA VAL A 12 -4.06 -11.24 5.99
C VAL A 12 -4.82 -10.44 7.04
N GLN A 13 -5.24 -11.10 8.10
CA GLN A 13 -5.97 -10.45 9.17
C GLN A 13 -5.04 -9.62 10.05
N GLU A 14 -3.98 -10.25 10.53
CA GLU A 14 -3.01 -9.57 11.39
C GLU A 14 -2.61 -8.22 10.78
N GLU A 15 -2.33 -8.22 9.48
CA GLU A 15 -1.94 -7.01 8.79
C GLU A 15 -3.01 -5.92 8.94
N LEU A 16 -4.16 -6.15 8.33
CA LEU A 16 -5.26 -5.20 8.39
C LEU A 16 -5.45 -4.68 9.82
N SER A 17 -5.30 -5.57 10.80
CA SER A 17 -5.45 -5.20 12.20
C SER A 17 -4.40 -4.17 12.60
N VAL A 18 -3.14 -4.45 12.27
CA VAL A 18 -2.05 -3.55 12.59
C VAL A 18 -2.18 -2.22 11.84
N LEU A 19 -2.37 -2.33 10.53
CA LEU A 19 -2.51 -1.13 9.69
C LEU A 19 -3.43 -0.11 10.35
N ALA A 20 -4.63 -0.56 10.73
CA ALA A 20 -5.61 0.31 11.37
C ALA A 20 -4.99 1.05 12.56
N ALA A 21 -4.00 0.42 13.18
CA ALA A 21 -3.32 1.01 14.33
C ALA A 21 -2.33 2.09 13.89
N ILE A 22 -1.45 1.73 12.97
CA ILE A 22 -0.45 2.66 12.47
C ILE A 22 -1.05 4.04 12.25
N PHE A 23 -2.26 4.08 11.70
CA PHE A 23 -2.94 5.34 11.43
C PHE A 23 -3.96 5.64 12.53
N CYS A 24 -4.42 4.60 13.21
CA CYS A 24 -5.40 4.75 14.29
C CYS A 24 -6.36 5.89 13.98
N ARG A 25 -6.68 6.06 12.71
CA ARG A 25 -7.59 7.12 12.29
C ARG A 25 -8.68 6.58 11.36
N PRO A 26 -9.89 7.13 11.49
CA PRO A 26 -11.04 6.71 10.67
C PRO A 26 -10.90 7.12 9.21
N HIS A 27 -10.55 8.40 8.99
CA HIS A 27 -10.37 8.92 7.64
C HIS A 27 -9.11 8.35 6.99
N GLU A 28 -8.09 8.12 7.81
CA GLU A 28 -6.83 7.58 7.33
C GLU A 28 -6.96 6.10 6.99
N TRP A 29 -8.11 5.52 7.32
CA TRP A 29 -8.36 4.11 7.04
C TRP A 29 -9.75 3.92 6.43
N GLU A 30 -9.77 3.52 5.16
CA GLU A 30 -11.03 3.30 4.46
C GLU A 30 -10.99 1.97 3.69
N VAL A 31 -11.62 0.95 4.26
CA VAL A 31 -11.67 -0.36 3.63
C VAL A 31 -12.71 -0.41 2.52
N LEU A 32 -12.27 -0.15 1.30
CA LEU A 32 -13.17 -0.16 0.14
C LEU A 32 -14.10 -1.37 0.19
N SER A 33 -13.54 -2.54 -0.04
CA SER A 33 -14.32 -3.78 -0.02
C SER A 33 -13.55 -4.90 0.67
N ARG A 34 -14.27 -5.94 1.06
CA ARG A 34 -13.65 -7.09 1.74
C ARG A 34 -14.28 -8.39 1.27
N SER A 35 -13.50 -9.18 0.54
CA SER A 35 -13.98 -10.47 0.03
C SER A 35 -13.18 -11.62 0.62
N GLU A 36 -13.71 -12.83 0.49
CA GLU A 36 -13.04 -14.02 1.00
C GLU A 36 -12.31 -14.76 -0.11
N THR A 37 -12.96 -14.88 -1.27
CA THR A 37 -12.38 -15.56 -2.41
C THR A 37 -11.82 -14.57 -3.41
N ASP A 38 -12.55 -13.48 -3.64
CA ASP A 38 -12.12 -12.45 -4.58
C ASP A 38 -10.85 -11.76 -4.09
N GLY A 39 -10.82 -11.44 -2.81
CA GLY A 39 -9.65 -10.78 -2.24
C GLY A 39 -10.02 -9.53 -1.46
N THR A 40 -9.12 -9.09 -0.59
CA THR A 40 -9.36 -7.91 0.23
C THR A 40 -8.83 -6.65 -0.46
N VAL A 41 -9.72 -5.68 -0.65
CA VAL A 41 -9.35 -4.43 -1.31
C VAL A 41 -9.60 -3.24 -0.38
N PHE A 42 -8.54 -2.46 -0.13
CA PHE A 42 -8.64 -1.30 0.74
C PHE A 42 -7.73 -0.18 0.25
N ARG A 43 -8.05 1.05 0.63
CA ARG A 43 -7.26 2.21 0.24
C ARG A 43 -7.17 3.22 1.38
N ILE A 44 -5.96 3.68 1.65
CA ILE A 44 -5.73 4.65 2.72
C ILE A 44 -4.94 5.86 2.20
N HIS A 45 -5.17 7.01 2.82
CA HIS A 45 -4.48 8.24 2.43
C HIS A 45 -3.16 8.38 3.18
N THR A 46 -2.08 8.61 2.44
CA THR A 46 -0.76 8.76 3.03
C THR A 46 0.04 9.85 2.33
N LYS A 47 0.90 10.52 3.09
CA LYS A 47 1.73 11.60 2.54
C LYS A 47 3.21 11.30 2.75
N ALA A 48 4.03 11.67 1.76
CA ALA A 48 5.46 11.44 1.84
C ALA A 48 6.21 12.74 2.12
N GLU A 49 7.52 12.64 2.30
CA GLU A 49 8.34 13.82 2.58
C GLU A 49 8.33 14.78 1.40
N GLY A 50 7.76 14.35 0.28
CA GLY A 50 7.70 15.18 -0.89
C GLY A 50 9.06 15.72 -1.30
N PHE A 51 9.11 16.37 -2.45
CA PHE A 51 10.36 16.94 -2.95
C PHE A 51 10.62 18.32 -2.36
N MET A 52 9.59 19.17 -2.38
CA MET A 52 9.71 20.52 -1.84
C MET A 52 9.48 20.53 -0.34
N ASP A 53 10.02 19.53 0.35
CA ASP A 53 9.87 19.42 1.79
C ASP A 53 8.42 19.66 2.21
N ALA A 54 7.50 19.08 1.45
CA ALA A 54 6.08 19.22 1.73
C ALA A 54 5.38 17.87 1.74
N ASP A 55 4.18 17.84 2.31
CA ASP A 55 3.41 16.60 2.39
C ASP A 55 2.50 16.45 1.17
N ILE A 56 2.88 15.56 0.26
CA ILE A 56 2.11 15.33 -0.95
C ILE A 56 1.08 14.22 -0.73
N PRO A 57 -0.13 14.43 -1.27
CA PRO A 57 -1.24 13.46 -1.14
C PRO A 57 -0.98 12.20 -1.97
N LEU A 58 -0.56 11.14 -1.29
CA LEU A 58 -0.29 9.87 -1.94
C LEU A 58 -1.37 8.85 -1.64
N GLU A 59 -1.71 8.03 -2.62
CA GLU A 59 -2.73 7.00 -2.46
C GLU A 59 -2.14 5.61 -2.64
N LEU A 60 -2.17 4.81 -1.59
CA LEU A 60 -1.64 3.45 -1.62
C LEU A 60 -2.74 2.42 -1.43
N VAL A 61 -3.02 1.66 -2.47
CA VAL A 61 -4.06 0.63 -2.42
C VAL A 61 -3.46 -0.77 -2.50
N PHE A 62 -3.39 -1.45 -1.37
CA PHE A 62 -2.84 -2.80 -1.31
C PHE A 62 -3.95 -3.84 -1.34
N HIS A 63 -3.86 -4.77 -2.28
CA HIS A 63 -4.86 -5.83 -2.40
C HIS A 63 -4.30 -7.17 -1.92
N LEU A 64 -4.87 -7.69 -0.84
CA LEU A 64 -4.43 -8.96 -0.29
C LEU A 64 -5.37 -10.09 -0.69
N PRO A 65 -4.99 -10.84 -1.73
CA PRO A 65 -5.79 -11.96 -2.24
C PRO A 65 -5.80 -13.15 -1.28
N VAL A 66 -6.26 -14.29 -1.76
CA VAL A 66 -6.32 -15.49 -0.95
C VAL A 66 -5.03 -16.30 -1.05
N ASN A 67 -4.18 -15.92 -1.99
CA ASN A 67 -2.91 -16.60 -2.19
C ASN A 67 -1.79 -15.92 -1.40
N TYR A 68 -1.90 -14.62 -1.25
CA TYR A 68 -0.89 -13.85 -0.51
C TYR A 68 -0.63 -14.47 0.86
N PRO A 69 0.60 -14.31 1.35
CA PRO A 69 1.65 -13.58 0.64
C PRO A 69 2.14 -14.33 -0.60
N SER A 70 1.83 -15.62 -0.66
CA SER A 70 2.24 -16.45 -1.79
C SER A 70 2.23 -15.65 -3.09
N CYS A 71 1.15 -14.91 -3.31
CA CYS A 71 1.02 -14.09 -4.51
C CYS A 71 1.21 -12.62 -4.20
N LEU A 72 1.66 -11.86 -5.19
CA LEU A 72 1.88 -10.42 -5.02
C LEU A 72 0.57 -9.66 -4.96
N PRO A 73 0.45 -8.75 -3.99
CA PRO A 73 -0.76 -7.93 -3.82
C PRO A 73 -0.95 -6.92 -4.95
N GLY A 74 -2.10 -6.25 -4.95
CA GLY A 74 -2.38 -5.27 -5.98
C GLY A 74 -2.03 -3.86 -5.54
N ILE A 75 -0.78 -3.46 -5.77
CA ILE A 75 -0.32 -2.13 -5.41
C ILE A 75 -0.68 -1.11 -6.47
N SER A 76 -1.19 0.04 -6.03
CA SER A 76 -1.58 1.10 -6.95
C SER A 76 -1.15 2.46 -6.41
N ILE A 77 -0.72 3.34 -7.31
CA ILE A 77 -0.28 4.68 -6.94
C ILE A 77 -0.98 5.75 -7.76
N ASN A 78 -1.54 6.74 -7.09
CA ASN A 78 -2.24 7.83 -7.78
C ASN A 78 -2.29 9.08 -6.90
N SER A 79 -1.71 10.16 -7.40
CA SER A 79 -1.69 11.42 -6.67
C SER A 79 -2.25 12.56 -7.51
N GLU A 80 -2.98 13.46 -6.86
CA GLU A 80 -3.59 14.60 -7.56
C GLU A 80 -2.53 15.38 -8.34
N GLN A 81 -1.31 15.39 -7.81
CA GLN A 81 -0.21 16.11 -8.46
C GLN A 81 0.46 15.23 -9.52
N LEU A 82 0.95 14.07 -9.10
CA LEU A 82 1.60 13.15 -10.03
C LEU A 82 0.75 12.90 -11.26
N THR A 83 1.40 12.69 -12.41
CA THR A 83 0.70 12.45 -13.66
C THR A 83 0.51 10.96 -13.90
N ARG A 84 -0.16 10.63 -15.00
CA ARG A 84 -0.40 9.23 -15.35
C ARG A 84 0.90 8.48 -15.55
N ALA A 85 1.94 9.20 -15.98
CA ALA A 85 3.24 8.60 -16.20
C ALA A 85 3.99 8.38 -14.90
N GLN A 86 3.96 9.40 -14.04
CA GLN A 86 4.64 9.32 -12.74
C GLN A 86 3.99 8.28 -11.84
N CYS A 87 2.69 8.47 -11.58
CA CYS A 87 1.94 7.55 -10.74
C CYS A 87 2.28 6.10 -11.07
N VAL A 88 2.56 5.84 -12.35
CA VAL A 88 2.90 4.50 -12.79
C VAL A 88 4.33 4.13 -12.40
N THR A 89 5.26 5.03 -12.68
CA THR A 89 6.67 4.80 -12.35
C THR A 89 6.82 4.34 -10.90
N VAL A 90 6.23 5.10 -9.98
CA VAL A 90 6.31 4.77 -8.56
C VAL A 90 5.83 3.35 -8.30
N LYS A 91 4.61 3.04 -8.75
CA LYS A 91 4.04 1.71 -8.56
C LYS A 91 5.00 0.63 -9.04
N GLU A 92 5.39 0.70 -10.31
CA GLU A 92 6.31 -0.27 -10.88
C GLU A 92 7.42 -0.62 -9.90
N LYS A 93 8.00 0.41 -9.29
CA LYS A 93 9.08 0.22 -8.32
C LYS A 93 8.60 -0.62 -7.14
N LEU A 94 7.54 -0.17 -6.49
CA LEU A 94 6.97 -0.87 -5.35
C LEU A 94 6.83 -2.36 -5.63
N LEU A 95 6.37 -2.69 -6.84
CA LEU A 95 6.19 -4.08 -7.25
C LEU A 95 7.50 -4.85 -7.09
N GLU A 96 8.58 -4.32 -7.64
CA GLU A 96 9.88 -4.97 -7.56
C GLU A 96 10.21 -5.35 -6.11
N GLN A 97 10.12 -4.38 -5.21
CA GLN A 97 10.40 -4.61 -3.81
C GLN A 97 9.53 -5.73 -3.25
N ALA A 98 8.23 -5.64 -3.50
CA ALA A 98 7.28 -6.64 -3.03
C ALA A 98 7.86 -8.05 -3.19
N GLU A 99 8.11 -8.44 -4.44
CA GLU A 99 8.66 -9.76 -4.73
C GLU A 99 9.65 -10.19 -3.66
N SER A 100 10.76 -9.47 -3.56
CA SER A 100 11.79 -9.77 -2.57
C SER A 100 11.20 -9.84 -1.17
N LEU A 101 10.14 -9.07 -0.95
CA LEU A 101 9.48 -9.02 0.36
C LEU A 101 8.33 -10.03 0.41
N LEU A 102 8.53 -11.18 -0.22
CA LEU A 102 7.51 -12.23 -0.23
C LEU A 102 7.48 -12.98 1.09
N SER A 103 6.33 -13.59 1.39
CA SER A 103 6.17 -14.33 2.63
C SER A 103 6.45 -13.45 3.84
N GLU A 104 5.93 -12.22 3.79
CA GLU A 104 6.11 -11.27 4.89
C GLU A 104 5.23 -10.03 4.70
N PRO A 105 4.87 -9.39 5.81
CA PRO A 105 4.02 -8.19 5.79
C PRO A 105 4.75 -6.98 5.21
N MET A 106 4.64 -6.81 3.89
CA MET A 106 5.28 -5.70 3.21
C MET A 106 4.37 -4.47 3.20
N VAL A 107 3.08 -4.70 3.00
CA VAL A 107 2.10 -3.61 2.97
C VAL A 107 2.53 -2.47 3.88
N HIS A 108 2.64 -2.75 5.17
CA HIS A 108 3.04 -1.74 6.15
C HIS A 108 4.42 -1.17 5.80
N GLU A 109 5.34 -2.06 5.45
CA GLU A 109 6.70 -1.65 5.10
C GLU A 109 6.70 -0.75 3.86
N LEU A 110 6.36 -1.35 2.73
CA LEU A 110 6.32 -0.60 1.46
C LEU A 110 5.88 0.83 1.70
N VAL A 111 4.81 1.01 2.48
CA VAL A 111 4.29 2.33 2.78
C VAL A 111 5.39 3.25 3.31
N LEU A 112 6.09 2.78 4.35
CA LEU A 112 7.16 3.56 4.95
C LEU A 112 8.37 3.65 4.01
N TRP A 113 8.62 2.56 3.28
CA TRP A 113 9.75 2.52 2.35
C TRP A 113 9.67 3.68 1.36
N ILE A 114 8.55 3.78 0.66
CA ILE A 114 8.36 4.84 -0.32
C ILE A 114 8.22 6.20 0.36
N GLN A 115 7.55 6.21 1.51
CA GLN A 115 7.34 7.45 2.27
C GLN A 115 8.65 8.23 2.38
N GLN A 116 9.75 7.51 2.57
CA GLN A 116 11.06 8.14 2.69
C GLN A 116 11.87 7.97 1.41
N ASN A 117 11.96 6.73 0.94
CA ASN A 117 12.72 6.44 -0.27
C ASN A 117 11.93 6.84 -1.52
N LEU A 118 11.36 8.04 -1.49
CA LEU A 118 10.58 8.53 -2.62
C LEU A 118 11.47 9.23 -3.64
N ARG A 119 12.32 10.12 -3.16
CA ARG A 119 13.24 10.86 -4.03
C ARG A 119 14.05 9.90 -4.90
N HIS A 120 14.28 8.69 -4.38
CA HIS A 120 15.05 7.69 -5.12
C HIS A 120 14.27 7.19 -6.33
N ILE A 121 12.95 7.09 -6.18
CA ILE A 121 12.09 6.62 -7.26
C ILE A 121 12.38 7.39 -8.56
N LEU A 122 12.29 8.71 -8.49
CA LEU A 122 12.55 9.55 -9.66
C LEU A 122 14.04 9.85 -9.79
N SER A 123 14.86 8.85 -9.51
CA SER A 123 16.31 9.02 -9.61
C SER A 123 16.72 9.61 -10.95
N GLN A 124 16.25 8.99 -12.03
CA GLN A 124 16.56 9.45 -13.38
C GLN A 124 15.33 10.06 -14.04
N PRO A 125 15.54 11.14 -14.81
CA PRO A 125 14.45 11.83 -15.50
C PRO A 125 13.88 11.00 -16.66
N GLU A 126 12.56 10.86 -16.69
CA GLU A 126 11.90 10.09 -17.73
C GLU A 126 12.32 10.59 -19.11
N THR A 127 12.68 11.86 -19.19
CA THR A 127 13.10 12.45 -20.47
C THR A 127 14.62 12.51 -20.57
N GLY A 128 15.11 12.91 -21.73
CA GLY A 128 16.55 13.00 -21.94
C GLY A 128 17.13 11.71 -22.49
N GLY A 1 -18.76 -3.75 9.10
CA GLY A 1 -19.28 -5.05 8.72
C GLY A 1 -19.55 -5.95 9.90
N SER A 2 -20.61 -5.64 10.65
CA SER A 2 -20.97 -6.43 11.81
C SER A 2 -21.49 -7.80 11.41
N SER A 3 -20.59 -8.78 11.37
CA SER A 3 -20.96 -10.14 10.99
C SER A 3 -20.06 -11.16 11.67
N GLY A 4 -20.42 -12.43 11.57
CA GLY A 4 -19.62 -13.48 12.18
C GLY A 4 -18.18 -13.46 11.71
N SER A 5 -17.26 -13.28 12.64
CA SER A 5 -15.84 -13.23 12.32
C SER A 5 -15.10 -14.41 12.95
N SER A 6 -14.80 -15.41 12.13
CA SER A 6 -14.10 -16.60 12.61
C SER A 6 -12.60 -16.49 12.33
N GLY A 7 -12.26 -15.99 11.14
CA GLY A 7 -10.86 -15.84 10.77
C GLY A 7 -10.52 -16.59 9.50
N MET A 8 -10.83 -15.98 8.36
CA MET A 8 -10.56 -16.60 7.06
C MET A 8 -9.06 -16.63 6.78
N ALA A 9 -8.28 -16.05 7.70
CA ALA A 9 -6.83 -16.02 7.55
C ALA A 9 -6.17 -15.48 8.81
N GLU A 10 -5.04 -16.08 9.19
CA GLU A 10 -4.31 -15.66 10.38
C GLU A 10 -3.54 -14.38 10.11
N PRO A 11 -2.58 -14.45 9.18
CA PRO A 11 -1.75 -13.29 8.81
C PRO A 11 -2.54 -12.22 8.05
N VAL A 12 -3.26 -12.65 7.03
CA VAL A 12 -4.06 -11.74 6.22
C VAL A 12 -5.02 -10.94 7.09
N GLN A 13 -5.42 -11.53 8.22
CA GLN A 13 -6.34 -10.88 9.14
C GLN A 13 -5.59 -9.91 10.06
N GLU A 14 -4.46 -10.36 10.58
CA GLU A 14 -3.65 -9.54 11.48
C GLU A 14 -3.11 -8.31 10.75
N GLU A 15 -2.42 -8.54 9.64
CA GLU A 15 -1.85 -7.44 8.87
C GLU A 15 -2.84 -6.28 8.75
N LEU A 16 -4.09 -6.62 8.40
CA LEU A 16 -5.12 -5.61 8.25
C LEU A 16 -5.38 -4.88 9.57
N SER A 17 -5.51 -5.66 10.64
CA SER A 17 -5.76 -5.09 11.96
C SER A 17 -4.61 -4.17 12.37
N VAL A 18 -3.42 -4.74 12.54
CA VAL A 18 -2.25 -3.96 12.92
C VAL A 18 -2.20 -2.63 12.19
N LEU A 19 -2.43 -2.67 10.88
CA LEU A 19 -2.40 -1.46 10.06
C LEU A 19 -3.30 -0.39 10.67
N ALA A 20 -4.47 -0.79 11.15
CA ALA A 20 -5.40 0.15 11.76
C ALA A 20 -4.74 0.93 12.89
N ALA A 21 -3.80 0.29 13.58
CA ALA A 21 -3.10 0.93 14.68
C ALA A 21 -1.97 1.82 14.18
N ILE A 22 -1.31 1.38 13.10
CA ILE A 22 -0.22 2.15 12.52
C ILE A 22 -0.64 3.58 12.23
N PHE A 23 -1.85 3.74 11.70
CA PHE A 23 -2.38 5.07 11.37
C PHE A 23 -3.24 5.60 12.51
N CYS A 24 -4.18 4.78 12.97
CA CYS A 24 -5.06 5.18 14.06
C CYS A 24 -5.47 6.65 13.92
N ARG A 25 -5.56 7.12 12.69
CA ARG A 25 -5.93 8.50 12.42
C ARG A 25 -7.42 8.60 12.08
N PRO A 26 -8.04 9.73 12.48
CA PRO A 26 -9.46 9.97 12.22
C PRO A 26 -9.76 10.22 10.74
N HIS A 27 -10.60 9.36 10.17
CA HIS A 27 -10.97 9.47 8.77
C HIS A 27 -9.75 9.24 7.87
N GLU A 28 -8.90 8.31 8.27
CA GLU A 28 -7.70 7.98 7.50
C GLU A 28 -7.70 6.52 7.08
N TRP A 29 -8.37 5.69 7.87
CA TRP A 29 -8.43 4.25 7.60
C TRP A 29 -9.83 3.87 7.08
N GLU A 30 -9.89 3.42 5.83
CA GLU A 30 -11.15 3.02 5.23
C GLU A 30 -10.95 1.83 4.29
N VAL A 31 -11.65 0.74 4.56
CA VAL A 31 -11.56 -0.46 3.74
C VAL A 31 -12.77 -0.60 2.83
N LEU A 32 -12.58 -0.33 1.54
CA LEU A 32 -13.65 -0.43 0.57
C LEU A 32 -14.57 -1.59 0.89
N SER A 33 -14.06 -2.81 0.79
CA SER A 33 -14.84 -4.00 1.07
C SER A 33 -13.95 -5.11 1.64
N ARG A 34 -14.57 -6.12 2.23
CA ARG A 34 -13.84 -7.24 2.81
C ARG A 34 -14.55 -8.56 2.51
N SER A 35 -13.92 -9.38 1.67
CA SER A 35 -14.49 -10.66 1.29
C SER A 35 -13.56 -11.81 1.69
N GLU A 36 -14.08 -13.04 1.68
CA GLU A 36 -13.30 -14.20 2.04
C GLU A 36 -12.66 -14.84 0.80
N THR A 37 -13.44 -14.97 -0.26
CA THR A 37 -12.95 -15.56 -1.50
C THR A 37 -12.61 -14.47 -2.52
N ASP A 38 -13.41 -13.43 -2.56
CA ASP A 38 -13.20 -12.34 -3.49
C ASP A 38 -11.95 -11.54 -3.11
N GLY A 39 -11.51 -11.71 -1.87
CA GLY A 39 -10.32 -11.01 -1.41
C GLY A 39 -10.66 -9.74 -0.64
N THR A 40 -9.65 -9.13 -0.04
CA THR A 40 -9.86 -7.90 0.73
C THR A 40 -9.22 -6.70 0.02
N VAL A 41 -9.99 -5.64 -0.13
CA VAL A 41 -9.50 -4.42 -0.78
C VAL A 41 -9.69 -3.21 0.11
N PHE A 42 -8.61 -2.47 0.35
CA PHE A 42 -8.65 -1.28 1.19
C PHE A 42 -7.83 -0.15 0.56
N ARG A 43 -8.21 1.08 0.89
CA ARG A 43 -7.52 2.25 0.37
C ARG A 43 -7.40 3.34 1.43
N ILE A 44 -6.16 3.65 1.81
CA ILE A 44 -5.91 4.67 2.82
C ILE A 44 -5.11 5.84 2.23
N HIS A 45 -5.36 7.04 2.76
CA HIS A 45 -4.67 8.23 2.28
C HIS A 45 -3.34 8.41 3.02
N THR A 46 -2.25 8.52 2.25
CA THR A 46 -0.94 8.70 2.83
C THR A 46 -0.20 9.86 2.18
N LYS A 47 0.81 10.38 2.87
CA LYS A 47 1.58 11.50 2.37
C LYS A 47 3.08 11.21 2.47
N ALA A 48 3.81 11.47 1.39
CA ALA A 48 5.25 11.24 1.36
C ALA A 48 6.00 12.42 1.97
N GLU A 49 7.33 12.35 1.95
CA GLU A 49 8.16 13.41 2.50
C GLU A 49 8.36 14.53 1.48
N GLY A 50 7.29 14.86 0.77
CA GLY A 50 7.37 15.92 -0.24
C GLY A 50 8.70 15.94 -0.96
N PHE A 51 9.12 17.13 -1.37
CA PHE A 51 10.40 17.29 -2.07
C PHE A 51 11.42 17.98 -1.19
N MET A 52 11.07 19.16 -0.69
CA MET A 52 11.96 19.93 0.15
C MET A 52 11.30 20.24 1.50
N ASP A 53 11.05 19.20 2.29
CA ASP A 53 10.42 19.36 3.60
C ASP A 53 8.95 19.76 3.44
N ALA A 54 8.25 19.10 2.53
CA ALA A 54 6.84 19.38 2.28
C ALA A 54 6.01 18.11 2.31
N ASP A 55 4.70 18.25 2.23
CA ASP A 55 3.79 17.11 2.23
C ASP A 55 3.00 17.04 0.93
N ILE A 56 2.82 15.82 0.43
CA ILE A 56 2.08 15.60 -0.81
C ILE A 56 1.06 14.49 -0.66
N PRO A 57 -0.13 14.69 -1.21
CA PRO A 57 -1.22 13.71 -1.16
C PRO A 57 -0.94 12.48 -2.01
N LEU A 58 -0.94 11.32 -1.37
CA LEU A 58 -0.68 10.05 -2.07
C LEU A 58 -1.72 9.00 -1.70
N GLU A 59 -2.31 8.38 -2.71
CA GLU A 59 -3.32 7.35 -2.50
C GLU A 59 -2.76 5.96 -2.80
N LEU A 60 -2.53 5.17 -1.75
CA LEU A 60 -2.00 3.83 -1.90
C LEU A 60 -3.10 2.78 -1.74
N VAL A 61 -3.41 2.09 -2.83
CA VAL A 61 -4.45 1.06 -2.80
C VAL A 61 -3.83 -0.34 -2.87
N PHE A 62 -3.88 -1.05 -1.75
CA PHE A 62 -3.33 -2.40 -1.69
C PHE A 62 -4.44 -3.45 -1.76
N HIS A 63 -4.19 -4.52 -2.50
CA HIS A 63 -5.17 -5.59 -2.65
C HIS A 63 -4.56 -6.94 -2.27
N LEU A 64 -5.30 -7.72 -1.49
CA LEU A 64 -4.83 -9.04 -1.06
C LEU A 64 -5.72 -10.14 -1.62
N PRO A 65 -5.29 -10.73 -2.74
CA PRO A 65 -6.03 -11.82 -3.40
C PRO A 65 -6.00 -13.11 -2.58
N VAL A 66 -6.45 -14.20 -3.20
CA VAL A 66 -6.49 -15.49 -2.53
C VAL A 66 -5.11 -16.16 -2.56
N ASN A 67 -4.27 -15.75 -3.51
CA ASN A 67 -2.94 -16.30 -3.64
C ASN A 67 -1.88 -15.31 -3.14
N TYR A 68 -2.12 -14.76 -1.96
CA TYR A 68 -1.20 -13.79 -1.37
C TYR A 68 -0.95 -14.10 0.11
N PRO A 69 0.25 -13.76 0.58
CA PRO A 69 1.29 -13.12 -0.25
C PRO A 69 1.87 -14.08 -1.28
N SER A 70 1.36 -15.32 -1.29
CA SER A 70 1.83 -16.32 -2.24
C SER A 70 2.25 -15.69 -3.55
N CYS A 71 1.51 -14.66 -3.96
CA CYS A 71 1.81 -13.96 -5.21
C CYS A 71 1.85 -12.45 -4.99
N LEU A 72 2.22 -11.72 -6.04
CA LEU A 72 2.29 -10.27 -5.97
C LEU A 72 0.90 -9.65 -5.84
N PRO A 73 0.74 -8.76 -4.85
CA PRO A 73 -0.54 -8.08 -4.60
C PRO A 73 -0.89 -7.08 -5.69
N GLY A 74 -1.88 -6.23 -5.43
CA GLY A 74 -2.28 -5.23 -6.40
C GLY A 74 -1.89 -3.83 -5.99
N ILE A 75 -0.66 -3.45 -6.31
CA ILE A 75 -0.16 -2.12 -5.97
C ILE A 75 -0.64 -1.08 -6.98
N SER A 76 -1.09 0.06 -6.47
CA SER A 76 -1.58 1.14 -7.32
C SER A 76 -1.10 2.49 -6.81
N ILE A 77 -0.81 3.41 -7.74
CA ILE A 77 -0.34 4.74 -7.38
C ILE A 77 -1.04 5.80 -8.21
N ASN A 78 -1.75 6.71 -7.54
CA ASN A 78 -2.47 7.79 -8.21
C ASN A 78 -2.65 8.98 -7.29
N SER A 79 -2.11 10.12 -7.69
CA SER A 79 -2.21 11.35 -6.91
C SER A 79 -2.79 12.48 -7.73
N GLU A 80 -3.43 13.43 -7.05
CA GLU A 80 -4.04 14.58 -7.72
C GLU A 80 -2.98 15.61 -8.11
N GLN A 81 -1.73 15.30 -7.79
CA GLN A 81 -0.62 16.20 -8.10
C GLN A 81 0.34 15.56 -9.09
N LEU A 82 0.54 14.25 -8.95
CA LEU A 82 1.44 13.52 -9.84
C LEU A 82 0.79 13.29 -11.20
N THR A 83 1.61 12.95 -12.19
CA THR A 83 1.13 12.70 -13.54
C THR A 83 0.95 11.21 -13.79
N ARG A 84 0.51 10.87 -15.01
CA ARG A 84 0.31 9.48 -15.38
C ARG A 84 1.63 8.71 -15.42
N ALA A 85 2.56 9.21 -16.23
CA ALA A 85 3.86 8.58 -16.37
C ALA A 85 4.49 8.30 -15.00
N GLN A 86 4.67 9.36 -14.22
CA GLN A 86 5.26 9.24 -12.89
C GLN A 86 4.56 8.14 -12.10
N CYS A 87 3.24 8.25 -11.98
CA CYS A 87 2.46 7.27 -11.24
C CYS A 87 2.94 5.85 -11.54
N VAL A 88 3.06 5.53 -12.82
CA VAL A 88 3.52 4.21 -13.24
C VAL A 88 4.88 3.89 -12.66
N THR A 89 5.84 4.77 -12.89
CA THR A 89 7.20 4.59 -12.40
C THR A 89 7.19 4.21 -10.91
N VAL A 90 6.44 4.96 -10.12
CA VAL A 90 6.34 4.70 -8.69
C VAL A 90 5.83 3.29 -8.42
N LYS A 91 4.76 2.91 -9.12
CA LYS A 91 4.17 1.59 -8.96
C LYS A 91 5.16 0.50 -9.34
N GLU A 92 5.67 0.57 -10.56
CA GLU A 92 6.63 -0.41 -11.05
C GLU A 92 7.68 -0.72 -10.00
N LYS A 93 8.23 0.32 -9.39
CA LYS A 93 9.25 0.16 -8.35
C LYS A 93 8.72 -0.69 -7.20
N LEU A 94 7.64 -0.23 -6.59
CA LEU A 94 7.03 -0.94 -5.47
C LEU A 94 6.93 -2.43 -5.77
N LEU A 95 6.55 -2.76 -7.01
CA LEU A 95 6.42 -4.16 -7.41
C LEU A 95 7.75 -4.90 -7.26
N GLU A 96 8.83 -4.23 -7.64
CA GLU A 96 10.16 -4.83 -7.54
C GLU A 96 10.50 -5.18 -6.09
N GLN A 97 10.39 -4.18 -5.21
CA GLN A 97 10.68 -4.38 -3.80
C GLN A 97 9.74 -5.41 -3.19
N ALA A 98 8.49 -5.42 -3.66
CA ALA A 98 7.49 -6.35 -3.16
C ALA A 98 8.02 -7.78 -3.15
N GLU A 99 8.42 -8.27 -4.33
CA GLU A 99 8.94 -9.62 -4.46
C GLU A 99 9.83 -9.98 -3.26
N SER A 100 10.98 -9.32 -3.18
CA SER A 100 11.92 -9.57 -2.09
C SER A 100 11.20 -9.58 -0.74
N LEU A 101 10.12 -8.81 -0.64
CA LEU A 101 9.35 -8.73 0.59
C LEU A 101 8.18 -9.72 0.55
N LEU A 102 8.37 -10.83 -0.15
CA LEU A 102 7.34 -11.85 -0.26
C LEU A 102 7.17 -12.59 1.07
N SER A 103 6.12 -13.41 1.15
CA SER A 103 5.84 -14.16 2.36
C SER A 103 6.05 -13.31 3.61
N GLU A 104 5.89 -11.99 3.45
CA GLU A 104 6.06 -11.05 4.55
C GLU A 104 5.15 -9.85 4.38
N PRO A 105 4.91 -9.12 5.49
CA PRO A 105 4.05 -7.94 5.49
C PRO A 105 4.70 -6.76 4.75
N MET A 106 4.47 -6.70 3.44
CA MET A 106 5.01 -5.63 2.63
C MET A 106 4.12 -4.40 2.66
N VAL A 107 2.80 -4.63 2.55
CA VAL A 107 1.84 -3.53 2.57
C VAL A 107 2.29 -2.41 3.49
N HIS A 108 2.80 -2.77 4.66
CA HIS A 108 3.28 -1.79 5.63
C HIS A 108 4.66 -1.27 5.26
N GLU A 109 5.66 -2.16 5.36
CA GLU A 109 7.04 -1.78 5.03
C GLU A 109 7.07 -0.86 3.81
N LEU A 110 6.52 -1.34 2.70
CA LEU A 110 6.49 -0.57 1.47
C LEU A 110 6.16 0.89 1.75
N VAL A 111 4.97 1.14 2.27
CA VAL A 111 4.53 2.49 2.59
C VAL A 111 5.67 3.30 3.20
N LEU A 112 6.30 2.74 4.22
CA LEU A 112 7.41 3.42 4.89
C LEU A 112 8.61 3.54 3.97
N TRP A 113 8.77 2.57 3.08
CA TRP A 113 9.88 2.58 2.13
C TRP A 113 9.74 3.71 1.12
N ILE A 114 8.66 3.69 0.36
CA ILE A 114 8.40 4.72 -0.63
C ILE A 114 8.30 6.09 0.02
N GLN A 115 7.85 6.13 1.27
CA GLN A 115 7.72 7.38 2.00
C GLN A 115 9.08 8.01 2.29
N GLN A 116 10.09 7.15 2.48
CA GLN A 116 11.44 7.61 2.75
C GLN A 116 12.32 7.51 1.52
N ASN A 117 11.85 6.76 0.53
CA ASN A 117 12.60 6.58 -0.71
C ASN A 117 11.89 7.25 -1.88
N LEU A 118 11.06 8.24 -1.58
CA LEU A 118 10.32 8.96 -2.60
C LEU A 118 11.27 9.72 -3.53
N ARG A 119 11.87 10.78 -3.01
CA ARG A 119 12.81 11.59 -3.79
C ARG A 119 13.72 10.70 -4.63
N HIS A 120 13.95 9.48 -4.15
CA HIS A 120 14.80 8.53 -4.87
C HIS A 120 14.14 8.06 -6.16
N ILE A 121 12.84 7.78 -6.08
CA ILE A 121 12.09 7.32 -7.24
C ILE A 121 11.82 8.47 -8.21
N LEU A 122 11.46 9.62 -7.67
CA LEU A 122 11.17 10.80 -8.49
C LEU A 122 12.45 11.54 -8.84
N SER A 123 13.53 10.79 -9.06
CA SER A 123 14.82 11.38 -9.40
C SER A 123 15.16 11.14 -10.86
N GLN A 124 15.16 9.88 -11.26
CA GLN A 124 15.47 9.52 -12.64
C GLN A 124 14.92 10.55 -13.61
N PRO A 125 15.67 10.80 -14.69
CA PRO A 125 15.26 11.77 -15.72
C PRO A 125 14.06 11.29 -16.54
N GLU A 126 13.25 12.23 -16.99
CA GLU A 126 12.07 11.90 -17.78
C GLU A 126 12.31 12.19 -19.26
N THR A 127 12.03 11.20 -20.10
CA THR A 127 12.22 11.36 -21.54
C THR A 127 11.09 12.16 -22.16
N GLY A 128 9.87 11.62 -22.10
CA GLY A 128 8.72 12.30 -22.66
C GLY A 128 8.70 13.78 -22.30
N GLY A 1 -19.09 -5.25 13.12
CA GLY A 1 -19.49 -6.24 14.10
C GLY A 1 -18.69 -6.15 15.39
N SER A 2 -19.09 -5.24 16.27
CA SER A 2 -18.40 -5.06 17.54
C SER A 2 -18.33 -6.36 18.33
N SER A 3 -19.46 -7.07 18.38
CA SER A 3 -19.53 -8.34 19.09
C SER A 3 -18.97 -9.48 18.25
N GLY A 4 -17.68 -9.78 18.45
CA GLY A 4 -17.06 -10.84 17.70
C GLY A 4 -16.19 -10.33 16.57
N SER A 5 -15.18 -11.10 16.19
CA SER A 5 -14.28 -10.72 15.11
C SER A 5 -13.61 -11.94 14.49
N SER A 6 -13.61 -12.00 13.17
CA SER A 6 -13.02 -13.12 12.45
C SER A 6 -12.14 -12.63 11.30
N GLY A 7 -11.46 -13.56 10.64
CA GLY A 7 -10.60 -13.20 9.54
C GLY A 7 -10.68 -14.19 8.39
N MET A 8 -9.75 -14.07 7.44
CA MET A 8 -9.72 -14.96 6.29
C MET A 8 -8.36 -15.65 6.15
N ALA A 9 -7.33 -15.00 6.67
CA ALA A 9 -5.98 -15.54 6.62
C ALA A 9 -5.15 -15.07 7.81
N GLU A 10 -4.19 -15.90 8.21
CA GLU A 10 -3.33 -15.57 9.35
C GLU A 10 -2.60 -14.25 9.10
N PRO A 11 -1.80 -14.19 8.03
CA PRO A 11 -1.04 -13.00 7.67
C PRO A 11 -1.92 -11.87 7.19
N VAL A 12 -2.96 -12.21 6.42
CA VAL A 12 -3.89 -11.22 5.89
C VAL A 12 -4.54 -10.43 7.02
N GLN A 13 -4.95 -11.13 8.06
CA GLN A 13 -5.59 -10.48 9.20
C GLN A 13 -4.58 -9.69 10.02
N GLU A 14 -3.51 -10.35 10.43
CA GLU A 14 -2.46 -9.70 11.22
C GLU A 14 -2.10 -8.35 10.62
N GLU A 15 -1.83 -8.33 9.32
CA GLU A 15 -1.47 -7.10 8.62
C GLU A 15 -2.50 -6.00 8.88
N LEU A 16 -3.76 -6.31 8.60
CA LEU A 16 -4.84 -5.35 8.79
C LEU A 16 -4.87 -4.85 10.24
N SER A 17 -4.79 -5.78 11.19
CA SER A 17 -4.81 -5.44 12.61
C SER A 17 -3.68 -4.47 12.94
N VAL A 18 -2.45 -4.86 12.62
CA VAL A 18 -1.28 -4.03 12.88
C VAL A 18 -1.47 -2.63 12.28
N LEU A 19 -1.75 -2.59 10.99
CA LEU A 19 -1.94 -1.32 10.30
C LEU A 19 -3.00 -0.47 11.00
N ALA A 20 -4.15 -1.08 11.27
CA ALA A 20 -5.24 -0.39 11.94
C ALA A 20 -4.73 0.47 13.09
N ALA A 21 -3.56 0.11 13.62
CA ALA A 21 -2.96 0.83 14.73
C ALA A 21 -2.48 2.21 14.28
N ILE A 22 -1.55 2.24 13.33
CA ILE A 22 -1.02 3.50 12.83
C ILE A 22 -2.07 4.24 12.00
N PHE A 23 -2.88 3.49 11.27
CA PHE A 23 -3.93 4.08 10.43
C PHE A 23 -5.23 4.20 11.21
N CYS A 24 -5.22 3.76 12.47
CA CYS A 24 -6.40 3.82 13.30
C CYS A 24 -7.25 5.04 12.97
N ARG A 25 -6.60 6.17 12.74
CA ARG A 25 -7.31 7.40 12.41
C ARG A 25 -8.53 7.12 11.53
N PRO A 26 -9.66 7.73 11.90
CA PRO A 26 -10.92 7.55 11.16
C PRO A 26 -10.88 8.21 9.79
N HIS A 27 -9.73 8.77 9.43
CA HIS A 27 -9.57 9.43 8.14
C HIS A 27 -8.38 8.85 7.39
N GLU A 28 -7.53 8.11 8.09
CA GLU A 28 -6.34 7.51 7.49
C GLU A 28 -6.64 6.07 7.04
N TRP A 29 -7.49 5.39 7.78
CA TRP A 29 -7.85 4.01 7.47
C TRP A 29 -9.23 3.95 6.81
N GLU A 30 -9.28 3.42 5.59
CA GLU A 30 -10.53 3.29 4.85
C GLU A 30 -10.56 2.02 4.03
N VAL A 31 -11.57 1.19 4.26
CA VAL A 31 -11.72 -0.06 3.54
C VAL A 31 -13.01 -0.10 2.74
N LEU A 32 -12.89 0.08 1.43
CA LEU A 32 -14.06 0.08 0.55
C LEU A 32 -14.89 -1.19 0.75
N SER A 33 -14.29 -2.34 0.42
CA SER A 33 -14.98 -3.62 0.56
C SER A 33 -13.98 -4.74 0.80
N ARG A 34 -14.30 -5.62 1.75
CA ARG A 34 -13.42 -6.73 2.09
C ARG A 34 -14.14 -8.07 1.86
N SER A 35 -13.70 -8.80 0.84
CA SER A 35 -14.30 -10.09 0.52
C SER A 35 -13.42 -11.24 0.99
N GLU A 36 -13.98 -12.45 1.04
CA GLU A 36 -13.24 -13.62 1.46
C GLU A 36 -12.77 -14.44 0.26
N THR A 37 -13.62 -14.51 -0.76
CA THR A 37 -13.30 -15.26 -1.97
C THR A 37 -12.82 -14.35 -3.08
N ASP A 38 -13.28 -13.10 -3.04
CA ASP A 38 -12.90 -12.11 -4.05
C ASP A 38 -11.65 -11.36 -3.63
N GLY A 39 -11.39 -11.33 -2.32
CA GLY A 39 -10.22 -10.64 -1.81
C GLY A 39 -10.58 -9.39 -1.04
N THR A 40 -9.62 -8.87 -0.27
CA THR A 40 -9.84 -7.67 0.51
C THR A 40 -9.26 -6.44 -0.17
N VAL A 41 -10.09 -5.42 -0.35
CA VAL A 41 -9.65 -4.19 -1.00
C VAL A 41 -9.82 -2.99 -0.08
N PHE A 42 -8.89 -2.04 -0.17
CA PHE A 42 -8.95 -0.84 0.66
C PHE A 42 -8.03 0.24 0.11
N ARG A 43 -8.39 1.50 0.37
CA ARG A 43 -7.59 2.62 -0.12
C ARG A 43 -7.35 3.63 1.01
N ILE A 44 -6.13 3.64 1.53
CA ILE A 44 -5.76 4.55 2.61
C ILE A 44 -4.98 5.75 2.07
N HIS A 45 -5.09 6.88 2.77
CA HIS A 45 -4.38 8.10 2.37
C HIS A 45 -3.10 8.26 3.16
N THR A 46 -2.00 8.55 2.46
CA THR A 46 -0.70 8.73 3.10
C THR A 46 0.04 9.93 2.51
N LYS A 47 0.90 10.54 3.32
CA LYS A 47 1.67 11.69 2.87
C LYS A 47 3.15 11.50 3.16
N ALA A 48 3.98 11.78 2.15
CA ALA A 48 5.42 11.64 2.30
C ALA A 48 6.08 12.98 2.62
N GLU A 49 7.41 12.98 2.67
CA GLU A 49 8.16 14.19 2.97
C GLU A 49 8.35 15.03 1.71
N GLY A 50 7.36 15.02 0.83
CA GLY A 50 7.45 15.78 -0.41
C GLY A 50 8.86 15.83 -0.95
N PHE A 51 9.28 17.03 -1.37
CA PHE A 51 10.63 17.21 -1.92
C PHE A 51 11.36 18.34 -1.21
N MET A 52 10.61 19.40 -0.87
CA MET A 52 11.19 20.55 -0.19
C MET A 52 10.59 20.70 1.21
N ASP A 53 10.40 19.58 1.90
CA ASP A 53 9.84 19.60 3.24
C ASP A 53 8.38 19.99 3.21
N ALA A 54 7.66 19.53 2.18
CA ALA A 54 6.25 19.83 2.04
C ALA A 54 5.43 18.56 1.82
N ASP A 55 4.73 18.13 2.85
CA ASP A 55 3.90 16.93 2.77
C ASP A 55 3.10 16.91 1.48
N ILE A 56 3.13 15.78 0.78
CA ILE A 56 2.39 15.63 -0.47
C ILE A 56 1.34 14.54 -0.37
N PRO A 57 0.15 14.80 -0.94
CA PRO A 57 -0.96 13.85 -0.93
C PRO A 57 -0.69 12.64 -1.81
N LEU A 58 -0.90 11.45 -1.25
CA LEU A 58 -0.69 10.21 -1.99
C LEU A 58 -1.81 9.22 -1.72
N GLU A 59 -2.01 8.29 -2.65
CA GLU A 59 -3.05 7.28 -2.51
C GLU A 59 -2.53 5.90 -2.92
N LEU A 60 -2.50 4.98 -1.97
CA LEU A 60 -2.03 3.63 -2.22
C LEU A 60 -3.14 2.61 -1.97
N VAL A 61 -3.49 1.85 -3.01
CA VAL A 61 -4.53 0.84 -2.90
C VAL A 61 -3.93 -0.56 -2.90
N PHE A 62 -3.84 -1.16 -1.72
CA PHE A 62 -3.28 -2.51 -1.58
C PHE A 62 -4.40 -3.56 -1.59
N HIS A 63 -4.31 -4.49 -2.53
CA HIS A 63 -5.31 -5.56 -2.64
C HIS A 63 -4.76 -6.88 -2.11
N LEU A 64 -5.41 -7.41 -1.08
CA LEU A 64 -4.98 -8.66 -0.48
C LEU A 64 -5.91 -9.80 -0.88
N PRO A 65 -5.51 -10.55 -1.91
CA PRO A 65 -6.30 -11.69 -2.42
C PRO A 65 -6.31 -12.86 -1.45
N VAL A 66 -6.76 -14.02 -1.93
CA VAL A 66 -6.82 -15.22 -1.10
C VAL A 66 -5.50 -15.98 -1.13
N ASN A 67 -4.80 -15.90 -2.27
CA ASN A 67 -3.53 -16.59 -2.42
C ASN A 67 -2.45 -15.94 -1.55
N TYR A 68 -2.43 -14.61 -1.54
CA TYR A 68 -1.45 -13.87 -0.75
C TYR A 68 -1.24 -14.52 0.61
N PRO A 69 -0.02 -14.38 1.15
CA PRO A 69 1.06 -13.65 0.49
C PRO A 69 1.58 -14.37 -0.74
N SER A 70 1.13 -15.60 -0.93
CA SER A 70 1.56 -16.40 -2.07
C SER A 70 1.80 -15.53 -3.30
N CYS A 71 0.86 -14.62 -3.56
CA CYS A 71 0.97 -13.72 -4.70
C CYS A 71 1.32 -12.30 -4.24
N LEU A 72 1.54 -11.42 -5.20
CA LEU A 72 1.89 -10.03 -4.90
C LEU A 72 0.64 -9.16 -4.82
N PRO A 73 0.60 -8.28 -3.81
CA PRO A 73 -0.54 -7.38 -3.59
C PRO A 73 -0.63 -6.30 -4.68
N GLY A 74 -1.85 -6.05 -5.15
CA GLY A 74 -2.05 -5.04 -6.17
C GLY A 74 -1.87 -3.63 -5.65
N ILE A 75 -0.77 -2.99 -6.03
CA ILE A 75 -0.49 -1.63 -5.59
C ILE A 75 -0.83 -0.62 -6.68
N SER A 76 -1.51 0.46 -6.28
CA SER A 76 -1.90 1.50 -7.23
C SER A 76 -1.48 2.87 -6.72
N ILE A 77 -0.57 3.52 -7.44
CA ILE A 77 -0.09 4.84 -7.06
C ILE A 77 -0.68 5.92 -7.97
N ASN A 78 -1.52 6.77 -7.39
CA ASN A 78 -2.15 7.85 -8.14
C ASN A 78 -2.33 9.09 -7.27
N SER A 79 -1.71 10.19 -7.69
CA SER A 79 -1.80 11.45 -6.95
C SER A 79 -2.28 12.57 -7.85
N GLU A 80 -3.04 13.50 -7.27
CA GLU A 80 -3.57 14.64 -8.02
C GLU A 80 -2.44 15.55 -8.49
N GLN A 81 -1.28 15.42 -7.86
CA GLN A 81 -0.13 16.23 -8.22
C GLN A 81 0.73 15.54 -9.27
N LEU A 82 1.09 14.29 -9.00
CA LEU A 82 1.90 13.51 -9.94
C LEU A 82 1.13 13.23 -11.23
N THR A 83 1.87 12.91 -12.29
CA THR A 83 1.26 12.63 -13.59
C THR A 83 1.13 11.13 -13.80
N ARG A 84 0.36 10.75 -14.81
CA ARG A 84 0.14 9.34 -15.13
C ARG A 84 1.47 8.61 -15.27
N ALA A 85 2.38 9.18 -16.06
CA ALA A 85 3.69 8.58 -16.26
C ALA A 85 4.40 8.34 -14.94
N GLN A 86 4.76 9.42 -14.25
CA GLN A 86 5.44 9.31 -12.97
C GLN A 86 4.82 8.23 -12.10
N CYS A 87 3.48 8.20 -12.08
CA CYS A 87 2.75 7.22 -11.29
C CYS A 87 3.16 5.80 -11.67
N VAL A 88 3.07 5.49 -12.96
CA VAL A 88 3.43 4.16 -13.45
C VAL A 88 4.77 3.71 -12.87
N THR A 89 5.78 4.57 -12.97
CA THR A 89 7.11 4.26 -12.46
C THR A 89 7.04 3.79 -11.01
N VAL A 90 6.57 4.68 -10.13
CA VAL A 90 6.46 4.35 -8.72
C VAL A 90 6.00 2.91 -8.51
N LYS A 91 4.78 2.62 -8.95
CA LYS A 91 4.23 1.28 -8.81
C LYS A 91 5.26 0.22 -9.20
N GLU A 92 5.77 0.31 -10.42
CA GLU A 92 6.77 -0.64 -10.90
C GLU A 92 7.81 -0.92 -9.82
N LYS A 93 8.38 0.14 -9.26
CA LYS A 93 9.39 0.00 -8.21
C LYS A 93 8.85 -0.78 -7.03
N LEU A 94 7.76 -0.29 -6.45
CA LEU A 94 7.13 -0.96 -5.31
C LEU A 94 6.97 -2.45 -5.56
N LEU A 95 6.30 -2.79 -6.66
CA LEU A 95 6.07 -4.19 -7.02
C LEU A 95 7.39 -4.97 -7.01
N GLU A 96 8.41 -4.41 -7.66
CA GLU A 96 9.71 -5.06 -7.73
C GLU A 96 10.20 -5.45 -6.32
N GLN A 97 10.05 -4.52 -5.39
CA GLN A 97 10.48 -4.76 -4.01
C GLN A 97 9.59 -5.81 -3.34
N ALA A 98 8.29 -5.69 -3.54
CA ALA A 98 7.34 -6.64 -2.96
C ALA A 98 7.88 -8.06 -3.03
N GLU A 99 8.18 -8.53 -4.24
CA GLU A 99 8.70 -9.87 -4.43
C GLU A 99 9.65 -10.26 -3.30
N SER A 100 10.76 -9.53 -3.20
CA SER A 100 11.75 -9.79 -2.16
C SER A 100 11.09 -9.88 -0.79
N LEU A 101 10.09 -9.05 -0.57
CA LEU A 101 9.38 -9.03 0.71
C LEU A 101 8.15 -9.94 0.66
N LEU A 102 8.29 -11.08 0.01
CA LEU A 102 7.19 -12.03 -0.11
C LEU A 102 6.99 -12.79 1.19
N SER A 103 5.92 -13.58 1.25
CA SER A 103 5.61 -14.37 2.44
C SER A 103 5.86 -13.55 3.71
N GLU A 104 5.67 -12.23 3.60
CA GLU A 104 5.87 -11.34 4.74
C GLU A 104 5.01 -10.09 4.60
N PRO A 105 4.79 -9.39 5.72
CA PRO A 105 3.99 -8.17 5.75
C PRO A 105 4.69 -7.00 5.06
N MET A 106 4.30 -6.74 3.81
CA MET A 106 4.89 -5.65 3.04
C MET A 106 3.98 -4.43 3.04
N VAL A 107 2.68 -4.67 2.89
CA VAL A 107 1.69 -3.60 2.86
C VAL A 107 2.11 -2.45 3.77
N HIS A 108 2.36 -2.77 5.04
CA HIS A 108 2.77 -1.76 6.02
C HIS A 108 4.15 -1.19 5.67
N GLU A 109 5.14 -2.08 5.57
CA GLU A 109 6.50 -1.66 5.25
C GLU A 109 6.51 -0.76 4.01
N LEU A 110 6.16 -1.34 2.87
CA LEU A 110 6.13 -0.60 1.61
C LEU A 110 5.70 0.84 1.85
N VAL A 111 4.58 1.02 2.54
CA VAL A 111 4.07 2.36 2.84
C VAL A 111 5.13 3.22 3.49
N LEU A 112 5.86 2.65 4.45
CA LEU A 112 6.90 3.37 5.16
C LEU A 112 8.18 3.45 4.31
N TRP A 113 8.23 2.66 3.25
CA TRP A 113 9.37 2.64 2.36
C TRP A 113 9.25 3.73 1.28
N ILE A 114 8.07 3.84 0.70
CA ILE A 114 7.82 4.83 -0.34
C ILE A 114 7.75 6.23 0.26
N GLN A 115 7.40 6.31 1.54
CA GLN A 115 7.30 7.60 2.23
C GLN A 115 8.65 8.32 2.23
N GLN A 116 9.73 7.55 2.32
CA GLN A 116 11.07 8.11 2.33
C GLN A 116 11.76 7.90 0.99
N ASN A 117 11.56 6.73 0.40
CA ASN A 117 12.17 6.41 -0.88
C ASN A 117 11.31 6.93 -2.04
N LEU A 118 10.71 8.09 -1.84
CA LEU A 118 9.87 8.70 -2.86
C LEU A 118 10.70 9.45 -3.89
N ARG A 119 11.48 10.41 -3.40
CA ARG A 119 12.33 11.21 -4.28
C ARG A 119 13.31 10.32 -5.03
N HIS A 120 13.88 9.34 -4.34
CA HIS A 120 14.84 8.42 -4.95
C HIS A 120 14.28 7.83 -6.23
N ILE A 121 13.18 7.09 -6.11
CA ILE A 121 12.55 6.46 -7.27
C ILE A 121 12.62 7.37 -8.49
N LEU A 122 12.33 8.65 -8.30
CA LEU A 122 12.37 9.63 -9.38
C LEU A 122 13.80 9.93 -9.78
N SER A 123 14.51 10.67 -8.93
CA SER A 123 15.90 11.03 -9.21
C SER A 123 16.00 11.97 -10.40
N GLN A 124 15.02 12.87 -10.52
CA GLN A 124 14.99 13.82 -11.62
C GLN A 124 15.15 15.25 -11.11
N PRO A 125 16.41 15.67 -10.90
CA PRO A 125 16.72 17.01 -10.41
C PRO A 125 16.43 18.09 -11.44
N GLU A 126 15.46 18.94 -11.15
CA GLU A 126 15.08 20.02 -12.05
C GLU A 126 15.67 21.35 -11.58
N THR A 127 15.57 21.60 -10.28
CA THR A 127 16.09 22.84 -9.70
C THR A 127 15.29 24.05 -10.19
N GLY A 128 13.97 23.98 -10.07
CA GLY A 128 13.12 25.07 -10.50
C GLY A 128 12.69 25.95 -9.35
N GLY A 1 -17.10 -4.73 15.11
CA GLY A 1 -16.91 -5.78 16.09
C GLY A 1 -15.45 -5.94 16.49
N SER A 2 -14.69 -6.66 15.66
CA SER A 2 -13.27 -6.88 15.92
C SER A 2 -13.08 -7.59 17.26
N SER A 3 -13.94 -8.57 17.54
CA SER A 3 -13.87 -9.33 18.79
C SER A 3 -13.74 -10.82 18.50
N GLY A 4 -12.52 -11.26 18.20
CA GLY A 4 -12.29 -12.66 17.92
C GLY A 4 -11.01 -12.89 17.15
N SER A 5 -10.65 -14.16 16.97
CA SER A 5 -9.42 -14.51 16.26
C SER A 5 -9.74 -15.39 15.06
N SER A 6 -10.78 -15.03 14.32
CA SER A 6 -11.19 -15.79 13.14
C SER A 6 -11.87 -14.88 12.12
N GLY A 7 -11.48 -15.02 10.86
CA GLY A 7 -12.07 -14.21 9.81
C GLY A 7 -11.81 -14.78 8.42
N MET A 8 -10.88 -14.19 7.70
CA MET A 8 -10.54 -14.64 6.36
C MET A 8 -9.14 -15.27 6.32
N ALA A 9 -8.27 -14.79 7.21
CA ALA A 9 -6.91 -15.29 7.28
C ALA A 9 -6.19 -14.76 8.52
N GLU A 10 -5.21 -15.52 9.01
CA GLU A 10 -4.45 -15.12 10.17
C GLU A 10 -3.62 -13.87 9.88
N PRO A 11 -2.71 -13.99 8.90
CA PRO A 11 -1.83 -12.89 8.50
C PRO A 11 -2.59 -11.77 7.80
N VAL A 12 -3.45 -12.14 6.85
CA VAL A 12 -4.23 -11.16 6.10
C VAL A 12 -4.99 -10.23 7.05
N GLN A 13 -5.56 -10.81 8.10
CA GLN A 13 -6.32 -10.04 9.09
C GLN A 13 -5.39 -9.20 9.95
N GLU A 14 -4.48 -9.88 10.67
CA GLU A 14 -3.53 -9.20 11.54
C GLU A 14 -2.99 -7.94 10.87
N GLU A 15 -2.69 -8.04 9.58
CA GLU A 15 -2.16 -6.91 8.82
C GLU A 15 -3.17 -5.78 8.76
N LEU A 16 -4.29 -6.03 8.10
CA LEU A 16 -5.34 -5.03 7.96
C LEU A 16 -5.62 -4.34 9.31
N SER A 17 -5.73 -5.15 10.35
CA SER A 17 -6.00 -4.63 11.70
C SER A 17 -4.83 -3.81 12.21
N VAL A 18 -3.68 -4.47 12.36
CA VAL A 18 -2.47 -3.81 12.84
C VAL A 18 -2.29 -2.45 12.17
N LEU A 19 -2.52 -2.41 10.86
CA LEU A 19 -2.38 -1.17 10.10
C LEU A 19 -3.17 -0.04 10.74
N ALA A 20 -4.43 -0.34 11.08
CA ALA A 20 -5.30 0.65 11.70
C ALA A 20 -4.63 1.28 12.92
N ALA A 21 -3.70 0.54 13.53
CA ALA A 21 -3.00 1.02 14.70
C ALA A 21 -1.81 1.90 14.31
N ILE A 22 -1.03 1.43 13.35
CA ILE A 22 0.14 2.18 12.89
C ILE A 22 -0.24 3.60 12.50
N PHE A 23 -1.37 3.75 11.83
CA PHE A 23 -1.84 5.06 11.40
C PHE A 23 -2.61 5.75 12.52
N CYS A 24 -3.63 5.07 13.04
CA CYS A 24 -4.44 5.62 14.12
C CYS A 24 -4.83 7.06 13.82
N ARG A 25 -4.93 7.39 12.55
CA ARG A 25 -5.29 8.75 12.13
C ARG A 25 -6.78 8.84 11.80
N PRO A 26 -7.39 9.98 12.15
CA PRO A 26 -8.82 10.22 11.90
C PRO A 26 -9.14 10.38 10.43
N HIS A 27 -10.20 9.72 9.98
CA HIS A 27 -10.61 9.78 8.58
C HIS A 27 -9.42 9.59 7.65
N GLU A 28 -8.47 8.76 8.07
CA GLU A 28 -7.29 8.48 7.28
C GLU A 28 -7.19 7.00 6.93
N TRP A 29 -8.05 6.20 7.54
CA TRP A 29 -8.07 4.77 7.28
C TRP A 29 -9.44 4.32 6.81
N GLU A 30 -9.49 3.71 5.63
CA GLU A 30 -10.74 3.22 5.06
C GLU A 30 -10.54 1.89 4.34
N VAL A 31 -11.52 1.00 4.47
CA VAL A 31 -11.45 -0.31 3.82
C VAL A 31 -12.61 -0.50 2.84
N LEU A 32 -12.33 -0.27 1.57
CA LEU A 32 -13.35 -0.42 0.53
C LEU A 32 -14.27 -1.59 0.84
N SER A 33 -13.73 -2.80 0.75
CA SER A 33 -14.51 -4.01 1.02
C SER A 33 -13.60 -5.19 1.30
N ARG A 34 -14.04 -6.09 2.18
CA ARG A 34 -13.26 -7.27 2.54
C ARG A 34 -14.07 -8.54 2.31
N SER A 35 -13.44 -9.52 1.67
CA SER A 35 -14.10 -10.79 1.38
C SER A 35 -13.47 -11.92 2.19
N GLU A 36 -14.26 -12.97 2.43
CA GLU A 36 -13.78 -14.12 3.20
C GLU A 36 -12.64 -14.83 2.45
N THR A 37 -12.83 -15.05 1.16
CA THR A 37 -11.82 -15.72 0.34
C THR A 37 -11.55 -14.94 -0.94
N ASP A 38 -12.62 -14.48 -1.58
CA ASP A 38 -12.49 -13.72 -2.82
C ASP A 38 -11.31 -12.75 -2.75
N GLY A 39 -10.95 -12.36 -1.54
CA GLY A 39 -9.84 -11.44 -1.35
C GLY A 39 -10.20 -10.28 -0.45
N THR A 40 -9.34 -9.26 -0.44
CA THR A 40 -9.57 -8.08 0.40
C THR A 40 -9.06 -6.82 -0.30
N VAL A 41 -9.96 -5.84 -0.47
CA VAL A 41 -9.61 -4.59 -1.12
C VAL A 41 -9.80 -3.41 -0.17
N PHE A 42 -8.71 -2.72 0.15
CA PHE A 42 -8.76 -1.58 1.04
C PHE A 42 -7.87 -0.44 0.53
N ARG A 43 -8.24 0.79 0.86
CA ARG A 43 -7.47 1.96 0.44
C ARG A 43 -7.32 2.95 1.59
N ILE A 44 -6.08 3.36 1.85
CA ILE A 44 -5.80 4.30 2.92
C ILE A 44 -5.05 5.52 2.38
N HIS A 45 -5.35 6.68 2.96
CA HIS A 45 -4.72 7.92 2.53
C HIS A 45 -3.47 8.21 3.38
N THR A 46 -2.35 8.46 2.72
CA THR A 46 -1.11 8.75 3.42
C THR A 46 -0.38 9.93 2.79
N LYS A 47 0.53 10.53 3.54
CA LYS A 47 1.29 11.68 3.05
C LYS A 47 2.79 11.47 3.26
N ALA A 48 3.56 11.61 2.18
CA ALA A 48 5.00 11.43 2.26
C ALA A 48 5.69 12.73 2.64
N GLU A 49 7.02 12.71 2.67
CA GLU A 49 7.81 13.88 3.03
C GLU A 49 7.89 14.86 1.85
N GLY A 50 7.20 14.52 0.77
CA GLY A 50 7.21 15.38 -0.41
C GLY A 50 8.61 15.58 -0.96
N PHE A 51 8.87 16.79 -1.44
CA PHE A 51 10.19 17.11 -2.00
C PHE A 51 10.82 18.29 -1.26
N MET A 52 9.98 19.20 -0.79
CA MET A 52 10.46 20.38 -0.07
C MET A 52 9.65 20.58 1.22
N ASP A 53 10.04 19.86 2.26
CA ASP A 53 9.37 19.96 3.56
C ASP A 53 7.87 20.18 3.37
N ALA A 54 7.28 19.44 2.44
CA ALA A 54 5.85 19.55 2.16
C ALA A 54 5.19 18.18 2.11
N ASP A 55 3.87 18.15 2.27
CA ASP A 55 3.12 16.90 2.23
C ASP A 55 2.44 16.70 0.88
N ILE A 56 2.51 15.49 0.35
CA ILE A 56 1.92 15.17 -0.93
C ILE A 56 0.82 14.12 -0.78
N PRO A 57 -0.29 14.32 -1.49
CA PRO A 57 -1.43 13.39 -1.46
C PRO A 57 -1.13 12.07 -2.14
N LEU A 58 -0.60 11.12 -1.36
CA LEU A 58 -0.26 9.80 -1.88
C LEU A 58 -1.37 8.79 -1.59
N GLU A 59 -1.86 8.14 -2.64
CA GLU A 59 -2.92 7.14 -2.49
C GLU A 59 -2.38 5.74 -2.72
N LEU A 60 -2.14 5.02 -1.62
CA LEU A 60 -1.62 3.66 -1.70
C LEU A 60 -2.74 2.64 -1.53
N VAL A 61 -3.14 2.02 -2.64
CA VAL A 61 -4.21 1.01 -2.62
C VAL A 61 -3.64 -0.39 -2.80
N PHE A 62 -3.56 -1.14 -1.70
CA PHE A 62 -3.04 -2.50 -1.75
C PHE A 62 -4.18 -3.52 -1.74
N HIS A 63 -4.15 -4.44 -2.70
CA HIS A 63 -5.18 -5.47 -2.80
C HIS A 63 -4.58 -6.85 -2.60
N LEU A 64 -5.07 -7.55 -1.57
CA LEU A 64 -4.58 -8.89 -1.27
C LEU A 64 -5.58 -9.95 -1.73
N PRO A 65 -5.33 -10.51 -2.93
CA PRO A 65 -6.20 -11.54 -3.51
C PRO A 65 -6.09 -12.87 -2.76
N VAL A 66 -6.65 -13.92 -3.35
CA VAL A 66 -6.62 -15.25 -2.75
C VAL A 66 -5.18 -15.76 -2.61
N ASN A 67 -4.56 -16.06 -3.74
CA ASN A 67 -3.19 -16.56 -3.75
C ASN A 67 -2.37 -15.93 -2.63
N TYR A 68 -2.38 -14.59 -2.59
CA TYR A 68 -1.64 -13.86 -1.57
C TYR A 68 -1.64 -14.61 -0.24
N PRO A 69 -0.52 -14.56 0.48
CA PRO A 69 0.67 -13.82 0.03
C PRO A 69 1.35 -14.49 -1.17
N SER A 70 0.93 -15.71 -1.47
CA SER A 70 1.49 -16.45 -2.59
C SER A 70 1.87 -15.51 -3.74
N CYS A 71 0.96 -14.61 -4.07
CA CYS A 71 1.19 -13.65 -5.15
C CYS A 71 1.35 -12.24 -4.59
N LEU A 72 1.85 -11.33 -5.42
CA LEU A 72 2.06 -9.95 -5.01
C LEU A 72 0.74 -9.20 -4.94
N PRO A 73 0.61 -8.30 -3.95
CA PRO A 73 -0.59 -7.50 -3.76
C PRO A 73 -0.78 -6.47 -4.85
N GLY A 74 -2.03 -6.30 -5.31
CA GLY A 74 -2.32 -5.35 -6.34
C GLY A 74 -1.99 -3.92 -5.93
N ILE A 75 -0.77 -3.49 -6.22
CA ILE A 75 -0.34 -2.15 -5.87
C ILE A 75 -0.82 -1.13 -6.89
N SER A 76 -1.34 -0.01 -6.41
CA SER A 76 -1.85 1.04 -7.29
C SER A 76 -1.45 2.42 -6.76
N ILE A 77 -0.67 3.14 -7.56
CA ILE A 77 -0.21 4.48 -7.19
C ILE A 77 -0.90 5.54 -8.02
N ASN A 78 -1.66 6.42 -7.35
CA ASN A 78 -2.37 7.49 -8.01
C ASN A 78 -2.50 8.71 -7.10
N SER A 79 -2.00 9.86 -7.58
CA SER A 79 -2.07 11.09 -6.81
C SER A 79 -2.76 12.20 -7.61
N GLU A 80 -3.64 12.93 -6.94
CA GLU A 80 -4.37 14.02 -7.59
C GLU A 80 -3.41 15.10 -8.07
N GLN A 81 -2.15 15.00 -7.65
CA GLN A 81 -1.13 15.97 -8.03
C GLN A 81 -0.20 15.39 -9.09
N LEU A 82 0.42 14.26 -8.76
CA LEU A 82 1.35 13.61 -9.68
C LEU A 82 0.66 13.28 -11.00
N THR A 83 1.45 13.00 -12.03
CA THR A 83 0.92 12.66 -13.34
C THR A 83 0.88 11.15 -13.55
N ARG A 84 0.33 10.72 -14.68
CA ARG A 84 0.22 9.31 -14.99
C ARG A 84 1.58 8.63 -14.89
N ALA A 85 2.52 9.07 -15.73
CA ALA A 85 3.86 8.50 -15.74
C ALA A 85 4.49 8.55 -14.36
N GLN A 86 4.54 9.75 -13.77
CA GLN A 86 5.11 9.94 -12.45
C GLN A 86 4.55 8.91 -11.46
N CYS A 87 3.35 8.42 -11.75
CA CYS A 87 2.70 7.43 -10.89
C CYS A 87 3.10 6.01 -11.29
N VAL A 88 2.67 5.60 -12.48
CA VAL A 88 2.99 4.27 -12.99
C VAL A 88 4.40 3.86 -12.62
N THR A 89 5.31 4.84 -12.58
CA THR A 89 6.71 4.59 -12.25
C THR A 89 6.84 4.07 -10.82
N VAL A 90 6.49 4.92 -9.86
CA VAL A 90 6.57 4.56 -8.44
C VAL A 90 6.15 3.11 -8.22
N LYS A 91 5.01 2.74 -8.82
CA LYS A 91 4.50 1.38 -8.70
C LYS A 91 5.51 0.36 -9.22
N GLU A 92 5.83 0.47 -10.51
CA GLU A 92 6.79 -0.43 -11.13
C GLU A 92 7.88 -0.84 -10.14
N LYS A 93 8.42 0.14 -9.43
CA LYS A 93 9.48 -0.11 -8.45
C LYS A 93 8.95 -0.91 -7.28
N LEU A 94 7.88 -0.41 -6.65
CA LEU A 94 7.27 -1.09 -5.51
C LEU A 94 7.14 -2.59 -5.78
N LEU A 95 6.74 -2.94 -7.00
CA LEU A 95 6.59 -4.34 -7.37
C LEU A 95 7.86 -5.13 -7.10
N GLU A 96 8.95 -4.74 -7.75
CA GLU A 96 10.23 -5.41 -7.58
C GLU A 96 10.46 -5.76 -6.11
N GLN A 97 10.33 -4.75 -5.24
CA GLN A 97 10.53 -4.95 -3.81
C GLN A 97 9.57 -6.00 -3.27
N ALA A 98 8.28 -5.79 -3.49
CA ALA A 98 7.26 -6.72 -3.03
C ALA A 98 7.75 -8.17 -3.13
N GLU A 99 8.10 -8.58 -4.34
CA GLU A 99 8.57 -9.94 -4.59
C GLU A 99 9.54 -10.37 -3.48
N SER A 100 10.69 -9.71 -3.41
CA SER A 100 11.70 -10.02 -2.41
C SER A 100 11.07 -10.16 -1.03
N LEU A 101 9.96 -9.46 -0.82
CA LEU A 101 9.26 -9.49 0.46
C LEU A 101 8.10 -10.49 0.42
N LEU A 102 8.26 -11.53 -0.39
CA LEU A 102 7.23 -12.55 -0.52
C LEU A 102 7.04 -13.32 0.78
N SER A 103 5.88 -13.96 0.93
CA SER A 103 5.58 -14.71 2.14
C SER A 103 5.81 -13.87 3.39
N GLU A 104 5.69 -12.55 3.24
CA GLU A 104 5.89 -11.64 4.35
C GLU A 104 5.09 -10.34 4.14
N PRO A 105 4.86 -9.62 5.24
CA PRO A 105 4.12 -8.35 5.21
C PRO A 105 4.88 -7.24 4.49
N MET A 106 4.52 -6.98 3.24
CA MET A 106 5.17 -5.94 2.46
C MET A 106 4.32 -4.68 2.42
N VAL A 107 2.99 -4.85 2.40
CA VAL A 107 2.07 -3.72 2.37
C VAL A 107 2.53 -2.61 3.29
N HIS A 108 2.83 -2.97 4.53
CA HIS A 108 3.28 -1.99 5.52
C HIS A 108 4.66 -1.44 5.16
N GLU A 109 5.66 -2.32 5.18
CA GLU A 109 7.03 -1.92 4.85
C GLU A 109 7.04 -0.99 3.65
N LEU A 110 6.61 -1.49 2.50
CA LEU A 110 6.58 -0.71 1.27
C LEU A 110 6.20 0.74 1.57
N VAL A 111 5.04 0.94 2.17
CA VAL A 111 4.56 2.27 2.51
C VAL A 111 5.70 3.12 3.11
N LEU A 112 6.39 2.55 4.09
CA LEU A 112 7.49 3.25 4.74
C LEU A 112 8.69 3.38 3.81
N TRP A 113 8.87 2.37 2.96
CA TRP A 113 9.99 2.36 2.02
C TRP A 113 9.87 3.53 1.04
N ILE A 114 8.81 3.53 0.24
CA ILE A 114 8.59 4.59 -0.73
C ILE A 114 8.43 5.94 -0.05
N GLN A 115 7.57 6.00 0.96
CA GLN A 115 7.33 7.22 1.70
C GLN A 115 8.63 7.98 1.93
N GLN A 116 9.69 7.25 2.26
CA GLN A 116 10.99 7.86 2.50
C GLN A 116 11.79 7.98 1.20
N ASN A 117 11.63 7.00 0.33
CA ASN A 117 12.34 7.00 -0.95
C ASN A 117 11.41 7.40 -2.10
N LEU A 118 10.55 8.38 -1.83
CA LEU A 118 9.61 8.85 -2.83
C LEU A 118 10.28 9.80 -3.82
N ARG A 119 11.00 10.78 -3.28
CA ARG A 119 11.71 11.76 -4.11
C ARG A 119 12.83 11.08 -4.90
N HIS A 120 13.63 10.27 -4.22
CA HIS A 120 14.74 9.57 -4.85
C HIS A 120 14.30 8.97 -6.18
N ILE A 121 13.22 8.20 -6.15
CA ILE A 121 12.71 7.55 -7.36
C ILE A 121 12.20 8.60 -8.35
N LEU A 122 11.42 9.56 -7.86
CA LEU A 122 10.87 10.60 -8.70
C LEU A 122 11.87 11.73 -8.90
N SER A 123 13.15 11.37 -9.00
CA SER A 123 14.22 12.35 -9.18
C SER A 123 14.58 12.49 -10.65
N GLN A 124 14.70 11.35 -11.34
CA GLN A 124 15.04 11.35 -12.75
C GLN A 124 14.09 12.23 -13.55
N PRO A 125 14.65 13.11 -14.39
CA PRO A 125 13.87 14.03 -15.22
C PRO A 125 13.12 13.30 -16.33
N GLU A 126 11.95 13.82 -16.69
CA GLU A 126 11.13 13.21 -17.73
C GLU A 126 11.10 14.10 -18.97
N THR A 127 10.73 13.51 -20.11
CA THR A 127 10.66 14.25 -21.36
C THR A 127 9.27 14.86 -21.57
N GLY A 128 9.13 16.13 -21.17
CA GLY A 128 7.86 16.81 -21.31
C GLY A 128 8.00 18.31 -21.23
N GLY A 1 -16.34 -4.47 23.74
CA GLY A 1 -16.20 -5.45 22.68
C GLY A 1 -15.13 -6.48 22.98
N SER A 2 -15.31 -7.68 22.45
CA SER A 2 -14.34 -8.76 22.67
C SER A 2 -13.71 -9.18 21.35
N SER A 3 -12.58 -9.89 21.45
CA SER A 3 -11.87 -10.36 20.26
C SER A 3 -11.70 -11.87 20.29
N GLY A 4 -12.23 -12.54 19.27
CA GLY A 4 -12.14 -13.98 19.20
C GLY A 4 -13.18 -14.59 18.27
N SER A 5 -12.83 -14.72 17.00
CA SER A 5 -13.74 -15.28 16.01
C SER A 5 -12.99 -16.18 15.03
N SER A 6 -13.68 -17.22 14.54
CA SER A 6 -13.08 -18.15 13.61
C SER A 6 -13.67 -17.98 12.20
N GLY A 7 -12.81 -17.62 11.25
CA GLY A 7 -13.27 -17.42 9.89
C GLY A 7 -12.30 -16.58 9.07
N MET A 8 -11.89 -15.45 9.64
CA MET A 8 -10.96 -14.56 8.94
C MET A 8 -9.54 -15.12 8.99
N ALA A 9 -8.71 -14.70 8.03
CA ALA A 9 -7.33 -15.16 7.96
C ALA A 9 -6.54 -14.71 9.19
N GLU A 10 -5.62 -15.54 9.63
CA GLU A 10 -4.80 -15.23 10.80
C GLU A 10 -3.80 -14.12 10.48
N PRO A 11 -2.94 -14.37 9.48
CA PRO A 11 -1.92 -13.41 9.06
C PRO A 11 -2.53 -12.20 8.36
N VAL A 12 -3.37 -12.46 7.37
CA VAL A 12 -4.02 -11.39 6.62
C VAL A 12 -4.73 -10.41 7.55
N GLN A 13 -5.57 -10.95 8.44
CA GLN A 13 -6.30 -10.13 9.38
C GLN A 13 -5.36 -9.22 10.17
N GLU A 14 -4.31 -9.81 10.74
CA GLU A 14 -3.34 -9.05 11.51
C GLU A 14 -2.88 -7.81 10.74
N GLU A 15 -2.20 -8.04 9.62
CA GLU A 15 -1.70 -6.94 8.81
C GLU A 15 -2.68 -5.77 8.81
N LEU A 16 -3.95 -6.06 8.55
CA LEU A 16 -4.99 -5.03 8.52
C LEU A 16 -5.10 -4.36 9.88
N SER A 17 -5.08 -5.16 10.94
CA SER A 17 -5.20 -4.63 12.29
C SER A 17 -4.01 -3.75 12.64
N VAL A 18 -2.81 -4.28 12.43
CA VAL A 18 -1.58 -3.54 12.72
C VAL A 18 -1.64 -2.14 12.13
N LEU A 19 -1.84 -2.07 10.81
CA LEU A 19 -1.90 -0.79 10.12
C LEU A 19 -2.85 0.18 10.84
N ALA A 20 -3.97 -0.35 11.32
CA ALA A 20 -4.95 0.45 12.03
C ALA A 20 -4.27 1.35 13.07
N ALA A 21 -3.20 0.84 13.67
CA ALA A 21 -2.46 1.60 14.68
C ALA A 21 -1.74 2.79 14.05
N ILE A 22 -0.87 2.50 13.09
CA ILE A 22 -0.10 3.54 12.40
C ILE A 22 -0.99 4.72 12.04
N PHE A 23 -2.06 4.44 11.29
CA PHE A 23 -2.99 5.48 10.87
C PHE A 23 -3.96 5.83 12.00
N CYS A 24 -4.60 4.81 12.57
CA CYS A 24 -5.55 5.02 13.66
C CYS A 24 -6.45 6.20 13.37
N ARG A 25 -6.84 6.35 12.11
CA ARG A 25 -7.71 7.45 11.71
C ARG A 25 -8.74 6.99 10.68
N PRO A 26 -9.98 7.46 10.82
CA PRO A 26 -11.08 7.10 9.91
C PRO A 26 -10.90 7.70 8.52
N HIS A 27 -9.99 8.66 8.42
CA HIS A 27 -9.72 9.33 7.13
C HIS A 27 -8.51 8.71 6.45
N GLU A 28 -7.47 8.42 7.25
CA GLU A 28 -6.24 7.83 6.72
C GLU A 28 -6.45 6.35 6.39
N TRP A 29 -7.07 5.63 7.32
CA TRP A 29 -7.33 4.21 7.14
C TRP A 29 -8.76 3.97 6.67
N GLU A 30 -8.90 3.37 5.49
CA GLU A 30 -10.22 3.08 4.93
C GLU A 30 -10.21 1.77 4.16
N VAL A 31 -11.09 0.85 4.53
CA VAL A 31 -11.18 -0.45 3.88
C VAL A 31 -12.52 -0.61 3.16
N LEU A 32 -12.48 -0.60 1.84
CA LEU A 32 -13.69 -0.74 1.04
C LEU A 32 -14.43 -2.02 1.41
N SER A 33 -13.78 -3.16 1.21
CA SER A 33 -14.39 -4.46 1.52
C SER A 33 -13.31 -5.48 1.86
N ARG A 34 -13.62 -6.35 2.82
CA ARG A 34 -12.68 -7.38 3.24
C ARG A 34 -13.38 -8.74 3.36
N SER A 35 -12.73 -9.78 2.87
CA SER A 35 -13.29 -11.13 2.91
C SER A 35 -12.36 -12.07 3.66
N GLU A 36 -12.88 -13.25 4.01
CA GLU A 36 -12.10 -14.25 4.73
C GLU A 36 -10.94 -14.75 3.88
N THR A 37 -11.25 -15.34 2.74
CA THR A 37 -10.24 -15.86 1.84
C THR A 37 -10.39 -15.29 0.43
N ASP A 38 -11.64 -15.12 0.01
CA ASP A 38 -11.93 -14.58 -1.31
C ASP A 38 -10.95 -13.47 -1.67
N GLY A 39 -10.63 -12.62 -0.69
CA GLY A 39 -9.71 -11.53 -0.93
C GLY A 39 -10.06 -10.29 -0.12
N THR A 40 -9.07 -9.42 0.08
CA THR A 40 -9.28 -8.19 0.84
C THR A 40 -8.87 -6.97 0.03
N VAL A 41 -9.79 -6.03 -0.13
CA VAL A 41 -9.50 -4.81 -0.88
C VAL A 41 -9.70 -3.57 -0.01
N PHE A 42 -8.68 -2.71 0.03
CA PHE A 42 -8.74 -1.50 0.82
C PHE A 42 -7.93 -0.38 0.17
N ARG A 43 -8.35 0.85 0.38
CA ARG A 43 -7.66 2.01 -0.20
C ARG A 43 -7.42 3.08 0.87
N ILE A 44 -6.19 3.15 1.36
CA ILE A 44 -5.82 4.12 2.38
C ILE A 44 -4.98 5.26 1.79
N HIS A 45 -5.08 6.43 2.37
CA HIS A 45 -4.34 7.60 1.91
C HIS A 45 -3.10 7.83 2.78
N THR A 46 -2.02 8.29 2.16
CA THR A 46 -0.78 8.55 2.89
C THR A 46 -0.10 9.81 2.36
N LYS A 47 0.70 10.44 3.21
CA LYS A 47 1.41 11.66 2.84
C LYS A 47 2.92 11.48 2.99
N ALA A 48 3.67 11.94 2.00
CA ALA A 48 5.12 11.83 2.03
C ALA A 48 5.77 13.20 2.24
N GLU A 49 7.07 13.20 2.51
CA GLU A 49 7.81 14.43 2.74
C GLU A 49 7.63 15.40 1.57
N GLY A 50 7.12 14.88 0.46
CA GLY A 50 6.90 15.70 -0.72
C GLY A 50 8.15 16.46 -1.13
N PHE A 51 8.02 17.77 -1.28
CA PHE A 51 9.15 18.60 -1.68
C PHE A 51 9.06 19.99 -1.04
N MET A 52 10.04 20.30 -0.20
CA MET A 52 10.07 21.59 0.49
C MET A 52 9.05 21.64 1.61
N ASP A 53 8.99 20.57 2.41
CA ASP A 53 8.05 20.49 3.52
C ASP A 53 6.61 20.59 3.02
N ALA A 54 6.39 20.14 1.79
CA ALA A 54 5.05 20.17 1.21
C ALA A 54 4.45 18.76 1.14
N ASP A 55 3.58 18.46 2.09
CA ASP A 55 2.93 17.15 2.15
C ASP A 55 2.16 16.88 0.85
N ILE A 56 2.43 15.74 0.24
CA ILE A 56 1.75 15.36 -1.00
C ILE A 56 0.87 14.14 -0.79
N PRO A 57 -0.38 14.22 -1.28
CA PRO A 57 -1.35 13.13 -1.16
C PRO A 57 -0.99 11.94 -2.03
N LEU A 58 -0.98 10.76 -1.44
CA LEU A 58 -0.66 9.53 -2.17
C LEU A 58 -1.85 8.58 -2.19
N GLU A 59 -1.82 7.62 -3.12
CA GLU A 59 -2.90 6.65 -3.25
C GLU A 59 -2.33 5.24 -3.43
N LEU A 60 -2.44 4.43 -2.39
CA LEU A 60 -1.95 3.05 -2.44
C LEU A 60 -3.09 2.06 -2.27
N VAL A 61 -3.30 1.23 -3.30
CA VAL A 61 -4.37 0.24 -3.26
C VAL A 61 -3.78 -1.18 -3.23
N PHE A 62 -3.80 -1.79 -2.05
CA PHE A 62 -3.28 -3.15 -1.88
C PHE A 62 -4.41 -4.18 -1.92
N HIS A 63 -4.34 -5.09 -2.88
CA HIS A 63 -5.35 -6.13 -3.02
C HIS A 63 -4.78 -7.49 -2.67
N LEU A 64 -5.32 -8.09 -1.60
CA LEU A 64 -4.85 -9.41 -1.15
C LEU A 64 -5.73 -10.51 -1.73
N PRO A 65 -5.20 -11.23 -2.73
CA PRO A 65 -5.92 -12.33 -3.38
C PRO A 65 -6.08 -13.54 -2.47
N VAL A 66 -6.41 -14.68 -3.06
CA VAL A 66 -6.59 -15.91 -2.30
C VAL A 66 -5.29 -16.70 -2.20
N ASN A 67 -4.39 -16.48 -3.16
CA ASN A 67 -3.10 -17.16 -3.18
C ASN A 67 -2.11 -16.50 -2.24
N TYR A 68 -2.11 -15.17 -2.23
CA TYR A 68 -1.21 -14.41 -1.37
C TYR A 68 -1.01 -15.12 -0.04
N PRO A 69 0.18 -14.94 0.55
CA PRO A 69 1.25 -14.14 -0.05
C PRO A 69 1.84 -14.79 -1.29
N SER A 70 1.27 -15.93 -1.68
CA SER A 70 1.75 -16.65 -2.85
C SER A 70 1.28 -15.97 -4.14
N CYS A 71 1.40 -14.66 -4.18
CA CYS A 71 0.99 -13.89 -5.35
C CYS A 71 1.33 -12.41 -5.19
N LEU A 72 1.50 -11.72 -6.31
CA LEU A 72 1.83 -10.30 -6.28
C LEU A 72 0.57 -9.45 -6.11
N PRO A 73 0.60 -8.54 -5.13
CA PRO A 73 -0.53 -7.65 -4.84
C PRO A 73 -0.74 -6.60 -5.93
N GLY A 74 -1.98 -6.16 -6.08
CA GLY A 74 -2.29 -5.16 -7.10
C GLY A 74 -1.99 -3.76 -6.64
N ILE A 75 -0.72 -3.36 -6.75
CA ILE A 75 -0.30 -2.02 -6.33
C ILE A 75 -0.67 -0.98 -7.38
N SER A 76 -1.15 0.17 -6.93
CA SER A 76 -1.54 1.25 -7.82
C SER A 76 -1.16 2.61 -7.24
N ILE A 77 -0.58 3.46 -8.08
CA ILE A 77 -0.18 4.80 -7.65
C ILE A 77 -0.77 5.87 -8.56
N ASN A 78 -1.51 6.80 -7.97
CA ASN A 78 -2.12 7.88 -8.73
C ASN A 78 -2.41 9.07 -7.83
N SER A 79 -1.84 10.23 -8.18
CA SER A 79 -2.04 11.44 -7.40
C SER A 79 -2.56 12.58 -8.27
N GLU A 80 -3.34 13.47 -7.68
CA GLU A 80 -3.90 14.60 -8.41
C GLU A 80 -2.80 15.56 -8.85
N GLN A 81 -1.71 15.59 -8.10
CA GLN A 81 -0.59 16.46 -8.41
C GLN A 81 0.38 15.80 -9.38
N LEU A 82 0.95 14.67 -8.95
CA LEU A 82 1.90 13.93 -9.78
C LEU A 82 1.28 13.57 -11.13
N THR A 83 2.11 13.55 -12.17
CA THR A 83 1.64 13.23 -13.51
C THR A 83 1.54 11.72 -13.70
N ARG A 84 0.93 11.30 -14.81
CA ARG A 84 0.76 9.89 -15.11
C ARG A 84 2.12 9.19 -15.15
N ALA A 85 2.95 9.56 -16.12
CA ALA A 85 4.27 8.96 -16.27
C ALA A 85 4.98 8.86 -14.92
N GLN A 86 4.77 9.84 -14.06
CA GLN A 86 5.39 9.86 -12.74
C GLN A 86 4.78 8.78 -11.85
N CYS A 87 3.50 8.93 -11.53
CA CYS A 87 2.80 7.97 -10.67
C CYS A 87 3.05 6.54 -11.16
N VAL A 88 3.22 6.39 -12.47
CA VAL A 88 3.46 5.08 -13.06
C VAL A 88 4.80 4.51 -12.62
N THR A 89 5.83 5.36 -12.65
CA THR A 89 7.16 4.93 -12.26
C THR A 89 7.19 4.48 -10.80
N VAL A 90 6.49 5.21 -9.94
CA VAL A 90 6.43 4.89 -8.52
C VAL A 90 5.95 3.45 -8.31
N LYS A 91 4.78 3.14 -8.85
CA LYS A 91 4.20 1.80 -8.72
C LYS A 91 5.20 0.74 -9.19
N GLU A 92 5.65 0.87 -10.43
CA GLU A 92 6.60 -0.09 -11.00
C GLU A 92 7.67 -0.46 -9.96
N LYS A 93 8.15 0.53 -9.23
CA LYS A 93 9.17 0.30 -8.22
C LYS A 93 8.64 -0.62 -7.11
N LEU A 94 7.46 -0.29 -6.59
CA LEU A 94 6.85 -1.07 -5.53
C LEU A 94 6.72 -2.53 -5.95
N LEU A 95 6.33 -2.77 -7.19
CA LEU A 95 6.17 -4.12 -7.71
C LEU A 95 7.42 -4.94 -7.47
N GLU A 96 8.56 -4.44 -7.93
CA GLU A 96 9.83 -5.12 -7.75
C GLU A 96 10.02 -5.57 -6.31
N GLN A 97 9.92 -4.61 -5.39
CA GLN A 97 10.08 -4.90 -3.96
C GLN A 97 9.12 -5.99 -3.52
N ALA A 98 7.86 -5.87 -3.91
CA ALA A 98 6.84 -6.85 -3.55
C ALA A 98 7.35 -8.26 -3.76
N GLU A 99 7.72 -8.57 -4.99
CA GLU A 99 8.23 -9.90 -5.33
C GLU A 99 9.27 -10.36 -4.31
N SER A 100 10.39 -9.65 -4.25
CA SER A 100 11.46 -9.98 -3.33
C SER A 100 10.92 -10.12 -1.90
N LEU A 101 9.94 -9.29 -1.56
CA LEU A 101 9.34 -9.32 -0.23
C LEU A 101 8.12 -10.24 -0.21
N LEU A 102 8.22 -11.36 -0.91
CA LEU A 102 7.13 -12.32 -0.97
C LEU A 102 7.06 -13.14 0.32
N SER A 103 5.92 -13.78 0.54
CA SER A 103 5.72 -14.59 1.74
C SER A 103 5.95 -13.77 3.00
N GLU A 104 5.49 -12.52 2.97
CA GLU A 104 5.64 -11.63 4.12
C GLU A 104 4.74 -10.40 3.97
N PRO A 105 4.39 -9.78 5.11
CA PRO A 105 3.54 -8.58 5.13
C PRO A 105 4.25 -7.36 4.57
N MET A 106 4.15 -7.18 3.24
CA MET A 106 4.78 -6.04 2.58
C MET A 106 3.88 -4.81 2.63
N VAL A 107 2.56 -5.05 2.63
CA VAL A 107 1.59 -3.95 2.67
C VAL A 107 2.09 -2.82 3.56
N HIS A 108 2.49 -3.16 4.78
CA HIS A 108 2.99 -2.16 5.73
C HIS A 108 4.36 -1.64 5.30
N GLU A 109 5.30 -2.57 5.10
CA GLU A 109 6.65 -2.21 4.69
C GLU A 109 6.63 -1.21 3.54
N LEU A 110 6.14 -1.65 2.39
CA LEU A 110 6.06 -0.79 1.21
C LEU A 110 5.72 0.65 1.60
N VAL A 111 4.54 0.84 2.18
CA VAL A 111 4.10 2.16 2.61
C VAL A 111 5.26 2.97 3.18
N LEU A 112 5.92 2.43 4.19
CA LEU A 112 7.05 3.10 4.81
C LEU A 112 8.20 3.29 3.81
N TRP A 113 8.47 2.24 3.05
CA TRP A 113 9.54 2.28 2.06
C TRP A 113 9.47 3.55 1.23
N ILE A 114 8.42 3.68 0.42
CA ILE A 114 8.23 4.85 -0.41
C ILE A 114 8.28 6.13 0.41
N GLN A 115 7.65 6.11 1.58
CA GLN A 115 7.62 7.25 2.46
C GLN A 115 9.04 7.74 2.76
N GLN A 116 10.00 6.82 2.71
CA GLN A 116 11.39 7.17 2.98
C GLN A 116 12.14 7.46 1.69
N ASN A 117 12.03 6.54 0.73
CA ASN A 117 12.71 6.70 -0.56
C ASN A 117 11.81 7.45 -1.54
N LEU A 118 11.04 8.40 -1.03
CA LEU A 118 10.14 9.19 -1.87
C LEU A 118 10.92 9.96 -2.92
N ARG A 119 11.71 10.93 -2.48
CA ARG A 119 12.51 11.75 -3.38
C ARG A 119 13.47 10.88 -4.20
N HIS A 120 14.16 9.97 -3.51
CA HIS A 120 15.11 9.08 -4.17
C HIS A 120 14.53 8.55 -5.48
N ILE A 121 13.29 8.10 -5.44
CA ILE A 121 12.62 7.57 -6.63
C ILE A 121 12.44 8.66 -7.68
N LEU A 122 11.64 9.66 -7.36
CA LEU A 122 11.37 10.76 -8.28
C LEU A 122 12.68 11.26 -8.91
N SER A 123 13.76 11.22 -8.14
CA SER A 123 15.06 11.67 -8.62
C SER A 123 15.89 10.49 -9.11
N GLN A 124 15.53 9.96 -10.27
CA GLN A 124 16.24 8.83 -10.85
C GLN A 124 16.75 9.16 -12.26
N PRO A 125 17.80 8.46 -12.68
CA PRO A 125 18.41 8.66 -14.01
C PRO A 125 17.50 8.18 -15.14
N GLU A 126 16.30 7.73 -14.78
CA GLU A 126 15.35 7.24 -15.77
C GLU A 126 15.77 5.88 -16.32
N THR A 127 16.35 5.06 -15.45
CA THR A 127 16.81 3.74 -15.85
C THR A 127 15.73 2.68 -15.61
N GLY A 128 15.16 2.18 -16.70
CA GLY A 128 14.11 1.17 -16.58
C GLY A 128 12.99 1.61 -15.67
N GLY A 1 -27.65 -8.18 1.31
CA GLY A 1 -26.33 -8.29 1.91
C GLY A 1 -26.14 -9.60 2.65
N SER A 2 -25.41 -9.54 3.76
CA SER A 2 -25.15 -10.74 4.56
C SER A 2 -24.62 -10.36 5.94
N SER A 3 -24.98 -11.16 6.94
CA SER A 3 -24.54 -10.91 8.31
C SER A 3 -23.81 -12.12 8.88
N GLY A 4 -22.89 -11.87 9.80
CA GLY A 4 -22.13 -12.94 10.41
C GLY A 4 -20.66 -12.91 10.01
N SER A 5 -19.79 -12.75 11.00
CA SER A 5 -18.36 -12.70 10.74
C SER A 5 -17.63 -13.82 11.49
N SER A 6 -17.02 -14.72 10.73
CA SER A 6 -16.30 -15.85 11.32
C SER A 6 -14.88 -15.92 10.77
N GLY A 7 -13.97 -16.46 11.57
CA GLY A 7 -12.58 -16.59 11.15
C GLY A 7 -12.46 -16.95 9.68
N MET A 8 -11.72 -16.14 8.93
CA MET A 8 -11.53 -16.38 7.51
C MET A 8 -10.04 -16.44 7.17
N ALA A 9 -9.21 -15.92 8.07
CA ALA A 9 -7.76 -15.93 7.86
C ALA A 9 -7.04 -15.39 9.09
N GLU A 10 -6.06 -16.15 9.57
CA GLU A 10 -5.28 -15.76 10.74
C GLU A 10 -4.35 -14.60 10.41
N PRO A 11 -3.48 -14.82 9.41
CA PRO A 11 -2.51 -13.81 8.96
C PRO A 11 -3.18 -12.63 8.26
N VAL A 12 -4.01 -12.93 7.26
CA VAL A 12 -4.72 -11.89 6.53
C VAL A 12 -5.36 -10.88 7.46
N GLN A 13 -6.01 -11.37 8.51
CA GLN A 13 -6.66 -10.51 9.48
C GLN A 13 -5.63 -9.73 10.30
N GLU A 14 -4.50 -10.37 10.57
CA GLU A 14 -3.44 -9.74 11.35
C GLU A 14 -2.92 -8.49 10.64
N GLU A 15 -2.38 -8.69 9.44
CA GLU A 15 -1.85 -7.57 8.66
C GLU A 15 -2.77 -6.36 8.74
N LEU A 16 -4.06 -6.58 8.51
CA LEU A 16 -5.04 -5.51 8.55
C LEU A 16 -5.06 -4.83 9.92
N SER A 17 -5.41 -5.59 10.94
CA SER A 17 -5.46 -5.06 12.30
C SER A 17 -4.23 -4.21 12.61
N VAL A 18 -3.05 -4.81 12.43
CA VAL A 18 -1.81 -4.09 12.68
C VAL A 18 -1.80 -2.72 12.01
N LEU A 19 -2.02 -2.70 10.71
CA LEU A 19 -2.06 -1.45 9.95
C LEU A 19 -2.94 -0.43 10.64
N ALA A 20 -4.18 -0.80 10.91
CA ALA A 20 -5.13 0.09 11.57
C ALA A 20 -4.51 0.70 12.83
N ALA A 21 -3.57 -0.01 13.44
CA ALA A 21 -2.91 0.47 14.65
C ALA A 21 -1.91 1.58 14.32
N ILE A 22 -1.09 1.35 13.30
CA ILE A 22 -0.10 2.32 12.88
C ILE A 22 -0.74 3.65 12.52
N PHE A 23 -1.97 3.58 12.01
CA PHE A 23 -2.70 4.79 11.63
C PHE A 23 -3.68 5.20 12.72
N CYS A 24 -4.63 4.31 13.02
CA CYS A 24 -5.63 4.58 14.05
C CYS A 24 -5.97 6.07 14.10
N ARG A 25 -6.06 6.69 12.92
CA ARG A 25 -6.37 8.11 12.83
C ARG A 25 -7.81 8.32 12.34
N PRO A 26 -8.40 9.46 12.72
CA PRO A 26 -9.78 9.80 12.34
C PRO A 26 -9.90 10.13 10.86
N HIS A 27 -10.47 9.19 10.10
CA HIS A 27 -10.65 9.37 8.66
C HIS A 27 -9.32 9.20 7.92
N GLU A 28 -8.53 8.23 8.36
CA GLU A 28 -7.23 7.96 7.75
C GLU A 28 -7.19 6.54 7.17
N TRP A 29 -7.93 5.64 7.80
CA TRP A 29 -7.97 4.25 7.36
C TRP A 29 -9.33 3.90 6.76
N GLU A 30 -9.36 3.67 5.46
CA GLU A 30 -10.60 3.34 4.76
C GLU A 30 -10.45 2.05 3.97
N VAL A 31 -11.49 1.22 3.98
CA VAL A 31 -11.47 -0.04 3.27
C VAL A 31 -12.70 -0.18 2.36
N LEU A 32 -12.48 -0.03 1.06
CA LEU A 32 -13.56 -0.14 0.09
C LEU A 32 -14.47 -1.32 0.41
N SER A 33 -13.92 -2.53 0.28
CA SER A 33 -14.68 -3.74 0.56
C SER A 33 -13.78 -4.82 1.16
N ARG A 34 -14.40 -5.80 1.81
CA ARG A 34 -13.67 -6.88 2.44
C ARG A 34 -14.40 -8.22 2.25
N SER A 35 -13.75 -9.15 1.57
CA SER A 35 -14.33 -10.46 1.32
C SER A 35 -13.49 -11.56 1.96
N GLU A 36 -14.06 -12.76 2.04
CA GLU A 36 -13.37 -13.90 2.62
C GLU A 36 -12.55 -14.64 1.57
N THR A 37 -13.20 -15.05 0.49
CA THR A 37 -12.53 -15.76 -0.59
C THR A 37 -12.20 -14.83 -1.74
N ASP A 38 -13.14 -13.96 -2.10
CA ASP A 38 -12.94 -13.02 -3.19
C ASP A 38 -11.71 -12.16 -2.93
N GLY A 39 -11.26 -12.10 -1.68
CA GLY A 39 -10.10 -11.32 -1.35
C GLY A 39 -10.43 -10.15 -0.45
N THR A 40 -9.52 -9.18 -0.36
CA THR A 40 -9.73 -8.00 0.47
C THR A 40 -9.08 -6.77 -0.15
N VAL A 41 -9.88 -5.71 -0.32
CA VAL A 41 -9.38 -4.47 -0.91
C VAL A 41 -9.69 -3.29 -0.01
N PHE A 42 -8.69 -2.43 0.20
CA PHE A 42 -8.85 -1.26 1.04
C PHE A 42 -7.94 -0.12 0.56
N ARG A 43 -8.41 1.11 0.74
CA ARG A 43 -7.65 2.28 0.32
C ARG A 43 -7.45 3.25 1.49
N ILE A 44 -6.20 3.45 1.88
CA ILE A 44 -5.88 4.35 2.97
C ILE A 44 -5.15 5.59 2.48
N HIS A 45 -5.37 6.71 3.17
CA HIS A 45 -4.74 7.98 2.79
C HIS A 45 -3.35 8.09 3.42
N THR A 46 -2.36 8.43 2.59
CA THR A 46 -0.99 8.57 3.07
C THR A 46 -0.35 9.84 2.52
N LYS A 47 0.68 10.32 3.21
CA LYS A 47 1.38 11.52 2.80
C LYS A 47 2.89 11.33 2.86
N ALA A 48 3.58 11.79 1.82
CA ALA A 48 5.03 11.66 1.76
C ALA A 48 5.71 12.96 2.16
N GLU A 49 7.03 12.92 2.31
CA GLU A 49 7.80 14.10 2.69
C GLU A 49 7.70 15.18 1.63
N GLY A 50 7.11 14.83 0.49
CA GLY A 50 6.96 15.79 -0.60
C GLY A 50 8.29 16.22 -1.19
N PHE A 51 8.35 17.46 -1.65
CA PHE A 51 9.57 17.99 -2.24
C PHE A 51 10.03 19.26 -1.51
N MET A 52 9.12 20.22 -1.39
CA MET A 52 9.43 21.47 -0.71
C MET A 52 8.77 21.53 0.66
N ASP A 53 9.32 20.77 1.61
CA ASP A 53 8.78 20.73 2.96
C ASP A 53 7.26 20.84 2.95
N ALA A 54 6.63 20.01 2.13
CA ALA A 54 5.17 20.01 2.03
C ALA A 54 4.65 18.59 1.80
N ASP A 55 3.81 18.13 2.73
CA ASP A 55 3.24 16.79 2.63
C ASP A 55 2.38 16.66 1.37
N ILE A 56 2.76 15.71 0.51
CA ILE A 56 2.02 15.48 -0.73
C ILE A 56 0.94 14.42 -0.54
N PRO A 57 -0.28 14.74 -1.01
CA PRO A 57 -1.42 13.83 -0.90
C PRO A 57 -1.28 12.62 -1.81
N LEU A 58 -0.73 11.53 -1.25
CA LEU A 58 -0.55 10.30 -2.01
C LEU A 58 -1.64 9.29 -1.69
N GLU A 59 -2.07 8.54 -2.70
CA GLU A 59 -3.11 7.54 -2.53
C GLU A 59 -2.57 6.14 -2.80
N LEU A 60 -2.64 5.27 -1.80
CA LEU A 60 -2.16 3.90 -1.95
C LEU A 60 -3.30 2.90 -1.81
N VAL A 61 -3.37 1.96 -2.75
CA VAL A 61 -4.42 0.95 -2.73
C VAL A 61 -3.82 -0.45 -2.83
N PHE A 62 -3.87 -1.19 -1.72
CA PHE A 62 -3.34 -2.54 -1.68
C PHE A 62 -4.44 -3.57 -1.84
N HIS A 63 -4.18 -4.61 -2.62
CA HIS A 63 -5.16 -5.66 -2.86
C HIS A 63 -4.63 -7.02 -2.38
N LEU A 64 -5.45 -7.73 -1.63
CA LEU A 64 -5.06 -9.04 -1.11
C LEU A 64 -5.79 -10.16 -1.86
N PRO A 65 -5.11 -10.73 -2.85
CA PRO A 65 -5.66 -11.83 -3.67
C PRO A 65 -5.79 -13.12 -2.88
N VAL A 66 -5.98 -14.22 -3.60
CA VAL A 66 -6.14 -15.54 -2.96
C VAL A 66 -4.80 -16.27 -2.92
N ASN A 67 -3.83 -15.77 -3.66
CA ASN A 67 -2.50 -16.37 -3.71
C ASN A 67 -1.63 -15.86 -2.56
N TYR A 68 -1.68 -14.57 -2.32
CA TYR A 68 -0.90 -13.95 -1.26
C TYR A 68 -0.98 -14.78 0.02
N PRO A 69 0.09 -14.73 0.83
CA PRO A 69 1.28 -13.93 0.51
C PRO A 69 2.07 -14.51 -0.66
N SER A 70 1.56 -15.60 -1.22
CA SER A 70 2.22 -16.25 -2.35
C SER A 70 1.93 -15.50 -3.65
N CYS A 71 2.03 -14.19 -3.60
CA CYS A 71 1.78 -13.35 -4.77
C CYS A 71 2.08 -11.89 -4.47
N LEU A 72 2.07 -11.07 -5.52
CA LEU A 72 2.34 -9.64 -5.37
C LEU A 72 1.04 -8.85 -5.21
N PRO A 73 1.00 -7.97 -4.19
CA PRO A 73 -0.18 -7.14 -3.90
C PRO A 73 -0.40 -6.07 -4.97
N GLY A 74 -1.66 -5.80 -5.27
CA GLY A 74 -1.99 -4.80 -6.27
C GLY A 74 -1.80 -3.38 -5.75
N ILE A 75 -0.61 -2.83 -5.98
CA ILE A 75 -0.31 -1.48 -5.53
C ILE A 75 -0.69 -0.45 -6.59
N SER A 76 -1.26 0.66 -6.15
CA SER A 76 -1.67 1.72 -7.06
C SER A 76 -1.18 3.08 -6.58
N ILE A 77 -0.21 3.65 -7.29
CA ILE A 77 0.36 4.94 -6.93
C ILE A 77 -0.31 6.06 -7.73
N ASN A 78 -0.85 7.04 -7.01
CA ASN A 78 -1.52 8.18 -7.64
C ASN A 78 -1.51 9.39 -6.72
N SER A 79 -0.90 10.48 -7.19
CA SER A 79 -0.82 11.71 -6.40
C SER A 79 -1.35 12.89 -7.21
N GLU A 80 -2.33 13.59 -6.63
CA GLU A 80 -2.92 14.74 -7.29
C GLU A 80 -1.85 15.62 -7.94
N GLN A 81 -0.63 15.53 -7.42
CA GLN A 81 0.48 16.30 -7.95
C GLN A 81 1.17 15.57 -9.09
N LEU A 82 1.64 14.36 -8.81
CA LEU A 82 2.32 13.55 -9.82
C LEU A 82 1.43 13.33 -11.04
N THR A 83 1.98 12.69 -12.07
CA THR A 83 1.23 12.41 -13.28
C THR A 83 1.09 10.92 -13.52
N ARG A 84 0.39 10.56 -14.60
CA ARG A 84 0.19 9.15 -14.93
C ARG A 84 1.53 8.45 -15.15
N ALA A 85 2.29 8.93 -16.12
CA ALA A 85 3.59 8.34 -16.43
C ALA A 85 4.47 8.27 -15.19
N GLN A 86 4.69 9.41 -14.56
CA GLN A 86 5.51 9.48 -13.35
C GLN A 86 5.10 8.40 -12.35
N CYS A 87 3.81 8.37 -12.03
CA CYS A 87 3.30 7.39 -11.08
C CYS A 87 3.71 5.98 -11.48
N VAL A 88 3.31 5.56 -12.68
CA VAL A 88 3.64 4.24 -13.17
C VAL A 88 5.05 3.83 -12.75
N THR A 89 5.99 4.75 -12.88
CA THR A 89 7.38 4.47 -12.52
C THR A 89 7.49 4.08 -11.05
N VAL A 90 6.89 4.88 -10.17
CA VAL A 90 6.92 4.61 -8.74
C VAL A 90 6.26 3.28 -8.41
N LYS A 91 5.01 3.12 -8.85
CA LYS A 91 4.27 1.88 -8.60
C LYS A 91 5.10 0.66 -8.99
N GLU A 92 5.63 0.68 -10.21
CA GLU A 92 6.44 -0.43 -10.71
C GLU A 92 7.53 -0.79 -9.71
N LYS A 93 8.20 0.24 -9.17
CA LYS A 93 9.27 0.03 -8.20
C LYS A 93 8.76 -0.74 -6.99
N LEU A 94 7.78 -0.17 -6.30
CA LEU A 94 7.20 -0.80 -5.11
C LEU A 94 7.01 -2.30 -5.34
N LEU A 95 6.47 -2.65 -6.51
CA LEU A 95 6.23 -4.04 -6.85
C LEU A 95 7.54 -4.83 -6.85
N GLU A 96 8.53 -4.33 -7.57
CA GLU A 96 9.83 -5.00 -7.66
C GLU A 96 10.33 -5.38 -6.27
N GLN A 97 10.20 -4.45 -5.32
CA GLN A 97 10.64 -4.69 -3.96
C GLN A 97 9.82 -5.78 -3.29
N ALA A 98 8.50 -5.62 -3.32
CA ALA A 98 7.61 -6.60 -2.73
C ALA A 98 8.13 -8.02 -2.92
N GLU A 99 8.40 -8.39 -4.16
CA GLU A 99 8.91 -9.72 -4.48
C GLU A 99 9.93 -10.16 -3.43
N SER A 100 11.00 -9.39 -3.28
CA SER A 100 12.05 -9.71 -2.33
C SER A 100 11.49 -9.81 -0.92
N LEU A 101 10.43 -9.05 -0.65
CA LEU A 101 9.79 -9.04 0.66
C LEU A 101 8.56 -9.94 0.66
N LEU A 102 8.64 -11.05 -0.04
CA LEU A 102 7.53 -12.00 -0.12
C LEU A 102 7.33 -12.70 1.22
N SER A 103 6.27 -13.51 1.30
CA SER A 103 5.98 -14.25 2.53
C SER A 103 6.18 -13.37 3.76
N GLU A 104 6.03 -12.06 3.58
CA GLU A 104 6.21 -11.11 4.67
C GLU A 104 5.30 -9.90 4.49
N PRO A 105 5.09 -9.15 5.59
CA PRO A 105 4.24 -7.96 5.59
C PRO A 105 4.87 -6.81 4.82
N MET A 106 4.67 -6.80 3.51
CA MET A 106 5.22 -5.75 2.66
C MET A 106 4.34 -4.52 2.68
N VAL A 107 3.03 -4.72 2.70
CA VAL A 107 2.07 -3.62 2.72
C VAL A 107 2.61 -2.45 3.53
N HIS A 108 2.91 -2.69 4.81
CA HIS A 108 3.44 -1.66 5.68
C HIS A 108 4.81 -1.20 5.22
N GLU A 109 5.79 -2.09 5.30
CA GLU A 109 7.15 -1.77 4.89
C GLU A 109 7.16 -0.87 3.65
N LEU A 110 6.64 -1.40 2.55
CA LEU A 110 6.57 -0.66 1.30
C LEU A 110 6.23 0.81 1.55
N VAL A 111 5.04 1.04 2.09
CA VAL A 111 4.58 2.39 2.38
C VAL A 111 5.73 3.26 2.89
N LEU A 112 6.33 2.85 3.99
CA LEU A 112 7.45 3.59 4.57
C LEU A 112 8.59 3.73 3.58
N TRP A 113 8.92 2.63 2.92
CA TRP A 113 10.00 2.62 1.93
C TRP A 113 9.83 3.78 0.93
N ILE A 114 8.70 3.79 0.24
CA ILE A 114 8.42 4.83 -0.73
C ILE A 114 8.24 6.19 -0.05
N GLN A 115 7.61 6.17 1.11
CA GLN A 115 7.36 7.40 1.86
C GLN A 115 8.64 8.23 1.97
N GLN A 116 9.78 7.55 2.04
CA GLN A 116 11.07 8.23 2.15
C GLN A 116 11.81 8.18 0.82
N ASN A 117 11.67 7.08 0.11
CA ASN A 117 12.34 6.92 -1.19
C ASN A 117 11.40 7.30 -2.33
N LEU A 118 10.72 8.42 -2.18
CA LEU A 118 9.80 8.91 -3.20
C LEU A 118 10.52 9.77 -4.23
N ARG A 119 11.20 10.81 -3.74
CA ARG A 119 11.93 11.72 -4.61
C ARG A 119 13.09 10.99 -5.29
N HIS A 120 13.67 10.01 -4.59
CA HIS A 120 14.78 9.25 -5.13
C HIS A 120 14.39 8.55 -6.43
N ILE A 121 13.14 8.11 -6.50
CA ILE A 121 12.64 7.41 -7.69
C ILE A 121 12.58 8.36 -8.88
N LEU A 122 11.96 9.53 -8.68
CA LEU A 122 11.84 10.52 -9.74
C LEU A 122 13.18 10.77 -10.41
N SER A 123 14.06 11.48 -9.71
CA SER A 123 15.39 11.79 -10.23
C SER A 123 15.29 12.63 -11.50
N GLN A 124 14.29 13.51 -11.53
CA GLN A 124 14.08 14.38 -12.69
C GLN A 124 14.04 15.85 -12.26
N PRO A 125 15.23 16.44 -12.07
CA PRO A 125 15.36 17.84 -11.67
C PRO A 125 14.95 18.81 -12.77
N GLU A 126 13.66 19.12 -12.83
CA GLU A 126 13.13 20.04 -13.83
C GLU A 126 13.14 21.47 -13.33
N THR A 127 13.41 22.41 -14.23
CA THR A 127 13.46 23.82 -13.88
C THR A 127 13.58 24.70 -15.12
N GLY A 128 12.74 25.73 -15.20
CA GLY A 128 12.77 26.62 -16.34
C GLY A 128 11.66 27.65 -16.30
N GLY A 1 -1.03 -18.47 21.68
CA GLY A 1 -1.44 -19.85 21.49
C GLY A 1 -0.78 -20.48 20.28
N SER A 2 -1.12 -21.74 20.01
CA SER A 2 -0.55 -22.46 18.89
C SER A 2 -1.13 -21.95 17.57
N SER A 3 -2.46 -22.01 17.46
CA SER A 3 -3.14 -21.57 16.25
C SER A 3 -4.56 -21.10 16.57
N GLY A 4 -4.89 -19.89 16.14
CA GLY A 4 -6.22 -19.35 16.40
C GLY A 4 -6.29 -17.85 16.19
N SER A 5 -6.49 -17.43 14.95
CA SER A 5 -6.57 -16.02 14.63
C SER A 5 -7.84 -15.71 13.83
N SER A 6 -8.77 -15.01 14.46
CA SER A 6 -10.03 -14.64 13.82
C SER A 6 -9.79 -14.15 12.40
N GLY A 7 -10.64 -14.61 11.47
CA GLY A 7 -10.50 -14.21 10.09
C GLY A 7 -10.31 -15.39 9.15
N MET A 8 -9.62 -15.16 8.05
CA MET A 8 -9.37 -16.22 7.08
C MET A 8 -7.93 -16.72 7.17
N ALA A 9 -7.02 -15.82 7.53
CA ALA A 9 -5.61 -16.17 7.66
C ALA A 9 -5.02 -15.61 8.96
N GLU A 10 -3.90 -16.19 9.39
CA GLU A 10 -3.26 -15.75 10.62
C GLU A 10 -2.55 -14.41 10.40
N PRO A 11 -1.58 -14.39 9.48
CA PRO A 11 -0.82 -13.18 9.16
C PRO A 11 -1.67 -12.13 8.45
N VAL A 12 -2.51 -12.58 7.52
CA VAL A 12 -3.37 -11.69 6.77
C VAL A 12 -4.18 -10.80 7.70
N GLN A 13 -4.89 -11.42 8.65
CA GLN A 13 -5.70 -10.68 9.60
C GLN A 13 -4.85 -9.72 10.42
N GLU A 14 -3.82 -10.25 11.08
CA GLU A 14 -2.94 -9.43 11.89
C GLU A 14 -2.51 -8.18 11.14
N GLU A 15 -2.11 -8.36 9.88
CA GLU A 15 -1.67 -7.24 9.06
C GLU A 15 -2.72 -6.12 9.06
N LEU A 16 -3.94 -6.45 8.63
CA LEU A 16 -5.02 -5.47 8.57
C LEU A 16 -5.17 -4.76 9.91
N SER A 17 -5.15 -5.53 11.00
CA SER A 17 -5.29 -4.97 12.33
C SER A 17 -4.16 -4.00 12.63
N VAL A 18 -2.93 -4.50 12.61
CA VAL A 18 -1.75 -3.67 12.88
C VAL A 18 -1.80 -2.37 12.08
N LEU A 19 -2.03 -2.49 10.78
CA LEU A 19 -2.10 -1.33 9.90
C LEU A 19 -3.13 -0.33 10.41
N ALA A 20 -4.37 -0.78 10.57
CA ALA A 20 -5.44 0.08 11.06
C ALA A 20 -4.96 0.96 12.21
N ALA A 21 -4.05 0.43 13.02
CA ALA A 21 -3.51 1.17 14.15
C ALA A 21 -2.84 2.46 13.68
N ILE A 22 -1.92 2.35 12.73
CA ILE A 22 -1.21 3.50 12.20
C ILE A 22 -2.17 4.45 11.47
N PHE A 23 -3.11 3.87 10.73
CA PHE A 23 -4.09 4.65 9.99
C PHE A 23 -5.24 5.07 10.88
N CYS A 24 -5.25 4.56 12.10
CA CYS A 24 -6.31 4.89 13.05
C CYS A 24 -6.68 6.37 12.97
N ARG A 25 -5.74 7.18 12.51
CA ARG A 25 -5.98 8.62 12.38
C ARG A 25 -7.39 8.89 11.87
N PRO A 26 -7.87 10.13 12.09
CA PRO A 26 -9.20 10.54 11.67
C PRO A 26 -9.32 10.67 10.16
N HIS A 27 -10.16 9.83 9.56
CA HIS A 27 -10.35 9.85 8.11
C HIS A 27 -9.06 9.51 7.38
N GLU A 28 -8.36 8.48 7.86
CA GLU A 28 -7.11 8.06 7.25
C GLU A 28 -7.13 6.56 6.96
N TRP A 29 -8.17 5.89 7.43
CA TRP A 29 -8.31 4.45 7.21
C TRP A 29 -9.66 4.11 6.60
N GLU A 30 -9.67 3.78 5.32
CA GLU A 30 -10.89 3.44 4.61
C GLU A 30 -10.74 2.12 3.85
N VAL A 31 -11.78 1.31 3.86
CA VAL A 31 -11.76 0.03 3.17
C VAL A 31 -13.00 -0.14 2.29
N LEU A 32 -12.80 -0.07 0.98
CA LEU A 32 -13.90 -0.22 0.03
C LEU A 32 -14.70 -1.48 0.31
N SER A 33 -14.02 -2.63 0.22
CA SER A 33 -14.68 -3.91 0.47
C SER A 33 -13.70 -4.89 1.12
N ARG A 34 -14.21 -5.69 2.06
CA ARG A 34 -13.40 -6.67 2.75
C ARG A 34 -14.11 -8.02 2.82
N SER A 35 -13.55 -9.01 2.13
CA SER A 35 -14.12 -10.35 2.10
C SER A 35 -13.30 -11.32 2.94
N GLU A 36 -13.86 -12.49 3.21
CA GLU A 36 -13.19 -13.50 4.01
C GLU A 36 -12.24 -14.34 3.14
N THR A 37 -12.79 -14.91 2.07
CA THR A 37 -11.99 -15.73 1.16
C THR A 37 -11.82 -15.05 -0.19
N ASP A 38 -12.87 -14.38 -0.65
CA ASP A 38 -12.84 -13.68 -1.93
C ASP A 38 -11.62 -12.78 -2.02
N GLY A 39 -11.21 -12.23 -0.88
CA GLY A 39 -10.06 -11.34 -0.85
C GLY A 39 -10.28 -10.13 0.03
N THR A 40 -9.39 -9.15 -0.06
CA THR A 40 -9.49 -7.94 0.73
C THR A 40 -8.90 -6.75 -0.01
N VAL A 41 -9.69 -5.70 -0.18
CA VAL A 41 -9.25 -4.50 -0.87
C VAL A 41 -9.61 -3.25 -0.08
N PHE A 42 -8.74 -2.24 -0.16
CA PHE A 42 -8.97 -0.99 0.55
C PHE A 42 -8.08 0.12 -0.01
N ARG A 43 -8.43 1.37 0.28
CA ARG A 43 -7.67 2.52 -0.19
C ARG A 43 -7.54 3.57 0.91
N ILE A 44 -6.33 3.69 1.46
CA ILE A 44 -6.08 4.66 2.52
C ILE A 44 -5.19 5.80 2.02
N HIS A 45 -5.35 6.96 2.63
CA HIS A 45 -4.56 8.13 2.25
C HIS A 45 -3.25 8.19 3.02
N THR A 46 -2.14 8.32 2.30
CA THR A 46 -0.83 8.38 2.92
C THR A 46 -0.02 9.57 2.40
N LYS A 47 0.92 10.05 3.21
CA LYS A 47 1.75 11.18 2.82
C LYS A 47 3.23 10.81 2.91
N ALA A 48 4.07 11.59 2.24
CA ALA A 48 5.51 11.36 2.25
C ALA A 48 6.28 12.65 2.46
N GLU A 49 7.58 12.53 2.74
CA GLU A 49 8.43 13.70 2.95
C GLU A 49 8.50 14.56 1.70
N GLY A 50 7.53 15.45 1.53
CA GLY A 50 7.50 16.31 0.37
C GLY A 50 8.89 16.71 -0.08
N PHE A 51 9.03 16.97 -1.38
CA PHE A 51 10.32 17.36 -1.95
C PHE A 51 10.86 18.61 -1.26
N MET A 52 9.96 19.53 -0.93
CA MET A 52 10.35 20.77 -0.27
C MET A 52 9.77 20.83 1.15
N ASP A 53 9.73 19.70 1.82
CA ASP A 53 9.21 19.62 3.18
C ASP A 53 7.73 20.01 3.21
N ALA A 54 6.93 19.34 2.40
CA ALA A 54 5.50 19.61 2.32
C ALA A 54 4.70 18.32 2.14
N ASP A 55 3.88 17.99 3.13
CA ASP A 55 3.06 16.78 3.06
C ASP A 55 2.35 16.69 1.71
N ILE A 56 2.73 15.70 0.92
CA ILE A 56 2.13 15.48 -0.39
C ILE A 56 1.12 14.33 -0.36
N PRO A 57 -0.07 14.58 -0.92
CA PRO A 57 -1.14 13.57 -0.98
C PRO A 57 -0.80 12.42 -1.92
N LEU A 58 -0.93 11.20 -1.41
CA LEU A 58 -0.64 10.01 -2.21
C LEU A 58 -1.78 9.00 -2.12
N GLU A 59 -1.95 8.21 -3.17
CA GLU A 59 -3.00 7.20 -3.21
C GLU A 59 -2.42 5.80 -3.32
N LEU A 60 -2.49 5.04 -2.22
CA LEU A 60 -1.96 3.68 -2.19
C LEU A 60 -3.09 2.67 -2.01
N VAL A 61 -3.30 1.84 -3.02
CA VAL A 61 -4.34 0.82 -2.96
C VAL A 61 -3.74 -0.59 -2.92
N PHE A 62 -3.72 -1.17 -1.72
CA PHE A 62 -3.17 -2.52 -1.54
C PHE A 62 -4.26 -3.57 -1.67
N HIS A 63 -4.10 -4.48 -2.62
CA HIS A 63 -5.07 -5.55 -2.84
C HIS A 63 -4.51 -6.90 -2.40
N LEU A 64 -5.12 -7.48 -1.38
CA LEU A 64 -4.68 -8.77 -0.87
C LEU A 64 -5.49 -9.91 -1.47
N PRO A 65 -4.87 -10.63 -2.41
CA PRO A 65 -5.52 -11.76 -3.09
C PRO A 65 -5.72 -12.95 -2.17
N VAL A 66 -6.12 -14.08 -2.75
CA VAL A 66 -6.34 -15.30 -1.97
C VAL A 66 -5.06 -16.11 -1.82
N ASN A 67 -4.18 -15.99 -2.81
CA ASN A 67 -2.91 -16.71 -2.78
C ASN A 67 -1.97 -16.11 -1.74
N TYR A 68 -1.89 -14.79 -1.70
CA TYR A 68 -1.03 -14.09 -0.75
C TYR A 68 -0.95 -14.87 0.56
N PRO A 69 0.23 -14.79 1.21
CA PRO A 69 1.38 -14.03 0.70
C PRO A 69 1.98 -14.67 -0.55
N SER A 70 1.39 -15.77 -1.00
CA SER A 70 1.87 -16.47 -2.18
C SER A 70 1.41 -15.78 -3.46
N CYS A 71 1.50 -14.44 -3.47
CA CYS A 71 1.10 -13.66 -4.63
C CYS A 71 1.42 -12.19 -4.43
N LEU A 72 1.65 -11.48 -5.53
CA LEU A 72 1.97 -10.05 -5.47
C LEU A 72 0.70 -9.22 -5.33
N PRO A 73 0.66 -8.38 -4.29
CA PRO A 73 -0.50 -7.50 -4.03
C PRO A 73 -0.61 -6.38 -5.05
N GLY A 74 -1.85 -6.08 -5.44
CA GLY A 74 -2.08 -5.02 -6.41
C GLY A 74 -1.89 -3.64 -5.83
N ILE A 75 -0.68 -3.10 -5.98
CA ILE A 75 -0.37 -1.78 -5.46
C ILE A 75 -0.63 -0.70 -6.50
N SER A 76 -1.13 0.45 -6.05
CA SER A 76 -1.43 1.56 -6.96
C SER A 76 -0.84 2.86 -6.43
N ILE A 77 -0.41 3.72 -7.35
CA ILE A 77 0.17 5.00 -6.98
C ILE A 77 -0.37 6.12 -7.85
N ASN A 78 -1.06 7.08 -7.23
CA ASN A 78 -1.63 8.20 -7.96
C ASN A 78 -1.85 9.39 -7.03
N SER A 79 -1.19 10.51 -7.34
CA SER A 79 -1.31 11.72 -6.53
C SER A 79 -1.72 12.91 -7.39
N GLU A 80 -2.60 13.75 -6.85
CA GLU A 80 -3.07 14.93 -7.57
C GLU A 80 -1.91 15.70 -8.16
N GLN A 81 -0.77 15.69 -7.45
CA GLN A 81 0.42 16.40 -7.90
C GLN A 81 1.19 15.58 -8.93
N LEU A 82 1.58 14.37 -8.54
CA LEU A 82 2.31 13.48 -9.42
C LEU A 82 1.72 13.49 -10.83
N THR A 83 2.49 12.99 -11.80
CA THR A 83 2.04 12.93 -13.18
C THR A 83 1.70 11.51 -13.60
N ARG A 84 0.85 11.39 -14.60
CA ARG A 84 0.44 10.08 -15.11
C ARG A 84 1.66 9.19 -15.36
N ALA A 85 2.72 9.79 -15.87
CA ALA A 85 3.95 9.05 -16.16
C ALA A 85 4.69 8.69 -14.87
N GLN A 86 4.80 9.66 -13.97
CA GLN A 86 5.49 9.46 -12.70
C GLN A 86 4.70 8.49 -11.81
N CYS A 87 3.51 8.91 -11.41
CA CYS A 87 2.65 8.09 -10.56
C CYS A 87 2.80 6.61 -10.91
N VAL A 88 3.08 6.34 -12.18
CA VAL A 88 3.23 4.96 -12.65
C VAL A 88 4.62 4.42 -12.28
N THR A 89 5.66 5.15 -12.69
CA THR A 89 7.02 4.73 -12.41
C THR A 89 7.19 4.32 -10.95
N VAL A 90 6.58 5.08 -10.06
CA VAL A 90 6.65 4.81 -8.63
C VAL A 90 6.04 3.45 -8.30
N LYS A 91 4.79 3.26 -8.72
CA LYS A 91 4.09 2.00 -8.48
C LYS A 91 4.91 0.82 -8.98
N GLU A 92 5.41 0.93 -10.20
CA GLU A 92 6.21 -0.13 -10.80
C GLU A 92 7.30 -0.60 -9.84
N LYS A 93 8.02 0.36 -9.25
CA LYS A 93 9.09 0.05 -8.31
C LYS A 93 8.56 -0.74 -7.13
N LEU A 94 7.58 -0.19 -6.43
CA LEU A 94 6.98 -0.84 -5.28
C LEU A 94 6.84 -2.34 -5.51
N LEU A 95 6.19 -2.70 -6.60
CA LEU A 95 5.98 -4.10 -6.95
C LEU A 95 7.31 -4.86 -6.94
N GLU A 96 8.25 -4.42 -7.76
CA GLU A 96 9.55 -5.05 -7.84
C GLU A 96 10.08 -5.41 -6.46
N GLN A 97 9.79 -4.55 -5.49
CA GLN A 97 10.23 -4.77 -4.11
C GLN A 97 9.43 -5.89 -3.46
N ALA A 98 8.10 -5.80 -3.55
CA ALA A 98 7.22 -6.80 -2.99
C ALA A 98 7.83 -8.19 -3.08
N GLU A 99 8.16 -8.60 -4.30
CA GLU A 99 8.76 -9.92 -4.52
C GLU A 99 9.74 -10.27 -3.41
N SER A 100 10.82 -9.50 -3.30
CA SER A 100 11.83 -9.73 -2.28
C SER A 100 11.20 -9.84 -0.91
N LEU A 101 10.20 -9.00 -0.66
CA LEU A 101 9.51 -9.00 0.63
C LEU A 101 8.31 -9.94 0.61
N LEU A 102 8.49 -11.10 -0.02
CA LEU A 102 7.43 -12.10 -0.12
C LEU A 102 7.26 -12.83 1.21
N SER A 103 6.25 -13.71 1.27
CA SER A 103 5.98 -14.47 2.47
C SER A 103 6.06 -13.58 3.71
N GLU A 104 5.81 -12.30 3.52
CA GLU A 104 5.85 -11.34 4.63
C GLU A 104 4.93 -10.15 4.35
N PRO A 105 4.59 -9.41 5.42
CA PRO A 105 3.71 -8.24 5.32
C PRO A 105 4.39 -7.07 4.61
N MET A 106 4.12 -6.94 3.32
CA MET A 106 4.70 -5.86 2.52
C MET A 106 3.79 -4.64 2.52
N VAL A 107 2.49 -4.88 2.62
CA VAL A 107 1.52 -3.78 2.63
C VAL A 107 2.01 -2.63 3.50
N HIS A 108 2.42 -2.94 4.73
CA HIS A 108 2.90 -1.93 5.66
C HIS A 108 4.30 -1.45 5.26
N GLU A 109 5.27 -2.37 5.31
CA GLU A 109 6.64 -2.04 4.95
C GLU A 109 6.69 -1.14 3.72
N LEU A 110 6.20 -1.65 2.60
CA LEU A 110 6.19 -0.90 1.35
C LEU A 110 5.92 0.58 1.61
N VAL A 111 4.81 0.86 2.30
CA VAL A 111 4.44 2.23 2.62
C VAL A 111 5.63 3.01 3.18
N LEU A 112 6.23 2.47 4.23
CA LEU A 112 7.38 3.12 4.87
C LEU A 112 8.55 3.22 3.89
N TRP A 113 8.83 2.13 3.19
CA TRP A 113 9.91 2.10 2.22
C TRP A 113 9.78 3.25 1.22
N ILE A 114 8.62 3.35 0.60
CA ILE A 114 8.36 4.40 -0.38
C ILE A 114 8.30 5.77 0.29
N GLN A 115 7.67 5.82 1.46
CA GLN A 115 7.54 7.07 2.20
C GLN A 115 8.87 7.82 2.26
N GLN A 116 9.95 7.07 2.42
CA GLN A 116 11.29 7.66 2.49
C GLN A 116 11.98 7.59 1.13
N ASN A 117 11.84 6.46 0.45
CA ASN A 117 12.45 6.26 -0.85
C ASN A 117 11.52 6.74 -1.97
N LEU A 118 10.87 7.88 -1.75
CA LEU A 118 9.96 8.44 -2.72
C LEU A 118 10.71 9.31 -3.73
N ARG A 119 11.65 10.10 -3.24
CA ARG A 119 12.43 10.99 -4.08
C ARG A 119 13.33 10.18 -5.03
N HIS A 120 13.92 9.12 -4.50
CA HIS A 120 14.80 8.26 -5.30
C HIS A 120 14.11 7.83 -6.59
N ILE A 121 12.95 7.20 -6.46
CA ILE A 121 12.19 6.73 -7.62
C ILE A 121 11.86 7.90 -8.55
N LEU A 122 11.52 9.05 -7.96
CA LEU A 122 11.17 10.22 -8.74
C LEU A 122 12.43 10.98 -9.18
N SER A 123 13.46 10.22 -9.57
CA SER A 123 14.72 10.81 -10.01
C SER A 123 14.68 11.09 -11.51
N GLN A 124 14.18 10.14 -12.28
CA GLN A 124 14.09 10.29 -13.73
C GLN A 124 13.40 11.59 -14.10
N PRO A 125 14.15 12.49 -14.75
CA PRO A 125 13.62 13.80 -15.17
C PRO A 125 12.62 13.68 -16.30
N GLU A 126 11.34 13.52 -15.95
CA GLU A 126 10.28 13.40 -16.95
C GLU A 126 9.84 14.77 -17.45
N THR A 127 10.57 15.31 -18.41
CA THR A 127 10.26 16.61 -18.98
C THR A 127 10.94 16.82 -20.33
N GLY A 128 10.20 17.34 -21.29
CA GLY A 128 10.75 17.58 -22.61
C GLY A 128 11.16 19.02 -22.82
N GLY A 1 -22.09 -13.86 25.03
CA GLY A 1 -20.91 -13.05 24.81
C GLY A 1 -20.05 -13.57 23.68
N SER A 2 -20.55 -13.48 22.45
CA SER A 2 -19.81 -13.95 21.28
C SER A 2 -20.16 -13.12 20.05
N SER A 3 -19.15 -12.52 19.45
CA SER A 3 -19.35 -11.69 18.26
C SER A 3 -18.06 -11.59 17.45
N GLY A 4 -18.12 -12.07 16.21
CA GLY A 4 -16.95 -12.02 15.34
C GLY A 4 -16.22 -13.35 15.29
N SER A 5 -16.79 -14.31 14.59
CA SER A 5 -16.18 -15.64 14.47
C SER A 5 -15.96 -16.00 13.00
N SER A 6 -15.46 -15.04 12.23
CA SER A 6 -15.21 -15.26 10.81
C SER A 6 -14.01 -16.18 10.62
N GLY A 7 -13.96 -16.86 9.48
CA GLY A 7 -12.87 -17.75 9.18
C GLY A 7 -11.86 -17.15 8.23
N MET A 8 -11.03 -16.25 8.73
CA MET A 8 -10.02 -15.59 7.90
C MET A 8 -8.65 -16.21 8.13
N ALA A 9 -7.74 -16.00 7.18
CA ALA A 9 -6.39 -16.54 7.28
C ALA A 9 -5.73 -16.12 8.60
N GLU A 10 -4.62 -16.77 8.92
CA GLU A 10 -3.89 -16.46 10.15
C GLU A 10 -3.20 -15.10 10.05
N PRO A 11 -2.29 -14.98 9.07
CA PRO A 11 -1.54 -13.73 8.85
C PRO A 11 -2.42 -12.61 8.32
N VAL A 12 -3.18 -12.90 7.26
CA VAL A 12 -4.07 -11.91 6.67
C VAL A 12 -4.80 -11.11 7.74
N GLN A 13 -5.41 -11.82 8.69
CA GLN A 13 -6.13 -11.18 9.78
C GLN A 13 -5.20 -10.31 10.63
N GLU A 14 -4.10 -10.90 11.06
CA GLU A 14 -3.13 -10.19 11.88
C GLU A 14 -2.81 -8.82 11.29
N GLU A 15 -2.35 -8.82 10.04
CA GLU A 15 -2.00 -7.57 9.36
C GLU A 15 -3.19 -6.61 9.35
N LEU A 16 -4.29 -7.05 8.75
CA LEU A 16 -5.50 -6.23 8.67
C LEU A 16 -5.65 -5.37 9.93
N SER A 17 -5.21 -5.90 11.06
CA SER A 17 -5.30 -5.18 12.32
C SER A 17 -4.10 -4.26 12.51
N VAL A 18 -2.90 -4.82 12.41
CA VAL A 18 -1.68 -4.05 12.57
C VAL A 18 -1.69 -2.81 11.68
N LEU A 19 -2.22 -2.96 10.47
CA LEU A 19 -2.30 -1.85 9.52
C LEU A 19 -3.25 -0.78 10.02
N ALA A 20 -4.50 -1.16 10.26
CA ALA A 20 -5.51 -0.23 10.75
C ALA A 20 -5.04 0.49 12.00
N ALA A 21 -4.23 -0.21 12.80
CA ALA A 21 -3.71 0.36 14.05
C ALA A 21 -2.78 1.53 13.76
N ILE A 22 -1.87 1.34 12.81
CA ILE A 22 -0.91 2.38 12.45
C ILE A 22 -1.61 3.72 12.22
N PHE A 23 -2.63 3.71 11.37
CA PHE A 23 -3.39 4.92 11.07
C PHE A 23 -4.40 5.21 12.16
N CYS A 24 -4.94 4.15 12.77
CA CYS A 24 -5.92 4.29 13.82
C CYS A 24 -6.90 5.42 13.53
N ARG A 25 -7.24 5.58 12.25
CA ARG A 25 -8.15 6.63 11.83
C ARG A 25 -9.13 6.11 10.78
N PRO A 26 -10.41 6.49 10.91
CA PRO A 26 -11.45 6.08 9.98
C PRO A 26 -11.30 6.74 8.61
N HIS A 27 -10.68 7.91 8.58
CA HIS A 27 -10.46 8.63 7.33
C HIS A 27 -9.25 8.10 6.59
N GLU A 28 -8.20 7.78 7.33
CA GLU A 28 -6.97 7.25 6.75
C GLU A 28 -7.16 5.80 6.30
N TRP A 29 -7.82 5.02 7.15
CA TRP A 29 -8.06 3.61 6.84
C TRP A 29 -9.47 3.40 6.30
N GLU A 30 -9.56 3.07 5.01
CA GLU A 30 -10.85 2.86 4.38
C GLU A 30 -10.83 1.61 3.49
N VAL A 31 -11.74 0.69 3.75
CA VAL A 31 -11.81 -0.55 2.99
C VAL A 31 -13.00 -0.53 2.03
N LEU A 32 -12.73 -0.18 0.77
CA LEU A 32 -13.79 -0.12 -0.24
C LEU A 32 -14.69 -1.34 -0.15
N SER A 33 -14.09 -2.53 -0.20
CA SER A 33 -14.84 -3.78 -0.14
C SER A 33 -13.99 -4.90 0.44
N ARG A 34 -14.55 -5.64 1.39
CA ARG A 34 -13.85 -6.73 2.03
C ARG A 34 -14.62 -8.04 1.88
N SER A 35 -13.98 -9.03 1.26
CA SER A 35 -14.61 -10.33 1.03
C SER A 35 -13.84 -11.43 1.77
N GLU A 36 -14.49 -12.58 1.92
CA GLU A 36 -13.86 -13.72 2.60
C GLU A 36 -12.98 -14.51 1.64
N THR A 37 -13.50 -14.79 0.45
CA THR A 37 -12.76 -15.53 -0.56
C THR A 37 -12.32 -14.62 -1.70
N ASP A 38 -13.24 -13.77 -2.17
CA ASP A 38 -12.94 -12.85 -3.26
C ASP A 38 -11.65 -12.08 -2.99
N GLY A 39 -11.52 -11.56 -1.78
CA GLY A 39 -10.33 -10.81 -1.41
C GLY A 39 -10.66 -9.57 -0.61
N THR A 40 -9.62 -8.93 -0.08
CA THR A 40 -9.79 -7.73 0.73
C THR A 40 -9.07 -6.54 0.10
N VAL A 41 -9.84 -5.54 -0.32
CA VAL A 41 -9.27 -4.34 -0.93
C VAL A 41 -9.57 -3.10 -0.10
N PHE A 42 -8.57 -2.24 0.05
CA PHE A 42 -8.73 -1.01 0.82
C PHE A 42 -7.78 0.07 0.31
N ARG A 43 -8.22 1.32 0.41
CA ARG A 43 -7.41 2.46 -0.04
C ARG A 43 -7.21 3.46 1.08
N ILE A 44 -5.95 3.69 1.45
CA ILE A 44 -5.63 4.63 2.52
C ILE A 44 -4.83 5.81 1.98
N HIS A 45 -4.96 6.96 2.65
CA HIS A 45 -4.24 8.16 2.24
C HIS A 45 -2.91 8.28 2.97
N THR A 46 -1.87 8.65 2.23
CA THR A 46 -0.54 8.79 2.81
C THR A 46 0.16 10.05 2.29
N LYS A 47 0.95 10.69 3.15
CA LYS A 47 1.66 11.89 2.78
C LYS A 47 3.17 11.70 2.92
N ALA A 48 3.93 12.33 2.03
CA ALA A 48 5.39 12.22 2.06
C ALA A 48 6.02 13.51 2.59
N GLU A 49 7.34 13.53 2.65
CA GLU A 49 8.07 14.70 3.13
C GLU A 49 7.96 15.85 2.14
N GLY A 50 7.46 15.55 0.95
CA GLY A 50 7.33 16.56 -0.08
C GLY A 50 8.67 16.98 -0.67
N PHE A 51 8.74 17.01 -2.00
CA PHE A 51 9.96 17.39 -2.69
C PHE A 51 10.49 18.72 -2.17
N MET A 52 9.59 19.70 -2.08
CA MET A 52 9.97 21.03 -1.60
C MET A 52 9.54 21.22 -0.15
N ASP A 53 9.70 20.18 0.66
CA ASP A 53 9.34 20.24 2.07
C ASP A 53 7.85 20.56 2.23
N ALA A 54 7.01 19.87 1.46
CA ALA A 54 5.58 20.09 1.52
C ALA A 54 4.81 18.77 1.33
N ASP A 55 4.19 18.31 2.41
CA ASP A 55 3.43 17.07 2.36
C ASP A 55 2.64 16.95 1.05
N ILE A 56 2.99 15.97 0.24
CA ILE A 56 2.33 15.76 -1.04
C ILE A 56 1.21 14.72 -0.91
N PRO A 57 0.06 15.02 -1.53
CA PRO A 57 -1.10 14.12 -1.50
C PRO A 57 -0.88 12.84 -2.30
N LEU A 58 -0.49 11.78 -1.61
CA LEU A 58 -0.24 10.50 -2.26
C LEU A 58 -1.39 9.53 -2.02
N GLU A 59 -1.45 8.47 -2.82
CA GLU A 59 -2.50 7.47 -2.70
C GLU A 59 -1.94 6.06 -2.85
N LEU A 60 -2.21 5.21 -1.86
CA LEU A 60 -1.73 3.85 -1.87
C LEU A 60 -2.88 2.86 -1.63
N VAL A 61 -3.06 1.94 -2.58
CA VAL A 61 -4.13 0.95 -2.47
C VAL A 61 -3.55 -0.47 -2.45
N PHE A 62 -3.62 -1.12 -1.30
CA PHE A 62 -3.09 -2.48 -1.17
C PHE A 62 -4.24 -3.49 -1.11
N HIS A 63 -4.03 -4.63 -1.77
CA HIS A 63 -5.04 -5.68 -1.80
C HIS A 63 -4.47 -7.01 -1.30
N LEU A 64 -5.10 -7.56 -0.26
CA LEU A 64 -4.65 -8.83 0.30
C LEU A 64 -5.58 -9.97 -0.10
N PRO A 65 -5.18 -10.70 -1.15
CA PRO A 65 -5.97 -11.83 -1.66
C PRO A 65 -5.96 -13.02 -0.71
N VAL A 66 -6.38 -14.18 -1.20
CA VAL A 66 -6.42 -15.39 -0.40
C VAL A 66 -5.08 -16.13 -0.44
N ASN A 67 -4.37 -15.98 -1.56
CA ASN A 67 -3.08 -16.63 -1.73
C ASN A 67 -2.00 -15.91 -0.93
N TYR A 68 -2.05 -14.58 -0.95
CA TYR A 68 -1.06 -13.77 -0.22
C TYR A 68 -0.78 -14.37 1.16
N PRO A 69 0.47 -14.23 1.60
CA PRO A 69 1.52 -13.56 0.84
C PRO A 69 1.95 -14.35 -0.39
N SER A 70 1.55 -15.62 -0.43
CA SER A 70 1.90 -16.48 -1.55
C SER A 70 1.94 -15.70 -2.86
N CYS A 71 0.96 -14.83 -3.05
CA CYS A 71 0.89 -14.01 -4.27
C CYS A 71 1.26 -12.56 -3.96
N LEU A 72 1.36 -11.75 -5.01
CA LEU A 72 1.71 -10.35 -4.86
C LEU A 72 0.45 -9.48 -4.69
N PRO A 73 0.46 -8.61 -3.67
CA PRO A 73 -0.67 -7.72 -3.38
C PRO A 73 -0.84 -6.64 -4.45
N GLY A 74 -2.09 -6.35 -4.79
CA GLY A 74 -2.35 -5.33 -5.79
C GLY A 74 -2.08 -3.93 -5.28
N ILE A 75 -1.07 -3.29 -5.84
CA ILE A 75 -0.71 -1.93 -5.43
C ILE A 75 -1.02 -0.93 -6.54
N SER A 76 -1.50 0.25 -6.15
CA SER A 76 -1.84 1.30 -7.10
C SER A 76 -1.36 2.66 -6.60
N ILE A 77 -0.81 3.46 -7.51
CA ILE A 77 -0.31 4.78 -7.17
C ILE A 77 -0.86 5.84 -8.12
N ASN A 78 -1.56 6.82 -7.56
CA ASN A 78 -2.14 7.90 -8.35
C ASN A 78 -2.37 9.15 -7.50
N SER A 79 -1.72 10.25 -7.90
CA SER A 79 -1.85 11.50 -7.17
C SER A 79 -2.27 12.63 -8.11
N GLU A 80 -3.14 13.51 -7.62
CA GLU A 80 -3.63 14.63 -8.41
C GLU A 80 -2.46 15.38 -9.05
N GLN A 81 -1.30 15.31 -8.41
CA GLN A 81 -0.11 16.00 -8.91
C GLN A 81 0.68 15.09 -9.85
N LEU A 82 1.14 13.96 -9.32
CA LEU A 82 1.92 13.01 -10.12
C LEU A 82 1.34 12.90 -11.54
N THR A 83 2.20 12.53 -12.49
CA THR A 83 1.78 12.40 -13.87
C THR A 83 1.63 10.92 -14.24
N ARG A 84 0.81 10.66 -15.26
CA ARG A 84 0.57 9.30 -15.71
C ARG A 84 1.87 8.51 -15.77
N ALA A 85 2.90 9.12 -16.34
CA ALA A 85 4.20 8.48 -16.45
C ALA A 85 4.81 8.20 -15.08
N GLN A 86 4.66 9.16 -14.17
CA GLN A 86 5.19 9.00 -12.82
C GLN A 86 4.37 8.00 -12.02
N CYS A 87 3.10 8.35 -11.79
CA CYS A 87 2.21 7.47 -11.03
C CYS A 87 2.50 6.01 -11.32
N VAL A 88 2.96 5.73 -12.54
CA VAL A 88 3.27 4.37 -12.95
C VAL A 88 4.63 3.95 -12.44
N THR A 89 5.65 4.77 -12.70
CA THR A 89 7.00 4.48 -12.26
C THR A 89 7.05 4.11 -10.79
N VAL A 90 6.38 4.91 -9.96
CA VAL A 90 6.34 4.66 -8.52
C VAL A 90 5.76 3.28 -8.22
N LYS A 91 4.58 3.00 -8.76
CA LYS A 91 3.92 1.73 -8.55
C LYS A 91 4.81 0.58 -9.00
N GLU A 92 5.19 0.60 -10.28
CA GLU A 92 6.04 -0.44 -10.84
C GLU A 92 7.13 -0.85 -9.85
N LYS A 93 7.91 0.14 -9.41
CA LYS A 93 8.99 -0.10 -8.45
C LYS A 93 8.48 -0.87 -7.24
N LEU A 94 7.49 -0.32 -6.56
CA LEU A 94 6.91 -0.95 -5.38
C LEU A 94 6.65 -2.43 -5.63
N LEU A 95 5.99 -2.73 -6.75
CA LEU A 95 5.69 -4.11 -7.11
C LEU A 95 6.96 -4.95 -7.17
N GLU A 96 7.95 -4.47 -7.91
CA GLU A 96 9.21 -5.18 -8.04
C GLU A 96 9.79 -5.54 -6.67
N GLN A 97 9.82 -4.55 -5.78
CA GLN A 97 10.34 -4.77 -4.43
C GLN A 97 9.51 -5.80 -3.68
N ALA A 98 8.20 -5.63 -3.71
CA ALA A 98 7.30 -6.56 -3.03
C ALA A 98 7.81 -7.99 -3.12
N GLU A 99 7.96 -8.49 -4.34
CA GLU A 99 8.44 -9.85 -4.57
C GLU A 99 9.50 -10.22 -3.54
N SER A 100 10.64 -9.54 -3.60
CA SER A 100 11.74 -9.80 -2.68
C SER A 100 11.24 -9.86 -1.24
N LEU A 101 10.20 -9.10 -0.95
CA LEU A 101 9.61 -9.06 0.39
C LEU A 101 8.42 -10.01 0.49
N LEU A 102 8.51 -11.15 -0.20
CA LEU A 102 7.44 -12.13 -0.18
C LEU A 102 7.36 -12.82 1.18
N SER A 103 6.20 -13.42 1.46
CA SER A 103 5.99 -14.11 2.73
C SER A 103 6.22 -13.17 3.90
N GLU A 104 5.67 -11.97 3.81
CA GLU A 104 5.82 -10.97 4.86
C GLU A 104 4.96 -9.74 4.57
N PRO A 105 4.62 -8.99 5.63
CA PRO A 105 3.81 -7.77 5.51
C PRO A 105 4.55 -6.64 4.83
N MET A 106 4.48 -6.61 3.50
CA MET A 106 5.15 -5.57 2.73
C MET A 106 4.34 -4.27 2.73
N VAL A 107 3.02 -4.41 2.60
CA VAL A 107 2.14 -3.26 2.59
C VAL A 107 2.66 -2.14 3.49
N HIS A 108 2.89 -2.49 4.76
CA HIS A 108 3.39 -1.51 5.73
C HIS A 108 4.79 -1.04 5.35
N GLU A 109 5.75 -1.96 5.37
CA GLU A 109 7.13 -1.64 5.02
C GLU A 109 7.19 -0.67 3.84
N LEU A 110 6.63 -1.09 2.71
CA LEU A 110 6.62 -0.27 1.51
C LEU A 110 6.22 1.16 1.85
N VAL A 111 5.03 1.32 2.42
CA VAL A 111 4.53 2.64 2.79
C VAL A 111 5.64 3.51 3.37
N LEU A 112 6.45 2.93 4.24
CA LEU A 112 7.55 3.65 4.86
C LEU A 112 8.70 3.82 3.89
N TRP A 113 9.03 2.75 3.16
CA TRP A 113 10.12 2.79 2.19
C TRP A 113 9.91 3.91 1.18
N ILE A 114 8.73 3.96 0.57
CA ILE A 114 8.43 4.99 -0.41
C ILE A 114 8.34 6.37 0.25
N GLN A 115 7.68 6.43 1.41
CA GLN A 115 7.54 7.68 2.14
C GLN A 115 8.86 8.43 2.20
N GLN A 116 9.94 7.71 2.49
CA GLN A 116 11.27 8.31 2.58
C GLN A 116 11.95 8.33 1.22
N ASN A 117 11.89 7.20 0.51
CA ASN A 117 12.51 7.08 -0.80
C ASN A 117 11.53 7.52 -1.89
N LEU A 118 10.75 8.56 -1.61
CA LEU A 118 9.77 9.07 -2.57
C LEU A 118 10.47 9.81 -3.71
N ARG A 119 11.50 10.57 -3.37
CA ARG A 119 12.26 11.32 -4.37
C ARG A 119 13.32 10.44 -5.02
N HIS A 120 14.00 9.63 -4.21
CA HIS A 120 15.03 8.74 -4.71
C HIS A 120 14.54 7.92 -5.89
N ILE A 121 13.25 7.58 -5.85
CA ILE A 121 12.64 6.79 -6.93
C ILE A 121 12.41 7.64 -8.17
N LEU A 122 11.80 8.81 -7.97
CA LEU A 122 11.51 9.72 -9.07
C LEU A 122 12.80 10.27 -9.67
N SER A 123 13.59 10.96 -8.86
CA SER A 123 14.84 11.55 -9.30
C SER A 123 15.51 10.66 -10.34
N GLN A 124 15.75 9.40 -9.97
CA GLN A 124 16.39 8.45 -10.88
C GLN A 124 15.49 8.16 -12.08
N PRO A 125 16.11 7.97 -13.25
CA PRO A 125 15.39 7.69 -14.49
C PRO A 125 14.78 6.29 -14.49
N GLU A 126 13.93 6.02 -15.49
CA GLU A 126 13.28 4.72 -15.60
C GLU A 126 13.66 4.03 -16.90
N THR A 127 13.42 2.72 -16.97
CA THR A 127 13.74 1.95 -18.16
C THR A 127 12.63 2.04 -19.19
N GLY A 128 13.01 2.40 -20.42
CA GLY A 128 12.03 2.53 -21.49
C GLY A 128 12.59 3.22 -22.71
N GLY A 1 -17.61 -23.81 22.46
CA GLY A 1 -18.92 -23.19 22.39
C GLY A 1 -19.34 -22.87 20.97
N SER A 2 -19.21 -21.61 20.59
CA SER A 2 -19.59 -21.17 19.25
C SER A 2 -18.42 -21.34 18.27
N SER A 3 -18.40 -22.48 17.59
CA SER A 3 -17.34 -22.77 16.63
C SER A 3 -17.30 -21.72 15.52
N GLY A 4 -18.47 -21.41 14.98
CA GLY A 4 -18.56 -20.42 13.91
C GLY A 4 -18.03 -20.95 12.60
N SER A 5 -16.76 -20.67 12.32
CA SER A 5 -16.14 -21.12 11.08
C SER A 5 -14.63 -20.89 11.12
N SER A 6 -13.91 -21.63 10.28
CA SER A 6 -12.45 -21.51 10.22
C SER A 6 -12.00 -21.16 8.81
N GLY A 7 -11.72 -19.88 8.58
CA GLY A 7 -11.28 -19.42 7.28
C GLY A 7 -10.63 -18.06 7.33
N MET A 8 -9.45 -17.99 7.95
CA MET A 8 -8.73 -16.73 8.06
C MET A 8 -7.23 -16.94 7.84
N ALA A 9 -6.50 -15.85 7.66
CA ALA A 9 -5.06 -15.92 7.44
C ALA A 9 -4.30 -15.07 8.45
N GLU A 10 -3.23 -15.62 9.00
CA GLU A 10 -2.42 -14.91 9.99
C GLU A 10 -1.83 -13.64 9.39
N PRO A 11 -1.16 -13.78 8.24
CA PRO A 11 -0.54 -12.65 7.54
C PRO A 11 -1.57 -11.70 6.95
N VAL A 12 -2.79 -12.19 6.74
CA VAL A 12 -3.86 -11.38 6.18
C VAL A 12 -4.55 -10.57 7.26
N GLN A 13 -4.72 -11.17 8.44
CA GLN A 13 -5.38 -10.49 9.55
C GLN A 13 -4.41 -9.54 10.25
N GLU A 14 -3.27 -10.06 10.67
CA GLU A 14 -2.26 -9.25 11.34
C GLU A 14 -2.01 -7.95 10.59
N GLU A 15 -2.16 -8.00 9.27
CA GLU A 15 -1.95 -6.83 8.44
C GLU A 15 -3.11 -5.84 8.58
N LEU A 16 -4.33 -6.36 8.48
CA LEU A 16 -5.52 -5.53 8.60
C LEU A 16 -5.58 -4.85 9.96
N SER A 17 -4.99 -5.48 10.96
CA SER A 17 -4.98 -4.93 12.32
C SER A 17 -3.78 -4.00 12.51
N VAL A 18 -2.59 -4.57 12.44
CA VAL A 18 -1.36 -3.78 12.61
C VAL A 18 -1.47 -2.44 11.89
N LEU A 19 -2.25 -2.40 10.82
CA LEU A 19 -2.43 -1.18 10.05
C LEU A 19 -3.51 -0.30 10.68
N ALA A 20 -4.65 -0.90 11.00
CA ALA A 20 -5.76 -0.17 11.62
C ALA A 20 -5.26 0.71 12.76
N ALA A 21 -4.15 0.30 13.37
CA ALA A 21 -3.58 1.05 14.48
C ALA A 21 -3.01 2.39 14.00
N ILE A 22 -2.07 2.32 13.06
CA ILE A 22 -1.44 3.52 12.52
C ILE A 22 -2.47 4.43 11.86
N PHE A 23 -3.35 3.85 11.05
CA PHE A 23 -4.39 4.60 10.37
C PHE A 23 -5.58 4.83 11.27
N CYS A 24 -5.54 4.25 12.47
CA CYS A 24 -6.62 4.40 13.44
C CYS A 24 -7.18 5.81 13.41
N ARG A 25 -6.32 6.78 13.11
CA ARG A 25 -6.73 8.18 13.06
C ARG A 25 -8.08 8.32 12.35
N PRO A 26 -8.81 9.40 12.69
CA PRO A 26 -10.13 9.68 12.10
C PRO A 26 -10.02 10.08 10.63
N HIS A 27 -10.80 9.42 9.78
CA HIS A 27 -10.81 9.70 8.35
C HIS A 27 -9.45 9.36 7.73
N GLU A 28 -8.90 8.22 8.14
CA GLU A 28 -7.61 7.78 7.63
C GLU A 28 -7.67 6.32 7.19
N TRP A 29 -8.48 5.54 7.89
CA TRP A 29 -8.63 4.12 7.58
C TRP A 29 -9.96 3.85 6.87
N GLU A 30 -9.91 3.64 5.56
CA GLU A 30 -11.10 3.38 4.78
C GLU A 30 -10.95 2.08 3.98
N VAL A 31 -11.66 1.05 4.42
CA VAL A 31 -11.62 -0.25 3.75
C VAL A 31 -12.88 -0.50 2.93
N LEU A 32 -12.77 -0.34 1.62
CA LEU A 32 -13.92 -0.53 0.73
C LEU A 32 -14.73 -1.76 1.16
N SER A 33 -14.06 -2.91 1.21
CA SER A 33 -14.72 -4.15 1.60
C SER A 33 -13.71 -5.16 2.13
N ARG A 34 -14.17 -6.04 3.01
CA ARG A 34 -13.30 -7.06 3.60
C ARG A 34 -14.00 -8.41 3.64
N SER A 35 -13.50 -9.35 2.83
CA SER A 35 -14.09 -10.69 2.77
C SER A 35 -13.04 -11.74 3.10
N GLU A 36 -13.51 -12.95 3.39
CA GLU A 36 -12.61 -14.06 3.72
C GLU A 36 -12.07 -14.73 2.47
N THR A 37 -12.97 -15.07 1.54
CA THR A 37 -12.58 -15.71 0.30
C THR A 37 -12.66 -14.74 -0.86
N ASP A 38 -13.69 -13.91 -0.87
CA ASP A 38 -13.88 -12.93 -1.93
C ASP A 38 -12.69 -11.98 -2.02
N GLY A 39 -11.86 -11.99 -0.98
CA GLY A 39 -10.69 -11.13 -0.96
C GLY A 39 -10.90 -9.89 -0.10
N THR A 40 -9.82 -9.17 0.17
CA THR A 40 -9.89 -7.97 0.98
C THR A 40 -9.30 -6.77 0.24
N VAL A 41 -10.09 -5.70 0.13
CA VAL A 41 -9.65 -4.50 -0.55
C VAL A 41 -9.92 -3.25 0.29
N PHE A 42 -8.89 -2.43 0.47
CA PHE A 42 -9.02 -1.20 1.25
C PHE A 42 -8.13 -0.10 0.70
N ARG A 43 -8.43 1.13 1.05
CA ARG A 43 -7.65 2.28 0.59
C ARG A 43 -7.47 3.30 1.71
N ILE A 44 -6.23 3.75 1.89
CA ILE A 44 -5.93 4.74 2.92
C ILE A 44 -5.14 5.90 2.36
N HIS A 45 -5.37 7.09 2.90
CA HIS A 45 -4.68 8.30 2.45
C HIS A 45 -3.38 8.51 3.22
N THR A 46 -2.27 8.60 2.49
CA THR A 46 -0.96 8.80 3.11
C THR A 46 -0.22 9.96 2.47
N LYS A 47 0.65 10.59 3.23
CA LYS A 47 1.43 11.72 2.74
C LYS A 47 2.92 11.50 2.97
N ALA A 48 3.72 11.74 1.94
CA ALA A 48 5.17 11.57 2.03
C ALA A 48 5.87 12.92 2.23
N GLU A 49 7.19 12.88 2.38
CA GLU A 49 7.97 14.09 2.57
C GLU A 49 7.81 15.03 1.38
N GLY A 50 7.19 14.54 0.32
CA GLY A 50 6.98 15.35 -0.87
C GLY A 50 8.27 15.98 -1.37
N PHE A 51 8.25 17.30 -1.54
CA PHE A 51 9.42 18.03 -2.01
C PHE A 51 9.45 19.44 -1.44
N MET A 52 10.48 19.72 -0.64
CA MET A 52 10.63 21.04 -0.03
C MET A 52 9.62 21.23 1.10
N ASP A 53 9.59 20.28 2.03
CA ASP A 53 8.68 20.35 3.17
C ASP A 53 7.24 20.54 2.69
N ALA A 54 6.94 20.01 1.50
CA ALA A 54 5.61 20.13 0.93
C ALA A 54 4.93 18.76 0.85
N ASP A 55 4.04 18.49 1.79
CA ASP A 55 3.33 17.22 1.83
C ASP A 55 2.63 16.95 0.50
N ILE A 56 2.74 15.71 0.01
CA ILE A 56 2.12 15.33 -1.25
C ILE A 56 1.10 14.23 -1.05
N PRO A 57 -0.09 14.41 -1.64
CA PRO A 57 -1.19 13.44 -1.54
C PRO A 57 -0.88 12.14 -2.30
N LEU A 58 -0.80 11.04 -1.57
CA LEU A 58 -0.52 9.75 -2.18
C LEU A 58 -1.69 8.78 -1.97
N GLU A 59 -2.11 8.11 -3.04
CA GLU A 59 -3.20 7.16 -2.97
C GLU A 59 -2.70 5.74 -3.16
N LEU A 60 -2.56 5.01 -2.05
CA LEU A 60 -2.09 3.63 -2.09
C LEU A 60 -3.24 2.65 -1.93
N VAL A 61 -3.47 1.83 -2.93
CA VAL A 61 -4.55 0.84 -2.88
C VAL A 61 -3.99 -0.58 -2.86
N PHE A 62 -4.04 -1.21 -1.70
CA PHE A 62 -3.55 -2.58 -1.55
C PHE A 62 -4.68 -3.59 -1.66
N HIS A 63 -4.51 -4.56 -2.54
CA HIS A 63 -5.52 -5.60 -2.75
C HIS A 63 -4.97 -6.97 -2.39
N LEU A 64 -5.55 -7.58 -1.36
CA LEU A 64 -5.13 -8.90 -0.91
C LEU A 64 -5.97 -10.00 -1.55
N PRO A 65 -5.37 -10.70 -2.53
CA PRO A 65 -6.04 -11.79 -3.24
C PRO A 65 -6.27 -13.02 -2.36
N VAL A 66 -6.61 -14.14 -2.99
CA VAL A 66 -6.86 -15.37 -2.26
C VAL A 66 -5.63 -16.28 -2.27
N ASN A 67 -4.64 -15.91 -3.09
CA ASN A 67 -3.42 -16.68 -3.19
C ASN A 67 -2.35 -16.14 -2.26
N TYR A 68 -2.29 -14.81 -2.14
CA TYR A 68 -1.31 -14.16 -1.28
C TYR A 68 -1.16 -14.91 0.05
N PRO A 69 0.05 -14.84 0.62
CA PRO A 69 1.16 -14.10 0.04
C PRO A 69 1.70 -14.76 -1.24
N SER A 70 1.31 -16.01 -1.45
CA SER A 70 1.76 -16.75 -2.62
C SER A 70 1.91 -15.83 -3.83
N CYS A 71 0.90 -15.00 -4.05
CA CYS A 71 0.91 -14.06 -5.16
C CYS A 71 1.15 -12.64 -4.69
N LEU A 72 1.43 -11.74 -5.63
CA LEU A 72 1.69 -10.34 -5.29
C LEU A 72 0.39 -9.56 -5.21
N PRO A 73 0.28 -8.68 -4.20
CA PRO A 73 -0.91 -7.85 -3.99
C PRO A 73 -1.06 -6.78 -5.07
N GLY A 74 -2.29 -6.32 -5.28
CA GLY A 74 -2.55 -5.30 -6.27
C GLY A 74 -2.21 -3.91 -5.78
N ILE A 75 -1.11 -3.36 -6.28
CA ILE A 75 -0.67 -2.03 -5.89
C ILE A 75 -0.96 -1.01 -6.98
N SER A 76 -1.38 0.19 -6.56
CA SER A 76 -1.69 1.26 -7.51
C SER A 76 -1.25 2.62 -6.97
N ILE A 77 -0.38 3.29 -7.71
CA ILE A 77 0.11 4.60 -7.30
C ILE A 77 -0.43 5.70 -8.21
N ASN A 78 -1.18 6.62 -7.62
CA ASN A 78 -1.76 7.72 -8.38
C ASN A 78 -1.88 8.98 -7.51
N SER A 79 -1.22 10.05 -7.92
CA SER A 79 -1.25 11.30 -7.18
C SER A 79 -1.68 12.46 -8.08
N GLU A 80 -2.36 13.44 -7.49
CA GLU A 80 -2.84 14.60 -8.24
C GLU A 80 -1.66 15.42 -8.78
N GLN A 81 -0.52 15.33 -8.09
CA GLN A 81 0.67 16.06 -8.49
C GLN A 81 1.50 15.25 -9.49
N LEU A 82 1.90 14.05 -9.09
CA LEU A 82 2.70 13.18 -9.94
C LEU A 82 2.02 13.00 -11.31
N THR A 83 2.84 13.00 -12.36
CA THR A 83 2.33 12.84 -13.72
C THR A 83 2.13 11.37 -14.07
N ARG A 84 1.26 11.10 -15.03
CA ARG A 84 0.99 9.74 -15.45
C ARG A 84 2.28 8.93 -15.57
N ALA A 85 3.31 9.56 -16.12
CA ALA A 85 4.60 8.91 -16.30
C ALA A 85 5.25 8.62 -14.95
N GLN A 86 5.07 9.53 -14.00
CA GLN A 86 5.64 9.37 -12.67
C GLN A 86 4.88 8.33 -11.87
N CYS A 87 3.61 8.63 -11.57
CA CYS A 87 2.76 7.72 -10.82
C CYS A 87 3.01 6.27 -11.23
N VAL A 88 3.39 6.08 -12.49
CA VAL A 88 3.66 4.74 -13.00
C VAL A 88 4.99 4.20 -12.49
N THR A 89 6.05 4.99 -12.66
CA THR A 89 7.38 4.59 -12.22
C THR A 89 7.34 4.06 -10.79
N VAL A 90 6.86 4.88 -9.87
CA VAL A 90 6.76 4.48 -8.47
C VAL A 90 6.17 3.09 -8.32
N LYS A 91 4.90 2.96 -8.71
CA LYS A 91 4.21 1.68 -8.63
C LYS A 91 5.09 0.55 -9.15
N GLU A 92 5.64 0.74 -10.35
CA GLU A 92 6.51 -0.26 -10.97
C GLU A 92 7.61 -0.70 -9.99
N LYS A 93 8.07 0.24 -9.17
CA LYS A 93 9.11 -0.05 -8.20
C LYS A 93 8.57 -0.88 -7.04
N LEU A 94 7.51 -0.38 -6.41
CA LEU A 94 6.89 -1.09 -5.29
C LEU A 94 6.70 -2.57 -5.61
N LEU A 95 6.07 -2.84 -6.74
CA LEU A 95 5.82 -4.22 -7.17
C LEU A 95 7.11 -5.03 -7.14
N GLU A 96 8.14 -4.52 -7.80
CA GLU A 96 9.43 -5.20 -7.84
C GLU A 96 9.89 -5.60 -6.44
N GLN A 97 9.74 -4.69 -5.49
CA GLN A 97 10.14 -4.95 -4.11
C GLN A 97 9.32 -6.09 -3.52
N ALA A 98 8.00 -5.99 -3.64
CA ALA A 98 7.10 -7.02 -3.11
C ALA A 98 7.64 -8.42 -3.39
N GLU A 99 8.04 -8.65 -4.64
CA GLU A 99 8.58 -9.95 -5.04
C GLU A 99 9.53 -10.49 -3.98
N SER A 100 10.59 -9.73 -3.70
CA SER A 100 11.58 -10.14 -2.72
C SER A 100 10.96 -10.21 -1.32
N LEU A 101 9.96 -9.36 -1.09
CA LEU A 101 9.28 -9.33 0.20
C LEU A 101 8.06 -10.24 0.21
N LEU A 102 8.17 -11.37 -0.49
CA LEU A 102 7.07 -12.33 -0.57
C LEU A 102 6.91 -13.07 0.74
N SER A 103 5.89 -13.92 0.81
CA SER A 103 5.62 -14.69 2.02
C SER A 103 5.74 -13.82 3.26
N GLU A 104 5.41 -12.54 3.11
CA GLU A 104 5.49 -11.60 4.22
C GLU A 104 4.67 -10.35 3.93
N PRO A 105 4.32 -9.60 4.99
CA PRO A 105 3.54 -8.37 4.87
C PRO A 105 4.33 -7.24 4.22
N MET A 106 4.01 -6.94 2.96
CA MET A 106 4.69 -5.88 2.23
C MET A 106 3.86 -4.61 2.22
N VAL A 107 2.55 -4.76 2.38
CA VAL A 107 1.64 -3.62 2.39
C VAL A 107 2.19 -2.48 3.24
N HIS A 108 2.67 -2.82 4.43
CA HIS A 108 3.23 -1.83 5.35
C HIS A 108 4.64 -1.42 4.91
N GLU A 109 5.57 -2.36 4.96
CA GLU A 109 6.95 -2.09 4.57
C GLU A 109 7.00 -1.16 3.36
N LEU A 110 6.30 -1.54 2.30
CA LEU A 110 6.26 -0.75 1.08
C LEU A 110 5.97 0.71 1.39
N VAL A 111 4.97 0.94 2.24
CA VAL A 111 4.59 2.30 2.63
C VAL A 111 5.77 3.03 3.27
N LEU A 112 6.16 2.59 4.46
CA LEU A 112 7.27 3.20 5.18
C LEU A 112 8.51 3.27 4.31
N TRP A 113 8.59 2.38 3.32
CA TRP A 113 9.73 2.35 2.41
C TRP A 113 9.73 3.57 1.49
N ILE A 114 8.74 3.63 0.61
CA ILE A 114 8.63 4.74 -0.33
C ILE A 114 8.46 6.07 0.41
N GLN A 115 7.49 6.11 1.31
CA GLN A 115 7.22 7.32 2.09
C GLN A 115 8.52 7.90 2.66
N GLN A 116 9.52 7.05 2.81
CA GLN A 116 10.81 7.48 3.34
C GLN A 116 11.81 7.74 2.22
N ASN A 117 11.76 6.90 1.19
CA ASN A 117 12.65 7.04 0.05
C ASN A 117 11.87 7.26 -1.24
N LEU A 118 11.02 8.27 -1.24
CA LEU A 118 10.21 8.59 -2.41
C LEU A 118 10.99 9.42 -3.41
N ARG A 119 11.72 10.42 -2.91
CA ARG A 119 12.52 11.29 -3.77
C ARG A 119 13.50 10.46 -4.61
N HIS A 120 14.13 9.48 -3.98
CA HIS A 120 15.09 8.62 -4.67
C HIS A 120 14.55 8.17 -6.02
N ILE A 121 13.39 7.53 -6.00
CA ILE A 121 12.75 7.04 -7.22
C ILE A 121 12.49 8.19 -8.19
N LEU A 122 11.97 9.30 -7.66
CA LEU A 122 11.67 10.47 -8.48
C LEU A 122 12.92 11.32 -8.69
N SER A 123 14.07 10.66 -8.81
CA SER A 123 15.34 11.37 -9.01
C SER A 123 15.72 11.36 -10.49
N GLN A 124 15.59 10.20 -11.12
CA GLN A 124 15.94 10.06 -12.53
C GLN A 124 14.73 10.34 -13.41
N PRO A 125 14.98 10.97 -14.58
CA PRO A 125 13.93 11.32 -15.53
C PRO A 125 13.34 10.09 -16.21
N GLU A 126 12.01 10.00 -16.20
CA GLU A 126 11.32 8.87 -16.82
C GLU A 126 10.30 9.35 -17.85
N THR A 127 10.48 8.91 -19.09
CA THR A 127 9.58 9.30 -20.18
C THR A 127 9.63 8.30 -21.32
N GLY A 128 8.51 8.17 -22.04
CA GLY A 128 8.46 7.25 -23.16
C GLY A 128 9.37 7.65 -24.29
N GLY A 1 -19.50 -1.63 5.21
CA GLY A 1 -18.44 -2.55 5.60
C GLY A 1 -18.88 -4.00 5.51
N SER A 2 -18.02 -4.90 5.97
CA SER A 2 -18.31 -6.33 5.94
C SER A 2 -17.49 -7.08 6.98
N SER A 3 -17.86 -8.34 7.22
CA SER A 3 -17.16 -9.17 8.20
C SER A 3 -17.34 -10.64 7.88
N GLY A 4 -16.63 -11.49 8.63
CA GLY A 4 -16.72 -12.92 8.41
C GLY A 4 -16.15 -13.34 7.07
N SER A 5 -14.96 -13.93 7.08
CA SER A 5 -14.31 -14.37 5.86
C SER A 5 -13.49 -15.63 6.10
N SER A 6 -13.40 -16.48 5.08
CA SER A 6 -12.65 -17.73 5.18
C SER A 6 -11.27 -17.49 5.81
N GLY A 7 -10.57 -18.57 6.09
CA GLY A 7 -9.24 -18.46 6.69
C GLY A 7 -8.40 -17.39 6.01
N MET A 8 -8.00 -16.38 6.79
CA MET A 8 -7.19 -15.30 6.26
C MET A 8 -5.71 -15.55 6.55
N ALA A 9 -4.84 -15.05 5.67
CA ALA A 9 -3.41 -15.21 5.83
C ALA A 9 -2.92 -14.56 7.11
N GLU A 10 -2.06 -15.26 7.84
CA GLU A 10 -1.51 -14.75 9.10
C GLU A 10 -1.26 -13.25 9.01
N PRO A 11 -0.49 -12.84 7.98
CA PRO A 11 -0.16 -11.44 7.77
C PRO A 11 -1.35 -10.61 7.33
N VAL A 12 -2.06 -11.09 6.31
CA VAL A 12 -3.24 -10.40 5.79
C VAL A 12 -4.11 -9.90 6.94
N GLN A 13 -3.98 -10.52 8.11
CA GLN A 13 -4.77 -10.15 9.27
C GLN A 13 -4.07 -9.04 10.05
N GLU A 14 -2.83 -9.30 10.45
CA GLU A 14 -2.07 -8.32 11.22
C GLU A 14 -1.94 -7.00 10.45
N GLU A 15 -1.90 -7.10 9.13
CA GLU A 15 -1.79 -5.92 8.28
C GLU A 15 -3.00 -5.01 8.44
N LEU A 16 -4.18 -5.61 8.38
CA LEU A 16 -5.44 -4.86 8.51
C LEU A 16 -5.48 -4.12 9.84
N SER A 17 -5.06 -4.79 10.91
CA SER A 17 -5.05 -4.20 12.24
C SER A 17 -3.91 -3.20 12.38
N VAL A 18 -2.68 -3.70 12.28
CA VAL A 18 -1.50 -2.85 12.41
C VAL A 18 -1.67 -1.56 11.60
N LEU A 19 -1.95 -1.71 10.31
CA LEU A 19 -2.13 -0.56 9.43
C LEU A 19 -3.11 0.44 10.05
N ALA A 20 -4.09 -0.07 10.78
CA ALA A 20 -5.09 0.79 11.42
C ALA A 20 -4.45 1.68 12.47
N ALA A 21 -3.36 1.20 13.06
CA ALA A 21 -2.64 1.96 14.09
C ALA A 21 -1.97 3.19 13.49
N ILE A 22 -1.32 3.01 12.36
CA ILE A 22 -0.63 4.10 11.68
C ILE A 22 -1.63 5.08 11.07
N PHE A 23 -2.69 4.54 10.47
CA PHE A 23 -3.71 5.37 9.85
C PHE A 23 -4.84 5.65 10.82
N CYS A 24 -4.72 5.13 12.03
CA CYS A 24 -5.74 5.32 13.07
C CYS A 24 -6.35 6.71 12.96
N ARG A 25 -5.55 7.67 12.53
CA ARG A 25 -6.01 9.06 12.39
C ARG A 25 -7.46 9.09 11.89
N PRO A 26 -8.19 10.15 12.28
CA PRO A 26 -9.60 10.32 11.89
C PRO A 26 -9.74 10.64 10.41
N HIS A 27 -10.62 9.90 9.73
CA HIS A 27 -10.86 10.11 8.31
C HIS A 27 -9.58 9.86 7.51
N GLU A 28 -8.89 8.78 7.85
CA GLU A 28 -7.65 8.42 7.15
C GLU A 28 -7.65 6.94 6.78
N TRP A 29 -8.28 6.12 7.61
CA TRP A 29 -8.35 4.69 7.37
C TRP A 29 -9.72 4.29 6.84
N GLU A 30 -9.75 3.75 5.63
CA GLU A 30 -11.00 3.33 5.00
C GLU A 30 -10.83 2.00 4.28
N VAL A 31 -11.81 1.11 4.43
CA VAL A 31 -11.76 -0.19 3.79
C VAL A 31 -12.89 -0.35 2.77
N LEU A 32 -12.57 -0.10 1.51
CA LEU A 32 -13.55 -0.21 0.43
C LEU A 32 -14.49 -1.39 0.67
N SER A 33 -13.95 -2.60 0.58
CA SER A 33 -14.74 -3.81 0.79
C SER A 33 -13.82 -5.01 1.05
N ARG A 34 -14.38 -6.04 1.69
CA ARG A 34 -13.62 -7.24 2.00
C ARG A 34 -14.38 -8.48 1.56
N SER A 35 -13.84 -9.19 0.57
CA SER A 35 -14.47 -10.40 0.06
C SER A 35 -13.81 -11.65 0.64
N GLU A 36 -14.52 -12.76 0.60
CA GLU A 36 -14.00 -14.03 1.12
C GLU A 36 -13.17 -14.75 0.06
N THR A 37 -13.67 -14.79 -1.17
CA THR A 37 -12.98 -15.45 -2.26
C THR A 37 -12.21 -14.45 -3.11
N ASP A 38 -12.89 -13.38 -3.51
CA ASP A 38 -12.27 -12.33 -4.32
C ASP A 38 -11.02 -11.78 -3.64
N GLY A 39 -11.08 -11.66 -2.32
CA GLY A 39 -9.94 -11.15 -1.57
C GLY A 39 -10.31 -9.93 -0.75
N THR A 40 -9.33 -9.41 -0.02
CA THR A 40 -9.54 -8.22 0.82
C THR A 40 -9.08 -6.95 0.11
N VAL A 41 -9.95 -5.95 0.08
CA VAL A 41 -9.64 -4.68 -0.56
C VAL A 41 -9.87 -3.51 0.39
N PHE A 42 -9.02 -2.50 0.29
CA PHE A 42 -9.13 -1.32 1.14
C PHE A 42 -8.31 -0.16 0.56
N ARG A 43 -8.81 1.06 0.76
CA ARG A 43 -8.13 2.25 0.26
C ARG A 43 -7.86 3.23 1.40
N ILE A 44 -6.57 3.51 1.63
CA ILE A 44 -6.17 4.43 2.69
C ILE A 44 -5.31 5.56 2.13
N HIS A 45 -5.37 6.71 2.78
CA HIS A 45 -4.60 7.88 2.35
C HIS A 45 -3.38 8.09 3.26
N THR A 46 -2.22 8.25 2.66
CA THR A 46 -0.98 8.46 3.41
C THR A 46 -0.29 9.75 2.97
N LYS A 47 0.64 10.21 3.79
CA LYS A 47 1.39 11.43 3.50
C LYS A 47 2.88 11.22 3.68
N ALA A 48 3.65 11.50 2.64
CA ALA A 48 5.10 11.34 2.69
C ALA A 48 5.79 12.68 2.88
N GLU A 49 7.04 12.64 3.35
CA GLU A 49 7.81 13.85 3.58
C GLU A 49 7.96 14.66 2.28
N GLY A 50 6.96 15.48 1.99
CA GLY A 50 7.00 16.29 0.78
C GLY A 50 8.41 16.73 0.42
N PHE A 51 8.68 16.79 -0.88
CA PHE A 51 10.00 17.20 -1.35
C PHE A 51 10.42 18.54 -0.72
N MET A 52 9.44 19.26 -0.19
CA MET A 52 9.70 20.55 0.43
C MET A 52 9.26 20.55 1.89
N ASP A 53 9.39 19.40 2.54
CA ASP A 53 8.99 19.26 3.94
C ASP A 53 7.54 19.67 4.13
N ALA A 54 6.65 19.07 3.35
CA ALA A 54 5.23 19.36 3.44
C ALA A 54 4.39 18.13 3.08
N ASP A 55 3.57 17.68 4.03
CA ASP A 55 2.72 16.51 3.81
C ASP A 55 2.12 16.53 2.40
N ILE A 56 2.17 15.39 1.73
CA ILE A 56 1.64 15.27 0.38
C ILE A 56 0.55 14.21 0.31
N PRO A 57 -0.53 14.51 -0.43
CA PRO A 57 -1.66 13.60 -0.59
C PRO A 57 -1.30 12.38 -1.45
N LEU A 58 -1.37 11.20 -0.85
CA LEU A 58 -1.04 9.96 -1.55
C LEU A 58 -2.16 8.94 -1.39
N GLU A 59 -2.56 8.31 -2.48
CA GLU A 59 -3.61 7.30 -2.46
C GLU A 59 -3.05 5.91 -2.75
N LEU A 60 -3.11 5.04 -1.75
CA LEU A 60 -2.60 3.68 -1.90
C LEU A 60 -3.73 2.66 -1.76
N VAL A 61 -3.83 1.76 -2.74
CA VAL A 61 -4.86 0.74 -2.71
C VAL A 61 -4.26 -0.66 -2.87
N PHE A 62 -4.13 -1.38 -1.77
CA PHE A 62 -3.56 -2.72 -1.80
C PHE A 62 -4.66 -3.77 -1.92
N HIS A 63 -4.36 -4.85 -2.64
CA HIS A 63 -5.33 -5.92 -2.83
C HIS A 63 -4.72 -7.27 -2.44
N LEU A 64 -5.23 -7.85 -1.36
CA LEU A 64 -4.74 -9.14 -0.88
C LEU A 64 -5.71 -10.26 -1.24
N PRO A 65 -5.41 -10.95 -2.35
CA PRO A 65 -6.25 -12.05 -2.84
C PRO A 65 -6.15 -13.29 -1.94
N VAL A 66 -6.68 -14.41 -2.42
CA VAL A 66 -6.66 -15.65 -1.66
C VAL A 66 -5.36 -16.42 -1.90
N ASN A 67 -4.65 -16.06 -2.97
CA ASN A 67 -3.39 -16.71 -3.30
C ASN A 67 -2.25 -16.15 -2.47
N TYR A 68 -2.20 -14.83 -2.34
CA TYR A 68 -1.16 -14.17 -1.56
C TYR A 68 -0.98 -14.84 -0.22
N PRO A 69 0.27 -14.81 0.30
CA PRO A 69 1.38 -14.15 -0.39
C PRO A 69 1.82 -14.93 -1.64
N SER A 70 1.36 -16.17 -1.75
CA SER A 70 1.71 -17.01 -2.89
C SER A 70 1.84 -16.17 -4.16
N CYS A 71 0.87 -15.28 -4.37
CA CYS A 71 0.87 -14.43 -5.55
C CYS A 71 1.08 -12.96 -5.16
N LEU A 72 1.61 -12.18 -6.08
CA LEU A 72 1.86 -10.76 -5.83
C LEU A 72 0.55 -9.99 -5.74
N PRO A 73 0.48 -9.07 -4.76
CA PRO A 73 -0.70 -8.23 -4.54
C PRO A 73 -0.91 -7.21 -5.65
N GLY A 74 -2.02 -6.48 -5.58
CA GLY A 74 -2.32 -5.48 -6.59
C GLY A 74 -2.09 -4.07 -6.09
N ILE A 75 -0.85 -3.61 -6.16
CA ILE A 75 -0.49 -2.27 -5.70
C ILE A 75 -1.00 -1.21 -6.68
N SER A 76 -1.45 -0.08 -6.13
CA SER A 76 -1.96 1.01 -6.96
C SER A 76 -1.44 2.35 -6.46
N ILE A 77 -0.74 3.08 -7.34
CA ILE A 77 -0.19 4.38 -6.99
C ILE A 77 -0.82 5.49 -7.84
N ASN A 78 -1.50 6.42 -7.17
CA ASN A 78 -2.14 7.52 -7.87
C ASN A 78 -2.25 8.74 -6.95
N SER A 79 -1.64 9.84 -7.37
CA SER A 79 -1.68 11.07 -6.59
C SER A 79 -2.18 12.24 -7.43
N GLU A 80 -3.01 13.08 -6.82
CA GLU A 80 -3.57 14.24 -7.51
C GLU A 80 -2.46 15.20 -7.95
N GLN A 81 -1.34 15.17 -7.22
CA GLN A 81 -0.21 16.03 -7.52
C GLN A 81 0.73 15.37 -8.52
N LEU A 82 1.14 14.15 -8.22
CA LEU A 82 2.05 13.40 -9.09
C LEU A 82 1.41 13.17 -10.46
N THR A 83 2.25 13.10 -11.49
CA THR A 83 1.77 12.88 -12.85
C THR A 83 1.63 11.39 -13.13
N ARG A 84 1.22 11.07 -14.36
CA ARG A 84 1.04 9.68 -14.77
C ARG A 84 2.39 8.95 -14.80
N ALA A 85 3.33 9.49 -15.56
CA ALA A 85 4.66 8.89 -15.67
C ALA A 85 5.24 8.58 -14.30
N GLN A 86 5.01 9.49 -13.35
CA GLN A 86 5.52 9.31 -11.99
C GLN A 86 4.80 8.17 -11.29
N CYS A 87 3.50 8.32 -11.09
CA CYS A 87 2.70 7.29 -10.42
C CYS A 87 3.02 5.91 -10.98
N VAL A 88 3.12 5.82 -12.30
CA VAL A 88 3.42 4.55 -12.95
C VAL A 88 4.78 4.01 -12.51
N THR A 89 5.76 4.90 -12.44
CA THR A 89 7.11 4.51 -12.04
C THR A 89 7.10 3.90 -10.64
N VAL A 90 6.44 4.58 -9.70
CA VAL A 90 6.36 4.10 -8.32
C VAL A 90 5.80 2.68 -8.27
N LYS A 91 4.58 2.51 -8.76
CA LYS A 91 3.94 1.20 -8.77
C LYS A 91 4.88 0.13 -9.31
N GLU A 92 5.35 0.32 -10.54
CA GLU A 92 6.25 -0.62 -11.17
C GLU A 92 7.37 -1.02 -10.22
N LYS A 93 7.93 -0.03 -9.53
CA LYS A 93 9.02 -0.27 -8.59
C LYS A 93 8.54 -1.15 -7.43
N LEU A 94 7.54 -0.68 -6.70
CA LEU A 94 6.99 -1.43 -5.57
C LEU A 94 6.90 -2.91 -5.89
N LEU A 95 6.42 -3.22 -7.10
CA LEU A 95 6.27 -4.60 -7.53
C LEU A 95 7.57 -5.37 -7.35
N GLU A 96 8.61 -4.96 -8.07
CA GLU A 96 9.91 -5.61 -7.98
C GLU A 96 10.24 -5.96 -6.53
N GLN A 97 10.26 -4.94 -5.67
CA GLN A 97 10.56 -5.14 -4.26
C GLN A 97 9.61 -6.16 -3.63
N ALA A 98 8.33 -6.07 -4.00
CA ALA A 98 7.32 -6.98 -3.47
C ALA A 98 7.79 -8.42 -3.57
N GLU A 99 8.10 -8.86 -4.78
CA GLU A 99 8.56 -10.23 -5.02
C GLU A 99 9.50 -10.68 -3.91
N SER A 100 10.69 -10.08 -3.87
CA SER A 100 11.68 -10.43 -2.87
C SER A 100 11.05 -10.51 -1.48
N LEU A 101 10.03 -9.70 -1.25
CA LEU A 101 9.33 -9.68 0.04
C LEU A 101 8.13 -10.62 0.02
N LEU A 102 8.24 -11.68 -0.77
CA LEU A 102 7.16 -12.66 -0.88
C LEU A 102 6.96 -13.41 0.44
N SER A 103 5.92 -14.23 0.49
CA SER A 103 5.62 -15.01 1.69
C SER A 103 5.84 -14.16 2.95
N GLU A 104 5.72 -12.84 2.80
CA GLU A 104 5.90 -11.92 3.92
C GLU A 104 5.04 -10.67 3.74
N PRO A 105 4.82 -9.95 4.85
CA PRO A 105 4.03 -8.72 4.84
C PRO A 105 4.72 -7.58 4.11
N MET A 106 4.15 -7.16 2.99
CA MET A 106 4.72 -6.07 2.20
C MET A 106 3.82 -4.83 2.25
N VAL A 107 2.53 -5.04 2.09
CA VAL A 107 1.57 -3.94 2.11
C VAL A 107 1.97 -2.87 3.13
N HIS A 108 2.39 -3.32 4.31
CA HIS A 108 2.81 -2.41 5.36
C HIS A 108 4.20 -1.83 5.06
N GLU A 109 5.21 -2.70 5.05
CA GLU A 109 6.57 -2.27 4.78
C GLU A 109 6.63 -1.35 3.56
N LEU A 110 6.20 -1.87 2.42
CA LEU A 110 6.19 -1.09 1.18
C LEU A 110 5.86 0.38 1.46
N VAL A 111 4.72 0.60 2.10
CA VAL A 111 4.29 1.96 2.42
C VAL A 111 5.41 2.75 3.08
N LEU A 112 5.91 2.24 4.21
CA LEU A 112 6.98 2.89 4.94
C LEU A 112 8.21 3.06 4.06
N TRP A 113 8.42 2.11 3.15
CA TRP A 113 9.57 2.15 2.25
C TRP A 113 9.44 3.29 1.26
N ILE A 114 8.26 3.44 0.68
CA ILE A 114 8.00 4.51 -0.29
C ILE A 114 7.86 5.85 0.41
N GLN A 115 7.33 5.83 1.64
CA GLN A 115 7.14 7.06 2.41
C GLN A 115 8.48 7.70 2.74
N GLN A 116 9.52 6.87 2.84
CA GLN A 116 10.85 7.37 3.15
C GLN A 116 11.73 7.45 1.90
N ASN A 117 11.59 6.46 1.02
CA ASN A 117 12.36 6.43 -0.21
C ASN A 117 11.54 6.97 -1.38
N LEU A 118 10.77 8.02 -1.11
CA LEU A 118 9.94 8.64 -2.14
C LEU A 118 10.78 9.42 -3.14
N ARG A 119 11.62 10.32 -2.62
CA ARG A 119 12.49 11.13 -3.45
C ARG A 119 13.50 10.26 -4.20
N HIS A 120 14.04 9.27 -3.50
CA HIS A 120 15.02 8.36 -4.09
C HIS A 120 14.47 7.72 -5.36
N ILE A 121 13.22 7.26 -5.29
CA ILE A 121 12.58 6.63 -6.43
C ILE A 121 12.18 7.66 -7.48
N LEU A 122 11.64 8.78 -7.03
CA LEU A 122 11.23 9.85 -7.92
C LEU A 122 12.41 10.75 -8.31
N SER A 123 13.58 10.14 -8.46
CA SER A 123 14.78 10.88 -8.81
C SER A 123 15.26 10.51 -10.21
N GLN A 124 14.40 10.75 -11.21
CA GLN A 124 14.74 10.44 -12.58
C GLN A 124 14.48 11.64 -13.49
N PRO A 125 15.35 11.82 -14.50
CA PRO A 125 15.25 12.93 -15.45
C PRO A 125 14.05 12.78 -16.38
N GLU A 126 12.95 13.45 -16.05
CA GLU A 126 11.74 13.39 -16.86
C GLU A 126 11.56 14.67 -17.67
N THR A 127 10.94 14.54 -18.84
CA THR A 127 10.70 15.68 -19.71
C THR A 127 9.33 15.61 -20.36
N GLY A 128 8.43 16.49 -19.95
CA GLY A 128 7.10 16.51 -20.51
C GLY A 128 6.03 16.30 -19.45
N GLY A 1 -19.29 -2.40 20.42
CA GLY A 1 -19.52 -2.40 18.98
C GLY A 1 -19.85 -3.77 18.44
N SER A 2 -21.10 -3.97 18.05
CA SER A 2 -21.53 -5.26 17.51
C SER A 2 -20.70 -5.66 16.29
N SER A 3 -19.64 -6.43 16.54
CA SER A 3 -18.76 -6.87 15.47
C SER A 3 -18.51 -8.37 15.55
N GLY A 4 -18.15 -8.97 14.42
CA GLY A 4 -17.90 -10.41 14.38
C GLY A 4 -16.54 -10.74 13.81
N SER A 5 -16.53 -11.27 12.59
CA SER A 5 -15.28 -11.64 11.93
C SER A 5 -15.37 -11.38 10.43
N SER A 6 -14.22 -11.43 9.76
CA SER A 6 -14.17 -11.19 8.32
C SER A 6 -13.95 -12.50 7.57
N GLY A 7 -12.95 -13.27 8.01
CA GLY A 7 -12.66 -14.54 7.37
C GLY A 7 -11.41 -14.49 6.53
N MET A 8 -10.25 -14.40 7.19
CA MET A 8 -8.98 -14.33 6.49
C MET A 8 -7.90 -15.12 7.24
N ALA A 9 -6.72 -15.23 6.64
CA ALA A 9 -5.61 -15.95 7.26
C ALA A 9 -5.23 -15.32 8.60
N GLU A 10 -4.35 -16.01 9.33
CA GLU A 10 -3.90 -15.53 10.63
C GLU A 10 -3.09 -14.24 10.47
N PRO A 11 -1.97 -14.34 9.73
CA PRO A 11 -1.09 -13.20 9.48
C PRO A 11 -1.72 -12.15 8.58
N VAL A 12 -2.68 -12.57 7.76
CA VAL A 12 -3.37 -11.67 6.86
C VAL A 12 -4.41 -10.84 7.60
N GLN A 13 -4.85 -11.34 8.74
CA GLN A 13 -5.85 -10.64 9.54
C GLN A 13 -5.19 -9.70 10.54
N GLU A 14 -4.18 -10.19 11.25
CA GLU A 14 -3.47 -9.39 12.23
C GLU A 14 -3.00 -8.07 11.62
N GLU A 15 -2.53 -8.14 10.37
CA GLU A 15 -2.05 -6.95 9.68
C GLU A 15 -3.16 -5.91 9.55
N LEU A 16 -4.16 -6.22 8.74
CA LEU A 16 -5.29 -5.32 8.53
C LEU A 16 -5.60 -4.53 9.80
N SER A 17 -5.48 -5.19 10.94
CA SER A 17 -5.75 -4.55 12.23
C SER A 17 -4.56 -3.71 12.67
N VAL A 18 -3.38 -4.32 12.67
CA VAL A 18 -2.16 -3.63 13.07
C VAL A 18 -2.01 -2.31 12.33
N LEU A 19 -2.45 -2.28 11.07
CA LEU A 19 -2.35 -1.07 10.25
C LEU A 19 -3.22 0.04 10.83
N ALA A 20 -4.44 -0.30 11.23
CA ALA A 20 -5.36 0.67 11.80
C ALA A 20 -4.69 1.45 12.92
N ALA A 21 -3.65 0.88 13.50
CA ALA A 21 -2.93 1.53 14.60
C ALA A 21 -1.85 2.46 14.05
N ILE A 22 -1.03 1.96 13.15
CA ILE A 22 0.05 2.75 12.56
C ILE A 22 -0.45 4.14 12.18
N PHE A 23 -1.62 4.19 11.54
CA PHE A 23 -2.21 5.45 11.12
C PHE A 23 -3.01 6.09 12.26
N CYS A 24 -3.91 5.31 12.85
CA CYS A 24 -4.74 5.80 13.93
C CYS A 24 -5.17 7.24 13.70
N ARG A 25 -5.40 7.58 12.43
CA ARG A 25 -5.81 8.93 12.07
C ARG A 25 -7.30 8.97 11.74
N PRO A 26 -7.95 10.11 12.05
CA PRO A 26 -9.38 10.29 11.78
C PRO A 26 -9.69 10.41 10.29
N HIS A 27 -10.52 9.50 9.80
CA HIS A 27 -10.90 9.49 8.39
C HIS A 27 -9.68 9.30 7.50
N GLU A 28 -8.72 8.53 7.98
CA GLU A 28 -7.50 8.27 7.23
C GLU A 28 -7.43 6.80 6.81
N TRP A 29 -8.21 5.95 7.47
CA TRP A 29 -8.24 4.53 7.16
C TRP A 29 -9.58 4.12 6.57
N GLU A 30 -9.60 3.80 5.28
CA GLU A 30 -10.82 3.39 4.61
C GLU A 30 -10.63 2.06 3.89
N VAL A 31 -11.58 1.15 4.08
CA VAL A 31 -11.51 -0.16 3.44
C VAL A 31 -12.68 -0.37 2.49
N LEU A 32 -12.43 -0.23 1.20
CA LEU A 32 -13.47 -0.41 0.19
C LEU A 32 -14.35 -1.61 0.52
N SER A 33 -13.76 -2.80 0.52
CA SER A 33 -14.50 -4.02 0.81
C SER A 33 -13.54 -5.15 1.19
N ARG A 34 -14.05 -6.11 1.97
CA ARG A 34 -13.24 -7.24 2.40
C ARG A 34 -13.94 -8.56 2.06
N SER A 35 -13.38 -9.29 1.10
CA SER A 35 -13.95 -10.56 0.68
C SER A 35 -12.93 -11.69 0.85
N GLU A 36 -13.43 -12.90 1.08
CA GLU A 36 -12.57 -14.07 1.26
C GLU A 36 -12.10 -14.61 -0.09
N THR A 37 -13.05 -15.12 -0.87
CA THR A 37 -12.75 -15.67 -2.18
C THR A 37 -12.29 -14.59 -3.15
N ASP A 38 -13.07 -13.51 -3.23
CA ASP A 38 -12.76 -12.41 -4.12
C ASP A 38 -11.45 -11.74 -3.70
N GLY A 39 -11.17 -11.74 -2.40
CA GLY A 39 -9.96 -11.13 -1.89
C GLY A 39 -10.24 -9.89 -1.07
N THR A 40 -9.22 -9.44 -0.33
CA THR A 40 -9.37 -8.25 0.51
C THR A 40 -8.82 -7.02 -0.19
N VAL A 41 -9.65 -5.98 -0.27
CA VAL A 41 -9.25 -4.73 -0.93
C VAL A 41 -9.55 -3.53 -0.04
N PHE A 42 -8.70 -2.51 -0.12
CA PHE A 42 -8.85 -1.30 0.68
C PHE A 42 -8.04 -0.15 0.11
N ARG A 43 -8.38 1.06 0.50
CA ARG A 43 -7.67 2.25 0.03
C ARG A 43 -7.49 3.26 1.15
N ILE A 44 -6.25 3.44 1.58
CA ILE A 44 -5.93 4.38 2.65
C ILE A 44 -5.12 5.56 2.13
N HIS A 45 -5.29 6.71 2.77
CA HIS A 45 -4.58 7.92 2.38
C HIS A 45 -3.33 8.11 3.21
N THR A 46 -2.20 8.35 2.55
CA THR A 46 -0.93 8.55 3.23
C THR A 46 -0.19 9.77 2.69
N LYS A 47 0.71 10.31 3.49
CA LYS A 47 1.49 11.47 3.09
C LYS A 47 2.98 11.25 3.34
N ALA A 48 3.80 11.60 2.35
CA ALA A 48 5.24 11.44 2.45
C ALA A 48 5.91 12.75 2.84
N GLU A 49 7.24 12.74 2.91
CA GLU A 49 7.99 13.94 3.27
C GLU A 49 7.85 15.01 2.20
N GLY A 50 7.20 14.66 1.10
CA GLY A 50 7.01 15.60 0.02
C GLY A 50 8.29 15.91 -0.72
N PHE A 51 8.31 17.03 -1.44
CA PHE A 51 9.49 17.43 -2.20
C PHE A 51 10.11 18.69 -1.61
N MET A 52 9.29 19.72 -1.44
CA MET A 52 9.76 20.99 -0.88
C MET A 52 9.43 21.08 0.61
N ASP A 53 9.57 19.97 1.32
CA ASP A 53 9.29 19.93 2.75
C ASP A 53 7.81 20.19 3.01
N ALA A 54 6.95 19.58 2.19
CA ALA A 54 5.51 19.75 2.33
C ALA A 54 4.78 18.43 2.11
N ASP A 55 4.08 17.96 3.14
CA ASP A 55 3.33 16.71 3.05
C ASP A 55 2.51 16.66 1.76
N ILE A 56 2.68 15.57 1.01
CA ILE A 56 1.96 15.40 -0.24
C ILE A 56 0.89 14.32 -0.12
N PRO A 57 -0.29 14.57 -0.69
CA PRO A 57 -1.40 13.62 -0.67
C PRO A 57 -1.14 12.38 -1.53
N LEU A 58 -0.65 11.33 -0.89
CA LEU A 58 -0.36 10.08 -1.59
C LEU A 58 -1.48 9.07 -1.41
N GLU A 59 -1.79 8.33 -2.47
CA GLU A 59 -2.85 7.33 -2.42
C GLU A 59 -2.31 5.95 -2.80
N LEU A 60 -2.50 4.98 -1.91
CA LEU A 60 -2.04 3.62 -2.16
C LEU A 60 -3.19 2.62 -2.07
N VAL A 61 -3.37 1.83 -3.13
CA VAL A 61 -4.44 0.83 -3.16
C VAL A 61 -3.86 -0.58 -3.23
N PHE A 62 -3.90 -1.29 -2.10
CA PHE A 62 -3.39 -2.65 -2.04
C PHE A 62 -4.52 -3.67 -2.20
N HIS A 63 -4.18 -4.83 -2.77
CA HIS A 63 -5.16 -5.88 -2.98
C HIS A 63 -4.59 -7.25 -2.58
N LEU A 64 -5.25 -7.90 -1.63
CA LEU A 64 -4.81 -9.21 -1.16
C LEU A 64 -5.70 -10.31 -1.71
N PRO A 65 -5.25 -10.94 -2.81
CA PRO A 65 -5.99 -12.02 -3.47
C PRO A 65 -6.01 -13.30 -2.62
N VAL A 66 -6.37 -14.41 -3.25
CA VAL A 66 -6.43 -15.69 -2.57
C VAL A 66 -5.07 -16.37 -2.56
N ASN A 67 -4.35 -16.28 -3.68
CA ASN A 67 -3.03 -16.88 -3.81
C ASN A 67 -2.03 -16.18 -2.90
N TYR A 68 -2.10 -14.86 -2.85
CA TYR A 68 -1.20 -14.07 -2.01
C TYR A 68 -1.04 -14.69 -0.63
N PRO A 69 0.13 -14.50 -0.03
CA PRO A 69 1.22 -13.72 -0.63
C PRO A 69 1.84 -14.44 -1.82
N SER A 70 1.46 -15.70 -2.01
CA SER A 70 1.99 -16.50 -3.12
C SER A 70 2.18 -15.64 -4.36
N CYS A 71 1.16 -14.84 -4.69
CA CYS A 71 1.22 -13.98 -5.86
C CYS A 71 1.39 -12.52 -5.45
N LEU A 72 1.81 -11.69 -6.40
CA LEU A 72 2.01 -10.28 -6.14
C LEU A 72 0.69 -9.56 -5.93
N PRO A 73 0.61 -8.73 -4.89
CA PRO A 73 -0.59 -7.97 -4.56
C PRO A 73 -0.88 -6.87 -5.58
N GLY A 74 -2.14 -6.44 -5.65
CA GLY A 74 -2.53 -5.40 -6.59
C GLY A 74 -2.23 -4.01 -6.06
N ILE A 75 -1.04 -3.50 -6.37
CA ILE A 75 -0.64 -2.18 -5.93
C ILE A 75 -0.95 -1.12 -6.98
N SER A 76 -1.35 0.06 -6.53
CA SER A 76 -1.68 1.16 -7.44
C SER A 76 -1.12 2.48 -6.91
N ILE A 77 -0.68 3.33 -7.83
CA ILE A 77 -0.13 4.63 -7.46
C ILE A 77 -0.80 5.76 -8.25
N ASN A 78 -1.55 6.60 -7.54
CA ASN A 78 -2.25 7.71 -8.17
C ASN A 78 -2.54 8.82 -7.16
N SER A 79 -2.00 10.00 -7.42
CA SER A 79 -2.20 11.15 -6.52
C SER A 79 -2.75 12.34 -7.29
N GLU A 80 -3.43 13.23 -6.58
CA GLU A 80 -4.01 14.42 -7.18
C GLU A 80 -2.93 15.31 -7.78
N GLN A 81 -1.68 15.03 -7.43
CA GLN A 81 -0.55 15.81 -7.92
C GLN A 81 0.19 15.04 -9.01
N LEU A 82 0.94 14.02 -8.61
CA LEU A 82 1.70 13.21 -9.55
C LEU A 82 0.92 13.01 -10.85
N THR A 83 1.65 12.80 -11.94
CA THR A 83 1.04 12.60 -13.25
C THR A 83 1.00 11.12 -13.61
N ARG A 84 0.46 10.81 -14.79
CA ARG A 84 0.37 9.44 -15.26
C ARG A 84 1.74 8.79 -15.31
N ALA A 85 2.64 9.39 -16.09
CA ALA A 85 4.00 8.86 -16.24
C ALA A 85 4.64 8.63 -14.87
N GLN A 86 4.79 9.71 -14.09
CA GLN A 86 5.39 9.61 -12.77
C GLN A 86 4.87 8.40 -12.02
N CYS A 87 3.55 8.23 -12.03
CA CYS A 87 2.93 7.10 -11.34
C CYS A 87 3.51 5.77 -11.83
N VAL A 88 3.43 5.54 -13.14
CA VAL A 88 3.94 4.32 -13.72
C VAL A 88 5.26 3.91 -13.10
N THR A 89 6.15 4.89 -12.93
CA THR A 89 7.46 4.64 -12.34
C THR A 89 7.33 4.20 -10.89
N VAL A 90 6.86 5.10 -10.04
CA VAL A 90 6.68 4.80 -8.62
C VAL A 90 6.15 3.39 -8.42
N LYS A 91 5.06 3.07 -9.11
CA LYS A 91 4.45 1.74 -9.01
C LYS A 91 5.43 0.66 -9.46
N GLU A 92 5.89 0.77 -10.70
CA GLU A 92 6.83 -0.19 -11.25
C GLU A 92 7.93 -0.51 -10.25
N LYS A 93 8.19 0.42 -9.35
CA LYS A 93 9.22 0.24 -8.33
C LYS A 93 8.67 -0.51 -7.13
N LEU A 94 7.40 -0.31 -6.84
CA LEU A 94 6.76 -0.97 -5.71
C LEU A 94 6.56 -2.46 -5.99
N LEU A 95 6.27 -2.79 -7.25
CA LEU A 95 6.06 -4.18 -7.65
C LEU A 95 7.35 -4.98 -7.53
N GLU A 96 8.41 -4.47 -8.16
CA GLU A 96 9.71 -5.14 -8.13
C GLU A 96 10.13 -5.44 -6.68
N GLN A 97 9.82 -4.51 -5.78
CA GLN A 97 10.16 -4.68 -4.38
C GLN A 97 9.30 -5.75 -3.73
N ALA A 98 8.00 -5.71 -4.02
CA ALA A 98 7.07 -6.68 -3.46
C ALA A 98 7.63 -8.10 -3.54
N GLU A 99 8.04 -8.50 -4.74
CA GLU A 99 8.59 -9.83 -4.96
C GLU A 99 9.50 -10.23 -3.80
N SER A 100 10.61 -9.50 -3.65
CA SER A 100 11.57 -9.78 -2.58
C SER A 100 10.87 -9.87 -1.23
N LEU A 101 9.83 -9.07 -1.06
CA LEU A 101 9.08 -9.06 0.19
C LEU A 101 7.93 -10.07 0.14
N LEU A 102 8.09 -11.10 -0.68
CA LEU A 102 7.07 -12.13 -0.81
C LEU A 102 6.86 -12.86 0.51
N SER A 103 5.83 -13.71 0.56
CA SER A 103 5.51 -14.46 1.76
C SER A 103 5.67 -13.59 3.01
N GLU A 104 5.54 -12.28 2.83
CA GLU A 104 5.67 -11.33 3.94
C GLU A 104 4.74 -10.14 3.75
N PRO A 105 4.46 -9.44 4.85
CA PRO A 105 3.58 -8.26 4.84
C PRO A 105 4.22 -7.07 4.13
N MET A 106 4.13 -7.05 2.82
CA MET A 106 4.70 -5.97 2.02
C MET A 106 3.77 -4.76 1.99
N VAL A 107 2.48 -5.01 2.22
CA VAL A 107 1.48 -3.94 2.23
C VAL A 107 1.89 -2.82 3.18
N HIS A 108 2.26 -3.19 4.40
CA HIS A 108 2.67 -2.21 5.40
C HIS A 108 4.04 -1.63 5.06
N GLU A 109 5.06 -2.49 5.06
CA GLU A 109 6.42 -2.06 4.76
C GLU A 109 6.43 -1.09 3.58
N LEU A 110 5.94 -1.55 2.44
CA LEU A 110 5.90 -0.73 1.23
C LEU A 110 5.52 0.71 1.57
N VAL A 111 4.43 0.87 2.33
CA VAL A 111 3.96 2.19 2.73
C VAL A 111 5.08 3.00 3.38
N LEU A 112 5.83 2.34 4.27
CA LEU A 112 6.93 3.00 4.97
C LEU A 112 8.17 3.05 4.09
N TRP A 113 8.14 2.33 2.97
CA TRP A 113 9.26 2.30 2.05
C TRP A 113 9.26 3.52 1.14
N ILE A 114 8.16 3.67 0.39
CA ILE A 114 8.03 4.81 -0.53
C ILE A 114 8.09 6.13 0.22
N GLN A 115 7.36 6.22 1.32
CA GLN A 115 7.32 7.43 2.13
C GLN A 115 8.71 8.08 2.19
N GLN A 116 9.74 7.25 2.31
CA GLN A 116 11.11 7.73 2.38
C GLN A 116 11.78 7.67 1.02
N ASN A 117 11.50 6.60 0.27
CA ASN A 117 12.08 6.41 -1.06
C ASN A 117 11.16 6.97 -2.13
N LEU A 118 10.63 8.16 -1.90
CA LEU A 118 9.73 8.81 -2.84
C LEU A 118 10.48 9.81 -3.72
N ARG A 119 11.48 10.46 -3.13
CA ARG A 119 12.28 11.44 -3.85
C ARG A 119 13.48 10.78 -4.51
N HIS A 120 14.25 10.04 -3.71
CA HIS A 120 15.43 9.35 -4.22
C HIS A 120 15.14 8.65 -5.54
N ILE A 121 13.94 8.07 -5.64
CA ILE A 121 13.54 7.36 -6.85
C ILE A 121 13.35 8.33 -8.01
N LEU A 122 12.64 9.42 -7.76
CA LEU A 122 12.39 10.44 -8.79
C LEU A 122 13.54 11.42 -8.88
N SER A 123 14.75 10.93 -8.58
CA SER A 123 15.94 11.78 -8.62
C SER A 123 16.02 12.55 -9.93
N GLN A 124 15.87 11.83 -11.04
CA GLN A 124 15.92 12.45 -12.36
C GLN A 124 14.51 12.72 -12.89
N PRO A 125 14.36 13.84 -13.62
CA PRO A 125 13.08 14.24 -14.19
C PRO A 125 12.64 13.32 -15.32
N GLU A 126 11.32 13.10 -15.42
CA GLU A 126 10.78 12.24 -16.47
C GLU A 126 10.02 13.07 -17.51
N THR A 127 10.34 12.86 -18.77
CA THR A 127 9.70 13.58 -19.86
C THR A 127 8.21 13.24 -19.94
N GLY A 128 7.91 11.95 -20.01
CA GLY A 128 6.52 11.51 -20.08
C GLY A 128 6.33 10.36 -21.05
N GLY A 1 -9.73 -30.00 17.73
CA GLY A 1 -9.60 -30.06 16.29
C GLY A 1 -10.94 -30.09 15.58
N SER A 2 -11.86 -29.25 16.04
CA SER A 2 -13.20 -29.18 15.46
C SER A 2 -13.55 -27.76 15.07
N SER A 3 -14.21 -27.60 13.93
CA SER A 3 -14.61 -26.29 13.44
C SER A 3 -15.01 -25.38 14.60
N GLY A 4 -14.65 -24.11 14.51
CA GLY A 4 -14.99 -23.15 15.55
C GLY A 4 -14.00 -22.01 15.63
N SER A 5 -12.80 -22.30 16.11
CA SER A 5 -11.76 -21.28 16.24
C SER A 5 -11.49 -20.61 14.89
N SER A 6 -11.23 -21.43 13.88
CA SER A 6 -10.94 -20.92 12.54
C SER A 6 -11.79 -19.69 12.23
N GLY A 7 -11.22 -18.77 11.46
CA GLY A 7 -11.94 -17.55 11.10
C GLY A 7 -11.85 -17.24 9.62
N MET A 8 -10.86 -16.44 9.24
CA MET A 8 -10.67 -16.07 7.85
C MET A 8 -9.21 -16.22 7.44
N ALA A 9 -8.35 -15.36 8.00
CA ALA A 9 -6.93 -15.41 7.69
C ALA A 9 -6.09 -15.00 8.92
N GLU A 10 -5.07 -15.78 9.20
CA GLU A 10 -4.20 -15.51 10.34
C GLU A 10 -3.29 -14.31 10.05
N PRO A 11 -2.51 -14.40 8.96
CA PRO A 11 -1.59 -13.33 8.55
C PRO A 11 -2.33 -12.09 8.05
N VAL A 12 -3.26 -12.29 7.13
CA VAL A 12 -4.03 -11.18 6.58
C VAL A 12 -4.67 -10.34 7.69
N GLN A 13 -5.45 -10.99 8.54
CA GLN A 13 -6.11 -10.31 9.64
C GLN A 13 -5.11 -9.50 10.47
N GLU A 14 -3.91 -10.07 10.64
CA GLU A 14 -2.86 -9.40 11.40
C GLU A 14 -2.42 -8.11 10.72
N GLU A 15 -2.16 -8.19 9.41
CA GLU A 15 -1.72 -7.03 8.65
C GLU A 15 -2.79 -5.93 8.68
N LEU A 16 -4.01 -6.30 8.34
CA LEU A 16 -5.11 -5.34 8.33
C LEU A 16 -5.25 -4.65 9.68
N SER A 17 -5.13 -5.44 10.75
CA SER A 17 -5.25 -4.90 12.10
C SER A 17 -4.06 -3.99 12.43
N VAL A 18 -2.87 -4.58 12.46
CA VAL A 18 -1.66 -3.83 12.76
C VAL A 18 -1.69 -2.46 12.09
N LEU A 19 -1.96 -2.44 10.80
CA LEU A 19 -2.02 -1.20 10.04
C LEU A 19 -3.14 -0.29 10.55
N ALA A 20 -4.30 -0.88 10.78
CA ALA A 20 -5.45 -0.13 11.29
C ALA A 20 -5.08 0.67 12.53
N ALA A 21 -4.12 0.16 13.29
CA ALA A 21 -3.68 0.84 14.50
C ALA A 21 -3.09 2.21 14.19
N ILE A 22 -2.15 2.24 13.25
CA ILE A 22 -1.51 3.49 12.85
C ILE A 22 -2.51 4.43 12.19
N PHE A 23 -3.19 3.95 11.17
CA PHE A 23 -4.18 4.75 10.46
C PHE A 23 -5.47 4.88 11.27
N CYS A 24 -5.51 4.20 12.41
CA CYS A 24 -6.68 4.24 13.28
C CYS A 24 -7.31 5.62 13.28
N ARG A 25 -6.47 6.65 13.16
CA ARG A 25 -6.93 8.03 13.15
C ARG A 25 -8.26 8.15 12.41
N PRO A 26 -9.11 9.09 12.87
CA PRO A 26 -10.42 9.33 12.27
C PRO A 26 -10.32 9.95 10.88
N HIS A 27 -11.01 9.35 9.91
CA HIS A 27 -10.99 9.85 8.54
C HIS A 27 -9.62 9.63 7.89
N GLU A 28 -9.01 8.49 8.21
CA GLU A 28 -7.69 8.17 7.65
C GLU A 28 -7.67 6.74 7.10
N TRP A 29 -8.30 5.82 7.83
CA TRP A 29 -8.35 4.42 7.42
C TRP A 29 -9.68 4.12 6.72
N GLU A 30 -9.58 3.48 5.56
CA GLU A 30 -10.77 3.13 4.79
C GLU A 30 -10.58 1.80 4.05
N VAL A 31 -11.60 0.95 4.08
CA VAL A 31 -11.53 -0.34 3.42
C VAL A 31 -12.68 -0.51 2.42
N LEU A 32 -12.39 -0.27 1.15
CA LEU A 32 -13.40 -0.39 0.10
C LEU A 32 -14.26 -1.63 0.33
N SER A 33 -13.67 -2.81 0.14
CA SER A 33 -14.39 -4.06 0.31
C SER A 33 -13.51 -5.10 1.02
N ARG A 34 -14.15 -5.99 1.77
CA ARG A 34 -13.43 -7.03 2.49
C ARG A 34 -14.21 -8.35 2.47
N SER A 35 -13.59 -9.36 1.87
CA SER A 35 -14.22 -10.68 1.78
C SER A 35 -13.41 -11.73 2.52
N GLU A 36 -14.03 -12.88 2.78
CA GLU A 36 -13.36 -13.97 3.49
C GLU A 36 -12.21 -14.53 2.66
N THR A 37 -11.05 -13.88 2.74
CA THR A 37 -9.88 -14.32 1.99
C THR A 37 -10.23 -14.62 0.54
N ASP A 38 -11.12 -13.82 -0.03
CA ASP A 38 -11.54 -14.00 -1.42
C ASP A 38 -11.05 -12.85 -2.29
N GLY A 39 -10.94 -11.66 -1.69
CA GLY A 39 -10.48 -10.50 -2.43
C GLY A 39 -10.76 -9.20 -1.70
N THR A 40 -9.98 -8.93 -0.66
CA THR A 40 -10.14 -7.71 0.13
C THR A 40 -9.32 -6.57 -0.45
N VAL A 41 -9.95 -5.41 -0.60
CA VAL A 41 -9.29 -4.23 -1.14
C VAL A 41 -9.54 -3.01 -0.27
N PHE A 42 -8.46 -2.32 0.09
CA PHE A 42 -8.56 -1.13 0.92
C PHE A 42 -7.55 -0.07 0.49
N ARG A 43 -7.96 1.19 0.57
CA ARG A 43 -7.09 2.30 0.17
C ARG A 43 -7.09 3.39 1.25
N ILE A 44 -5.94 3.59 1.89
CA ILE A 44 -5.80 4.60 2.92
C ILE A 44 -5.10 5.84 2.39
N HIS A 45 -5.52 7.02 2.86
CA HIS A 45 -4.92 8.27 2.44
C HIS A 45 -3.68 8.58 3.27
N THR A 46 -2.51 8.52 2.63
CA THR A 46 -1.25 8.81 3.32
C THR A 46 -0.45 9.87 2.57
N LYS A 47 0.55 10.41 3.24
CA LYS A 47 1.41 11.44 2.64
C LYS A 47 2.88 11.14 2.90
N ALA A 48 3.74 11.55 1.98
CA ALA A 48 5.18 11.34 2.12
C ALA A 48 5.89 12.64 2.48
N GLU A 49 7.22 12.58 2.52
CA GLU A 49 8.02 13.75 2.85
C GLU A 49 7.68 14.92 1.94
N GLY A 50 6.98 14.63 0.85
CA GLY A 50 6.59 15.66 -0.08
C GLY A 50 7.79 16.27 -0.80
N PHE A 51 7.92 17.59 -0.72
CA PHE A 51 9.02 18.29 -1.36
C PHE A 51 9.27 19.65 -0.70
N MET A 52 10.51 19.91 -0.33
CA MET A 52 10.88 21.16 0.32
C MET A 52 9.91 21.50 1.44
N ASP A 53 9.69 20.54 2.33
CA ASP A 53 8.79 20.73 3.46
C ASP A 53 7.36 20.99 2.97
N ALA A 54 6.90 20.16 2.04
CA ALA A 54 5.55 20.29 1.50
C ALA A 54 4.85 18.94 1.42
N ASP A 55 4.22 18.54 2.52
CA ASP A 55 3.51 17.27 2.58
C ASP A 55 2.68 17.05 1.33
N ILE A 56 2.87 15.91 0.68
CA ILE A 56 2.13 15.58 -0.54
C ILE A 56 1.17 14.42 -0.30
N PRO A 57 -0.04 14.53 -0.86
CA PRO A 57 -1.07 13.51 -0.73
C PRO A 57 -0.73 12.23 -1.50
N LEU A 58 -1.12 11.09 -0.95
CA LEU A 58 -0.85 9.81 -1.59
C LEU A 58 -1.92 8.78 -1.22
N GLU A 59 -2.37 8.02 -2.21
CA GLU A 59 -3.39 7.00 -1.99
C GLU A 59 -2.86 5.62 -2.37
N LEU A 60 -2.47 4.84 -1.35
CA LEU A 60 -1.96 3.50 -1.57
C LEU A 60 -3.07 2.47 -1.50
N VAL A 61 -3.33 1.79 -2.62
CA VAL A 61 -4.37 0.78 -2.68
C VAL A 61 -3.77 -0.62 -2.77
N PHE A 62 -3.78 -1.33 -1.65
CA PHE A 62 -3.24 -2.69 -1.60
C PHE A 62 -4.35 -3.72 -1.73
N HIS A 63 -4.17 -4.66 -2.66
CA HIS A 63 -5.16 -5.70 -2.88
C HIS A 63 -4.64 -7.05 -2.38
N LEU A 64 -5.37 -7.63 -1.43
CA LEU A 64 -4.98 -8.92 -0.86
C LEU A 64 -5.80 -10.05 -1.47
N PRO A 65 -5.20 -10.76 -2.44
CA PRO A 65 -5.86 -11.88 -3.12
C PRO A 65 -6.03 -13.09 -2.22
N VAL A 66 -6.31 -14.25 -2.82
CA VAL A 66 -6.50 -15.48 -2.07
C VAL A 66 -5.20 -16.28 -2.00
N ASN A 67 -4.36 -16.13 -3.01
CA ASN A 67 -3.08 -16.83 -3.06
C ASN A 67 -2.07 -16.20 -2.12
N TYR A 68 -2.05 -14.87 -2.08
CA TYR A 68 -1.13 -14.14 -1.22
C TYR A 68 -0.99 -14.83 0.13
N PRO A 69 0.20 -14.69 0.75
CA PRO A 69 1.31 -13.92 0.17
C PRO A 69 1.91 -14.62 -1.05
N SER A 70 1.47 -15.85 -1.31
CA SER A 70 1.98 -16.62 -2.43
C SER A 70 2.18 -15.72 -3.65
N CYS A 71 1.18 -14.89 -3.94
CA CYS A 71 1.25 -13.98 -5.08
C CYS A 71 1.54 -12.56 -4.63
N LEU A 72 1.78 -11.68 -5.59
CA LEU A 72 2.06 -10.27 -5.29
C LEU A 72 0.78 -9.47 -5.13
N PRO A 73 0.72 -8.63 -4.09
CA PRO A 73 -0.44 -7.79 -3.82
C PRO A 73 -0.62 -6.67 -4.84
N GLY A 74 -1.87 -6.42 -5.23
CA GLY A 74 -2.14 -5.39 -6.20
C GLY A 74 -1.82 -4.00 -5.69
N ILE A 75 -0.66 -3.47 -6.09
CA ILE A 75 -0.23 -2.16 -5.67
C ILE A 75 -0.61 -1.10 -6.69
N SER A 76 -1.18 0.01 -6.22
CA SER A 76 -1.59 1.10 -7.09
C SER A 76 -1.19 2.44 -6.52
N ILE A 77 -0.53 3.26 -7.33
CA ILE A 77 -0.09 4.59 -6.89
C ILE A 77 -0.84 5.69 -7.63
N ASN A 78 -1.37 6.64 -6.87
CA ASN A 78 -2.11 7.75 -7.45
C ASN A 78 -2.07 8.98 -6.54
N SER A 79 -1.53 10.07 -7.04
CA SER A 79 -1.43 11.31 -6.27
C SER A 79 -2.05 12.48 -7.03
N GLU A 80 -2.53 13.47 -6.28
CA GLU A 80 -3.15 14.64 -6.88
C GLU A 80 -2.12 15.50 -7.61
N GLN A 81 -0.86 15.35 -7.21
CA GLN A 81 0.23 16.11 -7.81
C GLN A 81 0.93 15.29 -8.89
N LEU A 82 1.53 14.18 -8.47
CA LEU A 82 2.24 13.30 -9.40
C LEU A 82 1.37 12.97 -10.61
N THR A 83 2.01 12.82 -11.77
CA THR A 83 1.29 12.50 -12.99
C THR A 83 1.29 11.00 -13.26
N ARG A 84 0.68 10.60 -14.37
CA ARG A 84 0.61 9.18 -14.73
C ARG A 84 2.00 8.56 -14.78
N ALA A 85 2.97 9.34 -15.26
CA ALA A 85 4.35 8.87 -15.35
C ALA A 85 4.98 8.73 -13.97
N GLN A 86 4.80 9.75 -13.14
CA GLN A 86 5.37 9.75 -11.80
C GLN A 86 4.72 8.65 -10.95
N CYS A 87 3.50 8.28 -11.30
CA CYS A 87 2.78 7.24 -10.56
C CYS A 87 3.10 5.86 -11.12
N VAL A 88 2.85 5.67 -12.41
CA VAL A 88 3.11 4.40 -13.06
C VAL A 88 4.45 3.82 -12.63
N THR A 89 5.42 4.71 -12.39
CA THR A 89 6.75 4.28 -11.97
C THR A 89 6.74 3.80 -10.52
N VAL A 90 6.55 4.73 -9.60
CA VAL A 90 6.52 4.39 -8.17
C VAL A 90 5.84 3.05 -7.94
N LYS A 91 4.76 2.80 -8.69
CA LYS A 91 4.03 1.55 -8.57
C LYS A 91 4.85 0.38 -9.10
N GLU A 92 5.11 0.39 -10.41
CA GLU A 92 5.88 -0.67 -11.03
C GLU A 92 7.10 -1.03 -10.20
N LYS A 93 7.78 0.00 -9.70
CA LYS A 93 8.98 -0.20 -8.88
C LYS A 93 8.65 -1.00 -7.62
N LEU A 94 7.57 -0.60 -6.94
CA LEU A 94 7.14 -1.29 -5.73
C LEU A 94 6.97 -2.78 -5.96
N LEU A 95 6.33 -3.12 -7.08
CA LEU A 95 6.11 -4.53 -7.42
C LEU A 95 7.40 -5.33 -7.32
N GLU A 96 8.48 -4.78 -7.86
CA GLU A 96 9.77 -5.44 -7.82
C GLU A 96 10.17 -5.76 -6.39
N GLN A 97 10.16 -4.75 -5.53
CA GLN A 97 10.53 -4.92 -4.13
C GLN A 97 9.65 -5.97 -3.46
N ALA A 98 8.35 -5.86 -3.66
CA ALA A 98 7.40 -6.81 -3.07
C ALA A 98 7.91 -8.24 -3.19
N GLU A 99 8.30 -8.62 -4.40
CA GLU A 99 8.80 -9.97 -4.65
C GLU A 99 9.77 -10.39 -3.54
N SER A 100 10.86 -9.66 -3.40
CA SER A 100 11.87 -9.96 -2.39
C SER A 100 11.23 -10.02 -1.00
N LEU A 101 10.21 -9.20 -0.78
CA LEU A 101 9.52 -9.17 0.50
C LEU A 101 8.27 -10.03 0.47
N LEU A 102 8.37 -11.19 -0.18
CA LEU A 102 7.24 -12.11 -0.29
C LEU A 102 7.00 -12.82 1.05
N SER A 103 5.99 -13.67 1.07
CA SER A 103 5.64 -14.42 2.28
C SER A 103 5.84 -13.56 3.52
N GLU A 104 5.66 -12.26 3.37
CA GLU A 104 5.82 -11.32 4.48
C GLU A 104 5.00 -10.05 4.25
N PRO A 105 4.74 -9.32 5.34
CA PRO A 105 3.96 -8.07 5.28
C PRO A 105 4.73 -6.95 4.58
N MET A 106 4.45 -6.77 3.29
CA MET A 106 5.11 -5.73 2.51
C MET A 106 4.27 -4.46 2.49
N VAL A 107 2.95 -4.62 2.54
CA VAL A 107 2.04 -3.47 2.52
C VAL A 107 2.59 -2.33 3.36
N HIS A 108 2.97 -2.63 4.60
CA HIS A 108 3.50 -1.62 5.51
C HIS A 108 4.91 -1.21 5.08
N GLU A 109 5.84 -2.16 5.13
CA GLU A 109 7.23 -1.90 4.76
C GLU A 109 7.29 -0.92 3.59
N LEU A 110 6.62 -1.27 2.49
CA LEU A 110 6.60 -0.43 1.30
C LEU A 110 6.29 1.02 1.66
N VAL A 111 5.09 1.24 2.21
CA VAL A 111 4.67 2.58 2.61
C VAL A 111 5.85 3.39 3.15
N LEU A 112 6.61 2.78 4.04
CA LEU A 112 7.77 3.45 4.65
C LEU A 112 8.91 3.57 3.63
N TRP A 113 9.12 2.50 2.86
CA TRP A 113 10.17 2.49 1.85
C TRP A 113 10.01 3.63 0.87
N ILE A 114 8.81 3.75 0.31
CA ILE A 114 8.51 4.81 -0.65
C ILE A 114 8.48 6.18 0.03
N GLN A 115 7.77 6.25 1.14
CA GLN A 115 7.67 7.50 1.90
C GLN A 115 9.00 8.24 1.92
N GLN A 116 10.09 7.49 1.99
CA GLN A 116 11.43 8.07 2.03
C GLN A 116 12.07 8.01 0.64
N ASN A 117 11.95 6.87 -0.02
CA ASN A 117 12.53 6.68 -1.35
C ASN A 117 11.57 7.16 -2.43
N LEU A 118 10.86 8.25 -2.14
CA LEU A 118 9.91 8.81 -3.10
C LEU A 118 10.60 9.75 -4.08
N ARG A 119 11.54 10.54 -3.58
CA ARG A 119 12.28 11.48 -4.41
C ARG A 119 13.39 10.77 -5.18
N HIS A 120 14.08 9.85 -4.50
CA HIS A 120 15.15 9.09 -5.13
C HIS A 120 14.71 8.50 -6.45
N ILE A 121 13.45 8.09 -6.52
CA ILE A 121 12.89 7.49 -7.73
C ILE A 121 12.67 8.56 -8.81
N LEU A 122 11.98 9.63 -8.44
CA LEU A 122 11.70 10.71 -9.37
C LEU A 122 12.99 11.32 -9.90
N SER A 123 13.85 11.76 -8.99
CA SER A 123 15.12 12.37 -9.36
C SER A 123 15.68 11.71 -10.62
N GLN A 124 15.69 10.37 -10.63
CA GLN A 124 16.21 9.63 -11.78
C GLN A 124 15.62 10.15 -13.08
N PRO A 125 16.48 10.35 -14.08
CA PRO A 125 16.07 10.85 -15.39
C PRO A 125 15.26 9.81 -16.18
N GLU A 126 13.96 9.77 -15.92
CA GLU A 126 13.08 8.83 -16.60
C GLU A 126 12.09 9.56 -17.51
N THR A 127 12.16 9.28 -18.80
CA THR A 127 11.28 9.91 -19.77
C THR A 127 10.66 8.87 -20.71
N GLY A 128 9.40 8.53 -20.45
CA GLY A 128 8.71 7.56 -21.28
C GLY A 128 8.19 8.16 -22.57
N GLY A 1 -3.70 -11.39 19.04
CA GLY A 1 -3.40 -12.81 18.90
C GLY A 1 -4.64 -13.64 18.70
N SER A 2 -5.16 -13.65 17.47
CA SER A 2 -6.35 -14.40 17.14
C SER A 2 -6.08 -15.91 17.20
N SER A 3 -6.32 -16.50 18.36
CA SER A 3 -6.10 -17.93 18.56
C SER A 3 -7.42 -18.67 18.73
N GLY A 4 -7.61 -19.72 17.95
CA GLY A 4 -8.84 -20.49 18.03
C GLY A 4 -8.93 -21.54 16.94
N SER A 5 -10.13 -21.70 16.38
CA SER A 5 -10.36 -22.68 15.32
C SER A 5 -11.28 -22.11 14.24
N SER A 6 -11.26 -22.73 13.08
CA SER A 6 -12.09 -22.29 11.95
C SER A 6 -12.05 -20.76 11.82
N GLY A 7 -10.85 -20.20 11.95
CA GLY A 7 -10.69 -18.77 11.84
C GLY A 7 -10.64 -18.30 10.39
N MET A 8 -10.71 -16.99 10.20
CA MET A 8 -10.67 -16.42 8.85
C MET A 8 -9.30 -16.61 8.22
N ALA A 9 -8.28 -15.99 8.81
CA ALA A 9 -6.92 -16.09 8.30
C ALA A 9 -5.90 -15.69 9.37
N GLU A 10 -4.67 -16.14 9.20
CA GLU A 10 -3.61 -15.84 10.14
C GLU A 10 -2.93 -14.52 9.79
N PRO A 11 -2.19 -14.52 8.67
CA PRO A 11 -1.47 -13.33 8.19
C PRO A 11 -2.41 -12.25 7.70
N VAL A 12 -3.35 -12.63 6.84
CA VAL A 12 -4.32 -11.70 6.29
C VAL A 12 -4.96 -10.86 7.38
N GLN A 13 -5.44 -11.52 8.43
CA GLN A 13 -6.09 -10.85 9.54
C GLN A 13 -5.10 -9.93 10.26
N GLU A 14 -3.94 -10.47 10.62
CA GLU A 14 -2.91 -9.69 11.32
C GLU A 14 -2.58 -8.42 10.54
N GLU A 15 -2.10 -8.60 9.31
CA GLU A 15 -1.73 -7.46 8.46
C GLU A 15 -2.75 -6.34 8.62
N LEU A 16 -4.03 -6.68 8.52
CA LEU A 16 -5.10 -5.69 8.64
C LEU A 16 -5.08 -5.04 10.02
N SER A 17 -5.02 -5.86 11.06
CA SER A 17 -4.99 -5.36 12.43
C SER A 17 -3.80 -4.45 12.66
N VAL A 18 -2.60 -5.00 12.52
CA VAL A 18 -1.38 -4.24 12.72
C VAL A 18 -1.51 -2.84 12.14
N LEU A 19 -1.94 -2.76 10.88
CA LEU A 19 -2.11 -1.48 10.21
C LEU A 19 -3.22 -0.66 10.86
N ALA A 20 -4.41 -1.26 10.95
CA ALA A 20 -5.55 -0.59 11.56
C ALA A 20 -5.15 0.12 12.85
N ALA A 21 -4.05 -0.33 13.45
CA ALA A 21 -3.56 0.27 14.68
C ALA A 21 -2.78 1.55 14.40
N ILE A 22 -1.86 1.48 13.45
CA ILE A 22 -1.04 2.63 13.08
C ILE A 22 -1.92 3.83 12.70
N PHE A 23 -2.83 3.60 11.76
CA PHE A 23 -3.73 4.67 11.30
C PHE A 23 -4.79 4.96 12.36
N CYS A 24 -5.44 3.92 12.84
CA CYS A 24 -6.48 4.07 13.86
C CYS A 24 -7.28 5.35 13.64
N ARG A 25 -7.55 5.67 12.38
CA ARG A 25 -8.30 6.88 12.04
C ARG A 25 -9.27 6.60 10.89
N PRO A 26 -10.53 7.03 11.07
CA PRO A 26 -11.57 6.84 10.06
C PRO A 26 -11.35 7.71 8.83
N HIS A 27 -10.30 8.53 8.87
CA HIS A 27 -9.98 9.41 7.74
C HIS A 27 -8.73 8.94 7.03
N GLU A 28 -7.77 8.41 7.79
CA GLU A 28 -6.53 7.92 7.22
C GLU A 28 -6.69 6.50 6.69
N TRP A 29 -7.23 5.62 7.52
CA TRP A 29 -7.44 4.23 7.14
C TRP A 29 -8.88 4.00 6.69
N GLU A 30 -9.07 3.76 5.40
CA GLU A 30 -10.39 3.52 4.84
C GLU A 30 -10.39 2.32 3.91
N VAL A 31 -11.36 1.43 4.10
CA VAL A 31 -11.47 0.23 3.27
C VAL A 31 -12.74 0.26 2.42
N LEU A 32 -12.56 0.09 1.11
CA LEU A 32 -13.69 0.09 0.19
C LEU A 32 -14.55 -1.15 0.37
N SER A 33 -13.95 -2.32 0.20
CA SER A 33 -14.67 -3.58 0.33
C SER A 33 -13.69 -4.72 0.58
N ARG A 34 -14.02 -5.56 1.56
CA ARG A 34 -13.18 -6.70 1.92
C ARG A 34 -14.03 -7.92 2.24
N SER A 35 -13.66 -9.06 1.66
CA SER A 35 -14.39 -10.30 1.90
C SER A 35 -13.49 -11.36 2.52
N GLU A 36 -14.09 -12.38 3.12
CA GLU A 36 -13.34 -13.45 3.76
C GLU A 36 -12.36 -14.09 2.79
N THR A 37 -12.81 -14.28 1.54
CA THR A 37 -11.97 -14.88 0.52
C THR A 37 -11.94 -14.02 -0.75
N ASP A 38 -13.11 -13.54 -1.15
CA ASP A 38 -13.22 -12.70 -2.34
C ASP A 38 -12.01 -11.77 -2.46
N GLY A 39 -11.43 -11.40 -1.32
CA GLY A 39 -10.28 -10.53 -1.32
C GLY A 39 -10.51 -9.25 -0.53
N THR A 40 -9.44 -8.68 0.00
CA THR A 40 -9.54 -7.46 0.78
C THR A 40 -8.96 -6.27 0.01
N VAL A 41 -9.80 -5.26 -0.20
CA VAL A 41 -9.37 -4.06 -0.92
C VAL A 41 -9.63 -2.80 -0.10
N PHE A 42 -8.60 -1.98 0.05
CA PHE A 42 -8.71 -0.74 0.81
C PHE A 42 -7.82 0.35 0.22
N ARG A 43 -8.32 1.59 0.25
CA ARG A 43 -7.57 2.72 -0.28
C ARG A 43 -7.31 3.75 0.80
N ILE A 44 -6.09 3.75 1.34
CA ILE A 44 -5.71 4.69 2.38
C ILE A 44 -4.89 5.85 1.82
N HIS A 45 -5.04 7.02 2.41
CA HIS A 45 -4.31 8.20 1.97
C HIS A 45 -3.06 8.43 2.82
N THR A 46 -1.95 8.76 2.17
CA THR A 46 -0.70 9.00 2.87
C THR A 46 0.03 10.20 2.29
N LYS A 47 0.93 10.79 3.07
CA LYS A 47 1.70 11.93 2.63
C LYS A 47 3.18 11.76 2.95
N ALA A 48 4.03 12.27 2.07
CA ALA A 48 5.48 12.17 2.26
C ALA A 48 6.09 13.53 2.57
N GLU A 49 7.42 13.57 2.68
CA GLU A 49 8.12 14.82 2.96
C GLU A 49 8.00 15.80 1.81
N GLY A 50 7.53 15.29 0.67
CA GLY A 50 7.38 16.14 -0.51
C GLY A 50 8.67 16.77 -0.96
N PHE A 51 8.99 16.61 -2.24
CA PHE A 51 10.22 17.16 -2.79
C PHE A 51 10.45 18.59 -2.29
N MET A 52 9.39 19.38 -2.28
CA MET A 52 9.47 20.76 -1.82
C MET A 52 8.95 20.90 -0.40
N ASP A 53 9.40 20.03 0.48
CA ASP A 53 8.97 20.05 1.88
C ASP A 53 7.48 20.34 1.99
N ALA A 54 6.69 19.63 1.18
CA ALA A 54 5.24 19.81 1.19
C ALA A 54 4.53 18.47 1.07
N ASP A 55 3.84 18.08 2.13
CA ASP A 55 3.10 16.82 2.14
C ASP A 55 2.45 16.55 0.78
N ILE A 56 2.88 15.50 0.12
CA ILE A 56 2.34 15.15 -1.19
C ILE A 56 1.21 14.12 -1.05
N PRO A 57 0.09 14.38 -1.75
CA PRO A 57 -1.08 13.50 -1.72
C PRO A 57 -0.81 12.18 -2.44
N LEU A 58 -0.56 11.13 -1.67
CA LEU A 58 -0.30 9.81 -2.23
C LEU A 58 -1.46 8.86 -1.96
N GLU A 59 -1.75 8.01 -2.93
CA GLU A 59 -2.84 7.04 -2.79
C GLU A 59 -2.32 5.60 -2.89
N LEU A 60 -2.17 4.97 -1.73
CA LEU A 60 -1.68 3.60 -1.67
C LEU A 60 -2.83 2.61 -1.54
N VAL A 61 -3.08 1.86 -2.61
CA VAL A 61 -4.16 0.87 -2.61
C VAL A 61 -3.60 -0.54 -2.67
N PHE A 62 -3.57 -1.21 -1.53
CA PHE A 62 -3.06 -2.58 -1.44
C PHE A 62 -4.20 -3.59 -1.56
N HIS A 63 -4.07 -4.50 -2.51
CA HIS A 63 -5.08 -5.53 -2.74
C HIS A 63 -4.58 -6.90 -2.29
N LEU A 64 -5.19 -7.45 -1.25
CA LEU A 64 -4.81 -8.75 -0.73
C LEU A 64 -5.57 -9.87 -1.43
N PRO A 65 -4.86 -10.68 -2.23
CA PRO A 65 -5.45 -11.80 -2.97
C PRO A 65 -5.88 -12.93 -2.04
N VAL A 66 -6.12 -14.10 -2.63
CA VAL A 66 -6.54 -15.27 -1.86
C VAL A 66 -5.35 -16.15 -1.52
N ASN A 67 -4.40 -16.25 -2.44
CA ASN A 67 -3.21 -17.07 -2.24
C ASN A 67 -2.26 -16.40 -1.25
N TYR A 68 -2.20 -15.06 -1.29
CA TYR A 68 -1.33 -14.32 -0.40
C TYR A 68 -1.22 -15.00 0.96
N PRO A 69 -0.06 -14.82 1.62
CA PRO A 69 1.04 -14.01 1.07
C PRO A 69 1.72 -14.69 -0.12
N SER A 70 1.18 -15.82 -0.53
CA SER A 70 1.73 -16.57 -1.65
C SER A 70 1.35 -15.91 -2.97
N CYS A 71 1.50 -14.60 -3.05
CA CYS A 71 1.18 -13.84 -4.25
C CYS A 71 1.57 -12.38 -4.09
N LEU A 72 1.50 -11.64 -5.20
CA LEU A 72 1.85 -10.22 -5.20
C LEU A 72 0.61 -9.35 -5.04
N PRO A 73 0.61 -8.49 -4.03
CA PRO A 73 -0.51 -7.58 -3.76
C PRO A 73 -0.64 -6.49 -4.81
N GLY A 74 -1.89 -6.16 -5.18
CA GLY A 74 -2.12 -5.14 -6.18
C GLY A 74 -1.74 -3.76 -5.69
N ILE A 75 -0.53 -3.32 -6.04
CA ILE A 75 -0.05 -2.00 -5.63
C ILE A 75 -0.45 -0.93 -6.64
N SER A 76 -0.82 0.24 -6.14
CA SER A 76 -1.22 1.34 -7.00
C SER A 76 -0.73 2.67 -6.44
N ILE A 77 -0.26 3.54 -7.33
CA ILE A 77 0.25 4.85 -6.93
C ILE A 77 -0.36 5.96 -7.78
N ASN A 78 -0.98 6.94 -7.13
CA ASN A 78 -1.59 8.06 -7.83
C ASN A 78 -1.70 9.28 -6.92
N SER A 79 -1.05 10.37 -7.33
CA SER A 79 -1.07 11.60 -6.55
C SER A 79 -1.54 12.78 -7.40
N GLU A 80 -2.07 13.81 -6.75
CA GLU A 80 -2.56 15.00 -7.45
C GLU A 80 -1.45 15.61 -8.29
N GLN A 81 -0.24 15.65 -7.75
CA GLN A 81 0.90 16.22 -8.46
C GLN A 81 1.48 15.21 -9.45
N LEU A 82 1.46 13.94 -9.06
CA LEU A 82 1.99 12.88 -9.91
C LEU A 82 1.28 12.85 -11.27
N THR A 83 1.95 12.29 -12.27
CA THR A 83 1.37 12.20 -13.60
C THR A 83 1.24 10.76 -14.05
N ARG A 84 0.37 10.53 -15.03
CA ARG A 84 0.14 9.18 -15.55
C ARG A 84 1.46 8.42 -15.69
N ALA A 85 2.53 9.15 -15.99
CA ALA A 85 3.84 8.54 -16.16
C ALA A 85 4.45 8.18 -14.80
N GLN A 86 4.71 9.21 -13.99
CA GLN A 86 5.29 9.00 -12.67
C GLN A 86 4.45 8.03 -11.85
N CYS A 87 3.16 8.34 -11.73
CA CYS A 87 2.25 7.49 -10.96
C CYS A 87 2.48 6.02 -11.27
N VAL A 88 2.97 5.74 -12.47
CA VAL A 88 3.23 4.37 -12.90
C VAL A 88 4.62 3.92 -12.44
N THR A 89 5.63 4.74 -12.71
CA THR A 89 7.00 4.42 -12.33
C THR A 89 7.09 4.12 -10.84
N VAL A 90 6.36 4.87 -10.04
CA VAL A 90 6.36 4.67 -8.58
C VAL A 90 5.74 3.33 -8.22
N LYS A 91 4.61 3.02 -8.83
CA LYS A 91 3.92 1.77 -8.56
C LYS A 91 4.75 0.58 -9.03
N GLU A 92 5.07 0.55 -10.32
CA GLU A 92 5.86 -0.54 -10.89
C GLU A 92 7.03 -0.90 -9.97
N LYS A 93 7.69 0.12 -9.44
CA LYS A 93 8.83 -0.09 -8.56
C LYS A 93 8.40 -0.86 -7.30
N LEU A 94 7.46 -0.28 -6.55
CA LEU A 94 6.96 -0.91 -5.33
C LEU A 94 6.83 -2.42 -5.51
N LEU A 95 6.08 -2.83 -6.53
CA LEU A 95 5.88 -4.24 -6.82
C LEU A 95 7.21 -4.98 -6.88
N GLU A 96 8.10 -4.53 -7.75
CA GLU A 96 9.42 -5.14 -7.90
C GLU A 96 10.02 -5.46 -6.54
N GLN A 97 10.01 -4.48 -5.64
CA GLN A 97 10.56 -4.65 -4.31
C GLN A 97 9.75 -5.67 -3.51
N ALA A 98 8.42 -5.55 -3.59
CA ALA A 98 7.53 -6.45 -2.88
C ALA A 98 8.02 -7.90 -2.97
N GLU A 99 8.28 -8.35 -4.19
CA GLU A 99 8.75 -9.71 -4.41
C GLU A 99 9.76 -10.11 -3.34
N SER A 100 10.84 -9.34 -3.23
CA SER A 100 11.88 -9.61 -2.24
C SER A 100 11.31 -9.66 -0.84
N LEU A 101 10.26 -8.88 -0.61
CA LEU A 101 9.61 -8.84 0.70
C LEU A 101 8.39 -9.75 0.74
N LEU A 102 8.49 -10.88 0.04
CA LEU A 102 7.40 -11.85 0.00
C LEU A 102 7.23 -12.54 1.36
N SER A 103 6.23 -13.40 1.45
CA SER A 103 5.96 -14.13 2.69
C SER A 103 6.24 -13.25 3.90
N GLU A 104 5.99 -11.95 3.76
CA GLU A 104 6.21 -11.01 4.84
C GLU A 104 5.30 -9.79 4.70
N PRO A 105 5.13 -9.05 5.81
CA PRO A 105 4.28 -7.85 5.83
C PRO A 105 4.88 -6.70 5.04
N MET A 106 4.49 -6.60 3.77
CA MET A 106 4.99 -5.54 2.90
C MET A 106 4.06 -4.34 2.91
N VAL A 107 2.75 -4.61 2.85
CA VAL A 107 1.75 -3.55 2.86
C VAL A 107 2.20 -2.36 3.70
N HIS A 108 2.83 -2.66 4.84
CA HIS A 108 3.32 -1.61 5.73
C HIS A 108 4.66 -1.09 5.27
N GLU A 109 5.70 -1.90 5.42
CA GLU A 109 7.04 -1.52 5.01
C GLU A 109 7.01 -0.68 3.74
N LEU A 110 6.36 -1.21 2.71
CA LEU A 110 6.25 -0.52 1.43
C LEU A 110 5.92 0.96 1.64
N VAL A 111 4.85 1.22 2.39
CA VAL A 111 4.41 2.57 2.66
C VAL A 111 5.55 3.41 3.22
N LEU A 112 6.04 3.02 4.40
CA LEU A 112 7.14 3.73 5.05
C LEU A 112 8.37 3.79 4.14
N TRP A 113 8.45 2.84 3.21
CA TRP A 113 9.57 2.77 2.27
C TRP A 113 9.41 3.81 1.17
N ILE A 114 8.19 3.97 0.68
CA ILE A 114 7.91 4.93 -0.38
C ILE A 114 7.81 6.34 0.17
N GLN A 115 7.57 6.45 1.48
CA GLN A 115 7.45 7.75 2.13
C GLN A 115 8.82 8.36 2.37
N GLN A 116 9.84 7.51 2.46
CA GLN A 116 11.20 7.97 2.68
C GLN A 116 12.03 7.90 1.40
N ASN A 117 11.91 6.78 0.69
CA ASN A 117 12.65 6.59 -0.55
C ASN A 117 11.84 7.10 -1.74
N LEU A 118 11.06 8.15 -1.52
CA LEU A 118 10.25 8.74 -2.57
C LEU A 118 11.12 9.42 -3.63
N ARG A 119 11.83 10.46 -3.22
CA ARG A 119 12.71 11.19 -4.13
C ARG A 119 13.39 10.24 -5.12
N HIS A 120 14.33 9.46 -4.61
CA HIS A 120 15.05 8.51 -5.45
C HIS A 120 14.14 7.92 -6.52
N ILE A 121 13.19 7.10 -6.09
CA ILE A 121 12.25 6.47 -7.01
C ILE A 121 11.82 7.45 -8.11
N LEU A 122 11.50 8.67 -7.71
CA LEU A 122 11.08 9.70 -8.65
C LEU A 122 12.22 10.09 -9.58
N SER A 123 13.45 10.06 -9.06
CA SER A 123 14.62 10.41 -9.85
C SER A 123 14.69 9.57 -11.13
N GLN A 124 14.53 8.26 -10.97
CA GLN A 124 14.57 7.34 -12.11
C GLN A 124 15.58 7.82 -13.15
N PRO A 125 16.82 8.08 -12.70
CA PRO A 125 17.90 8.54 -13.58
C PRO A 125 18.37 7.46 -14.55
N GLU A 126 17.70 6.31 -14.51
CA GLU A 126 18.05 5.20 -15.38
C GLU A 126 17.38 5.35 -16.74
N THR A 127 18.10 5.96 -17.69
CA THR A 127 17.57 6.17 -19.03
C THR A 127 16.97 4.88 -19.58
N GLY A 128 17.75 3.81 -19.54
CA GLY A 128 17.28 2.53 -20.04
C GLY A 128 18.36 1.77 -20.77
N GLY A 1 -21.38 -15.20 19.25
CA GLY A 1 -20.29 -15.74 18.45
C GLY A 1 -18.93 -15.26 18.93
N SER A 2 -18.66 -15.46 20.22
CA SER A 2 -17.39 -15.04 20.81
C SER A 2 -16.22 -15.77 20.15
N SER A 3 -15.21 -15.02 19.74
CA SER A 3 -14.04 -15.60 19.09
C SER A 3 -13.42 -16.69 19.97
N GLY A 4 -13.34 -17.90 19.43
CA GLY A 4 -12.77 -19.01 20.18
C GLY A 4 -11.68 -19.73 19.41
N SER A 5 -11.81 -21.04 19.29
CA SER A 5 -10.82 -21.84 18.57
C SER A 5 -10.88 -21.58 17.07
N SER A 6 -12.09 -21.67 16.51
CA SER A 6 -12.28 -21.45 15.09
C SER A 6 -12.38 -19.96 14.79
N GLY A 7 -11.44 -19.46 13.99
CA GLY A 7 -11.43 -18.05 13.63
C GLY A 7 -11.72 -17.83 12.16
N MET A 8 -10.98 -16.92 11.54
CA MET A 8 -11.17 -16.61 10.13
C MET A 8 -9.82 -16.59 9.39
N ALA A 9 -8.78 -16.14 10.08
CA ALA A 9 -7.46 -16.07 9.49
C ALA A 9 -6.39 -15.89 10.57
N GLU A 10 -5.14 -15.75 10.13
CA GLU A 10 -4.02 -15.58 11.07
C GLU A 10 -3.10 -14.46 10.60
N PRO A 11 -2.35 -14.72 9.52
CA PRO A 11 -1.41 -13.75 8.95
C PRO A 11 -2.12 -12.57 8.29
N VAL A 12 -3.23 -12.86 7.60
CA VAL A 12 -4.00 -11.83 6.93
C VAL A 12 -4.71 -10.92 7.94
N GLN A 13 -5.29 -11.54 8.96
CA GLN A 13 -6.00 -10.77 9.99
C GLN A 13 -5.03 -9.90 10.77
N GLU A 14 -3.97 -10.49 11.28
CA GLU A 14 -2.96 -9.76 12.05
C GLU A 14 -2.44 -8.57 11.26
N GLU A 15 -2.22 -8.77 9.98
CA GLU A 15 -1.72 -7.71 9.11
C GLU A 15 -2.68 -6.52 9.09
N LEU A 16 -3.98 -6.82 9.12
CA LEU A 16 -4.99 -5.78 9.11
C LEU A 16 -5.08 -5.08 10.46
N SER A 17 -5.26 -5.86 11.52
CA SER A 17 -5.36 -5.31 12.86
C SER A 17 -4.21 -4.35 13.15
N VAL A 18 -3.06 -4.61 12.52
CA VAL A 18 -1.89 -3.75 12.70
C VAL A 18 -2.01 -2.47 11.88
N LEU A 19 -2.27 -2.63 10.58
CA LEU A 19 -2.40 -1.49 9.69
C LEU A 19 -3.50 -0.55 10.17
N ALA A 20 -4.71 -1.10 10.34
CA ALA A 20 -5.84 -0.31 10.80
C ALA A 20 -5.54 0.38 12.13
N ALA A 21 -4.53 -0.12 12.83
CA ALA A 21 -4.13 0.44 14.12
C ALA A 21 -3.26 1.67 13.92
N ILE A 22 -2.22 1.54 13.11
CA ILE A 22 -1.30 2.64 12.84
C ILE A 22 -2.07 3.93 12.55
N PHE A 23 -3.11 3.82 11.73
CA PHE A 23 -3.93 4.98 11.38
C PHE A 23 -5.15 5.08 12.27
N CYS A 24 -5.98 4.04 12.25
CA CYS A 24 -7.20 4.01 13.06
C CYS A 24 -8.02 5.28 12.85
N ARG A 25 -7.87 5.88 11.68
CA ARG A 25 -8.61 7.10 11.35
C ARG A 25 -9.67 6.84 10.29
N PRO A 26 -10.86 7.42 10.48
CA PRO A 26 -11.97 7.26 9.55
C PRO A 26 -11.73 7.96 8.21
N HIS A 27 -10.55 8.56 8.07
CA HIS A 27 -10.19 9.26 6.85
C HIS A 27 -8.85 8.77 6.31
N GLU A 28 -7.79 8.93 7.11
CA GLU A 28 -6.46 8.50 6.72
C GLU A 28 -6.42 6.99 6.48
N TRP A 29 -7.49 6.31 6.88
CA TRP A 29 -7.57 4.86 6.71
C TRP A 29 -9.01 4.44 6.43
N GLU A 30 -9.23 3.91 5.23
CA GLU A 30 -10.56 3.46 4.83
C GLU A 30 -10.48 2.19 4.00
N VAL A 31 -11.32 1.21 4.33
CA VAL A 31 -11.35 -0.06 3.63
C VAL A 31 -12.66 -0.25 2.86
N LEU A 32 -12.57 -0.19 1.53
CA LEU A 32 -13.75 -0.35 0.69
C LEU A 32 -14.62 -1.51 1.16
N SER A 33 -14.07 -2.72 1.09
CA SER A 33 -14.79 -3.91 1.52
C SER A 33 -13.84 -4.92 2.15
N ARG A 34 -14.42 -5.93 2.80
CA ARG A 34 -13.62 -6.97 3.45
C ARG A 34 -14.28 -8.34 3.28
N SER A 35 -13.50 -9.29 2.77
CA SER A 35 -14.01 -10.65 2.54
C SER A 35 -13.23 -11.66 3.38
N GLU A 36 -13.88 -12.77 3.70
CA GLU A 36 -13.25 -13.81 4.50
C GLU A 36 -12.28 -14.64 3.66
N THR A 37 -11.01 -14.30 3.73
CA THR A 37 -9.98 -15.01 2.98
C THR A 37 -10.41 -15.21 1.53
N ASP A 38 -11.04 -14.19 0.96
CA ASP A 38 -11.50 -14.25 -0.42
C ASP A 38 -10.92 -13.10 -1.24
N GLY A 39 -10.72 -11.96 -0.59
CA GLY A 39 -10.17 -10.80 -1.27
C GLY A 39 -10.42 -9.51 -0.51
N THR A 40 -9.42 -9.08 0.26
CA THR A 40 -9.53 -7.85 1.04
C THR A 40 -9.01 -6.65 0.25
N VAL A 41 -9.85 -5.64 0.11
CA VAL A 41 -9.48 -4.42 -0.62
C VAL A 41 -9.71 -3.19 0.24
N PHE A 42 -8.65 -2.41 0.43
CA PHE A 42 -8.73 -1.19 1.21
C PHE A 42 -7.86 -0.08 0.62
N ARG A 43 -8.39 1.14 0.59
CA ARG A 43 -7.66 2.27 0.04
C ARG A 43 -7.40 3.32 1.11
N ILE A 44 -6.13 3.53 1.44
CA ILE A 44 -5.75 4.50 2.45
C ILE A 44 -4.87 5.60 1.86
N HIS A 45 -4.99 6.82 2.40
CA HIS A 45 -4.20 7.94 1.91
C HIS A 45 -3.04 8.23 2.86
N THR A 46 -1.88 8.56 2.29
CA THR A 46 -0.69 8.84 3.08
C THR A 46 0.04 10.07 2.54
N LYS A 47 0.83 10.71 3.39
CA LYS A 47 1.60 11.89 2.99
C LYS A 47 3.09 11.62 3.07
N ALA A 48 3.85 12.30 2.23
CA ALA A 48 5.30 12.14 2.20
C ALA A 48 6.01 13.45 2.54
N GLU A 49 7.33 13.39 2.66
CA GLU A 49 8.12 14.57 2.99
C GLU A 49 8.16 15.54 1.81
N GLY A 50 7.49 15.16 0.72
CA GLY A 50 7.47 16.01 -0.46
C GLY A 50 8.86 16.33 -0.98
N PHE A 51 9.02 17.53 -1.51
CA PHE A 51 10.31 17.96 -2.05
C PHE A 51 10.80 19.22 -1.33
N MET A 52 9.88 20.15 -1.08
CA MET A 52 10.22 21.39 -0.41
C MET A 52 9.33 21.60 0.82
N ASP A 53 9.66 20.92 1.91
CA ASP A 53 8.89 21.03 3.14
C ASP A 53 7.40 21.18 2.84
N ALA A 54 6.89 20.32 1.96
CA ALA A 54 5.49 20.36 1.59
C ALA A 54 4.92 18.95 1.44
N ASP A 55 4.03 18.57 2.35
CA ASP A 55 3.41 17.26 2.32
C ASP A 55 2.65 17.03 1.01
N ILE A 56 2.90 15.91 0.38
CA ILE A 56 2.25 15.57 -0.88
C ILE A 56 1.21 14.47 -0.69
N PRO A 57 0.04 14.63 -1.32
CA PRO A 57 -1.05 13.66 -1.25
C PRO A 57 -0.72 12.36 -1.97
N LEU A 58 -0.38 11.33 -1.22
CA LEU A 58 -0.05 10.03 -1.80
C LEU A 58 -1.17 9.03 -1.57
N GLU A 59 -1.44 8.21 -2.58
CA GLU A 59 -2.49 7.20 -2.47
C GLU A 59 -1.93 5.80 -2.73
N LEU A 60 -2.27 4.87 -1.85
CA LEU A 60 -1.80 3.50 -1.98
C LEU A 60 -2.95 2.51 -1.84
N VAL A 61 -3.22 1.75 -2.89
CA VAL A 61 -4.29 0.76 -2.88
C VAL A 61 -3.74 -0.65 -2.92
N PHE A 62 -3.84 -1.35 -1.79
CA PHE A 62 -3.34 -2.72 -1.69
C PHE A 62 -4.50 -3.71 -1.68
N HIS A 63 -4.24 -4.91 -2.19
CA HIS A 63 -5.26 -5.95 -2.25
C HIS A 63 -4.71 -7.28 -1.75
N LEU A 64 -5.37 -7.84 -0.74
CA LEU A 64 -4.95 -9.12 -0.16
C LEU A 64 -5.83 -10.26 -0.66
N PRO A 65 -5.35 -10.97 -1.69
CA PRO A 65 -6.08 -12.10 -2.28
C PRO A 65 -6.12 -13.31 -1.35
N VAL A 66 -6.51 -14.45 -1.90
CA VAL A 66 -6.58 -15.68 -1.11
C VAL A 66 -5.22 -16.35 -1.01
N ASN A 67 -4.46 -16.30 -2.09
CA ASN A 67 -3.13 -16.90 -2.12
C ASN A 67 -2.18 -16.19 -1.16
N TYR A 68 -2.22 -14.86 -1.19
CA TYR A 68 -1.36 -14.05 -0.33
C TYR A 68 -1.21 -14.69 1.04
N PRO A 69 -0.01 -14.52 1.64
CA PRO A 69 1.08 -13.76 1.03
C PRO A 69 1.67 -14.50 -0.18
N SER A 70 1.10 -15.63 -0.52
CA SER A 70 1.57 -16.42 -1.66
C SER A 70 1.09 -15.82 -2.97
N CYS A 71 1.18 -14.51 -3.09
CA CYS A 71 0.76 -13.81 -4.30
C CYS A 71 1.08 -12.32 -4.21
N LEU A 72 1.22 -11.68 -5.37
CA LEU A 72 1.52 -10.26 -5.43
C LEU A 72 0.26 -9.42 -5.31
N PRO A 73 0.21 -8.56 -4.30
CA PRO A 73 -0.94 -7.68 -4.05
C PRO A 73 -1.07 -6.59 -5.12
N GLY A 74 -2.31 -6.23 -5.43
CA GLY A 74 -2.56 -5.21 -6.43
C GLY A 74 -2.22 -3.82 -5.93
N ILE A 75 -1.15 -3.25 -6.48
CA ILE A 75 -0.72 -1.91 -6.08
C ILE A 75 -1.14 -0.87 -7.11
N SER A 76 -1.62 0.28 -6.64
CA SER A 76 -2.06 1.35 -7.51
C SER A 76 -1.60 2.71 -6.99
N ILE A 77 -0.87 3.45 -7.82
CA ILE A 77 -0.39 4.76 -7.43
C ILE A 77 -1.06 5.86 -8.25
N ASN A 78 -1.56 6.88 -7.55
CA ASN A 78 -2.23 8.00 -8.22
C ASN A 78 -2.17 9.25 -7.34
N SER A 79 -1.57 10.30 -7.88
CA SER A 79 -1.45 11.57 -7.16
C SER A 79 -2.03 12.72 -7.97
N GLU A 80 -2.41 13.78 -7.28
CA GLU A 80 -2.98 14.96 -7.93
C GLU A 80 -1.89 15.88 -8.46
N GLN A 81 -0.65 15.67 -7.99
CA GLN A 81 0.47 16.48 -8.41
C GLN A 81 1.31 15.73 -9.44
N LEU A 82 1.80 14.55 -9.07
CA LEU A 82 2.61 13.74 -9.96
C LEU A 82 1.92 13.53 -11.31
N THR A 83 2.71 13.36 -12.36
CA THR A 83 2.17 13.14 -13.70
C THR A 83 2.00 11.66 -13.99
N ARG A 84 1.15 11.34 -14.95
CA ARG A 84 0.90 9.95 -15.34
C ARG A 84 2.21 9.17 -15.41
N ALA A 85 3.15 9.66 -16.22
CA ALA A 85 4.44 9.01 -16.37
C ALA A 85 5.10 8.76 -15.02
N GLN A 86 5.50 9.84 -14.36
CA GLN A 86 6.15 9.74 -13.06
C GLN A 86 5.46 8.69 -12.19
N CYS A 87 4.18 8.87 -11.96
CA CYS A 87 3.40 7.94 -11.14
C CYS A 87 3.76 6.50 -11.48
N VAL A 88 3.52 6.11 -12.73
CA VAL A 88 3.82 4.76 -13.19
C VAL A 88 5.15 4.28 -12.63
N THR A 89 6.19 5.07 -12.84
CA THR A 89 7.53 4.71 -12.36
C THR A 89 7.49 4.26 -10.91
N VAL A 90 6.80 5.02 -10.08
CA VAL A 90 6.68 4.69 -8.66
C VAL A 90 6.15 3.26 -8.47
N LYS A 91 5.01 2.97 -9.08
CA LYS A 91 4.40 1.65 -8.97
C LYS A 91 5.39 0.57 -9.43
N GLU A 92 5.78 0.63 -10.69
CA GLU A 92 6.71 -0.33 -11.25
C GLU A 92 7.75 -0.75 -10.22
N LYS A 93 8.39 0.23 -9.59
CA LYS A 93 9.40 -0.03 -8.58
C LYS A 93 8.83 -0.86 -7.44
N LEU A 94 7.79 -0.35 -6.80
CA LEU A 94 7.14 -1.05 -5.69
C LEU A 94 7.04 -2.55 -5.99
N LEU A 95 6.34 -2.89 -7.06
CA LEU A 95 6.17 -4.29 -7.44
C LEU A 95 7.48 -5.06 -7.32
N GLU A 96 8.47 -4.66 -8.12
CA GLU A 96 9.77 -5.31 -8.10
C GLU A 96 10.15 -5.72 -6.68
N GLN A 97 10.16 -4.76 -5.77
CA GLN A 97 10.50 -5.03 -4.38
C GLN A 97 9.51 -6.02 -3.75
N ALA A 98 8.25 -5.87 -4.10
CA ALA A 98 7.20 -6.74 -3.57
C ALA A 98 7.59 -8.22 -3.74
N GLU A 99 7.85 -8.61 -4.99
CA GLU A 99 8.22 -9.99 -5.28
C GLU A 99 9.21 -10.52 -4.23
N SER A 100 10.35 -9.86 -4.12
CA SER A 100 11.37 -10.28 -3.17
C SER A 100 10.86 -10.16 -1.73
N LEU A 101 9.83 -9.33 -1.55
CA LEU A 101 9.23 -9.13 -0.23
C LEU A 101 8.07 -10.09 0.00
N LEU A 102 8.11 -11.23 -0.67
CA LEU A 102 7.05 -12.24 -0.54
C LEU A 102 7.04 -12.83 0.87
N SER A 103 6.09 -13.74 1.10
CA SER A 103 5.97 -14.38 2.41
C SER A 103 6.12 -13.36 3.53
N GLU A 104 5.79 -12.10 3.25
CA GLU A 104 5.90 -11.04 4.23
C GLU A 104 4.94 -9.90 3.91
N PRO A 105 4.34 -9.32 4.96
CA PRO A 105 3.38 -8.22 4.81
C PRO A 105 4.07 -6.92 4.36
N MET A 106 4.35 -6.82 3.06
CA MET A 106 5.00 -5.65 2.51
C MET A 106 4.04 -4.45 2.51
N VAL A 107 2.76 -4.74 2.35
CA VAL A 107 1.74 -3.69 2.33
C VAL A 107 2.10 -2.55 3.28
N HIS A 108 2.43 -2.91 4.52
CA HIS A 108 2.80 -1.92 5.52
C HIS A 108 4.19 -1.35 5.25
N GLU A 109 5.16 -2.23 5.08
CA GLU A 109 6.53 -1.81 4.80
C GLU A 109 6.57 -0.78 3.67
N LEU A 110 6.20 -1.23 2.47
CA LEU A 110 6.19 -0.35 1.30
C LEU A 110 5.81 1.08 1.69
N VAL A 111 4.58 1.23 2.19
CA VAL A 111 4.08 2.54 2.60
C VAL A 111 5.20 3.36 3.24
N LEU A 112 5.96 2.75 4.13
CA LEU A 112 7.05 3.43 4.81
C LEU A 112 8.26 3.57 3.89
N TRP A 113 8.48 2.58 3.04
CA TRP A 113 9.59 2.61 2.11
C TRP A 113 9.48 3.77 1.14
N ILE A 114 8.36 3.83 0.41
CA ILE A 114 8.13 4.91 -0.54
C ILE A 114 8.10 6.27 0.16
N GLN A 115 7.33 6.36 1.24
CA GLN A 115 7.22 7.60 1.99
C GLN A 115 8.56 8.36 1.99
N GLN A 116 9.65 7.61 2.05
CA GLN A 116 10.98 8.21 2.06
C GLN A 116 11.64 8.10 0.68
N ASN A 117 11.51 6.93 0.07
CA ASN A 117 12.09 6.70 -1.25
C ASN A 117 11.16 7.20 -2.35
N LEU A 118 10.53 8.34 -2.12
CA LEU A 118 9.62 8.93 -3.08
C LEU A 118 10.35 9.89 -4.01
N ARG A 119 11.29 10.64 -3.45
CA ARG A 119 12.07 11.61 -4.23
C ARG A 119 13.26 10.93 -4.91
N HIS A 120 13.98 10.10 -4.14
CA HIS A 120 15.13 9.40 -4.67
C HIS A 120 14.80 8.72 -5.99
N ILE A 121 13.65 8.06 -6.04
CA ILE A 121 13.21 7.36 -7.24
C ILE A 121 12.94 8.35 -8.37
N LEU A 122 12.34 9.48 -8.04
CA LEU A 122 12.03 10.51 -9.02
C LEU A 122 13.24 11.39 -9.30
N SER A 123 14.41 10.78 -9.31
CA SER A 123 15.65 11.50 -9.56
C SER A 123 16.17 11.25 -10.98
N GLN A 124 15.24 11.20 -11.94
CA GLN A 124 15.59 10.96 -13.33
C GLN A 124 15.34 12.20 -14.18
N PRO A 125 16.04 12.29 -15.32
CA PRO A 125 15.91 13.43 -16.24
C PRO A 125 14.56 13.43 -16.96
N GLU A 126 14.21 14.58 -17.53
CA GLU A 126 12.95 14.73 -18.24
C GLU A 126 13.08 14.22 -19.68
N THR A 127 12.65 12.97 -19.89
CA THR A 127 12.72 12.37 -21.21
C THR A 127 11.69 12.98 -22.15
N GLY A 128 12.17 13.53 -23.27
CA GLY A 128 11.27 14.15 -24.24
C GLY A 128 11.00 15.61 -23.93
#